data_7BQC
#
_entry.id   7BQC
#
_entity_poly.entity_id   1
_entity_poly.type   'polypeptide(L)'
_entity_poly.pdbx_seq_one_letter_code
;GSEEIRELVRKIYETVRKENPNVKILIFIIFTSDGTIKVIIVIIADDPNDAKRIVKKIQERFPKLTIKQSRNEEEAEKRI
QKELEERNPNAEIQVVRSEDELKEILDKLDEKKGSWSLEHHHHHH
;
_entity_poly.pdbx_strand_id   A
#
# COMPACT_ATOMS: atom_id res chain seq x y z
N GLY A 1 0.53 15.69 2.83
CA GLY A 1 1.77 15.27 3.50
C GLY A 1 1.68 13.85 4.03
N SER A 2 2.82 13.16 4.16
CA SER A 2 2.88 11.72 4.51
C SER A 2 2.28 11.38 5.88
N GLU A 3 2.25 12.33 6.82
CA GLU A 3 1.61 12.16 8.14
C GLU A 3 0.09 11.92 8.03
N GLU A 4 -0.59 12.47 7.02
CA GLU A 4 -2.02 12.23 6.78
C GLU A 4 -2.26 10.78 6.32
N ILE A 5 -1.33 10.23 5.53
CA ILE A 5 -1.32 8.82 5.09
C ILE A 5 -1.05 7.90 6.30
N ARG A 6 -0.13 8.34 7.19
CA ARG A 6 0.22 7.69 8.47
C ARG A 6 -0.91 7.69 9.51
N GLU A 7 -1.77 8.70 9.51
CA GLU A 7 -3.02 8.68 10.28
C GLU A 7 -4.03 7.70 9.67
N LEU A 8 -4.27 7.81 8.35
CA LEU A 8 -5.28 7.04 7.61
C LEU A 8 -5.12 5.51 7.81
N VAL A 9 -3.90 4.98 7.68
CA VAL A 9 -3.62 3.54 7.80
C VAL A 9 -4.05 2.97 9.15
N ARG A 10 -3.95 3.74 10.25
CA ARG A 10 -4.41 3.29 11.57
C ARG A 10 -5.92 3.15 11.64
N LYS A 11 -6.65 4.07 10.99
CA LYS A 11 -8.11 4.05 10.95
C LYS A 11 -8.60 2.80 10.21
N ILE A 12 -7.85 2.37 9.18
CA ILE A 12 -8.08 1.10 8.49
C ILE A 12 -7.72 -0.09 9.37
N TYR A 13 -6.52 -0.12 9.96
CA TYR A 13 -6.02 -1.29 10.72
C TYR A 13 -6.86 -1.57 11.98
N GLU A 14 -7.44 -0.55 12.63
CA GLU A 14 -8.42 -0.75 13.69
C GLU A 14 -9.77 -1.26 13.12
N THR A 15 -10.24 -0.73 11.99
CA THR A 15 -11.53 -1.12 11.39
C THR A 15 -11.53 -2.57 10.88
N VAL A 16 -10.45 -3.00 10.24
CA VAL A 16 -10.29 -4.38 9.72
C VAL A 16 -10.18 -5.39 10.87
N ARG A 17 -9.38 -5.09 11.92
CA ARG A 17 -9.18 -6.00 13.06
C ARG A 17 -10.41 -6.13 13.96
N LYS A 18 -11.27 -5.10 14.00
CA LYS A 18 -12.55 -5.10 14.73
C LYS A 18 -13.55 -6.14 14.22
N GLU A 19 -13.51 -6.49 12.93
CA GLU A 19 -14.33 -7.58 12.38
C GLU A 19 -13.58 -8.91 12.24
N ASN A 20 -12.27 -8.89 11.93
CA ASN A 20 -11.41 -10.09 12.00
C ASN A 20 -9.92 -9.72 12.27
N PRO A 21 -9.30 -10.15 13.39
CA PRO A 21 -7.89 -9.84 13.69
C PRO A 21 -6.85 -10.69 12.93
N ASN A 22 -7.27 -11.77 12.26
CA ASN A 22 -6.38 -12.71 11.55
C ASN A 22 -5.78 -12.14 10.24
N VAL A 23 -6.57 -11.38 9.51
CA VAL A 23 -6.33 -10.87 8.15
C VAL A 23 -5.27 -9.76 8.09
N LYS A 24 -4.45 -9.79 7.03
CA LYS A 24 -3.34 -8.86 6.74
C LYS A 24 -3.77 -7.78 5.72
N ILE A 25 -3.09 -6.64 5.76
CA ILE A 25 -3.31 -5.49 4.87
C ILE A 25 -1.99 -5.05 4.22
N LEU A 26 -2.05 -4.64 2.96
CA LEU A 26 -0.97 -3.97 2.22
C LEU A 26 -1.45 -2.59 1.78
N ILE A 27 -0.59 -1.59 1.95
CA ILE A 27 -0.84 -0.19 1.61
C ILE A 27 0.13 0.24 0.51
N PHE A 28 -0.39 0.65 -0.65
CA PHE A 28 0.40 1.11 -1.80
C PHE A 28 0.34 2.64 -1.87
N ILE A 29 1.51 3.27 -1.92
CA ILE A 29 1.70 4.72 -1.95
C ILE A 29 2.36 5.08 -3.28
N ILE A 30 1.72 5.97 -4.03
CA ILE A 30 2.14 6.36 -5.38
C ILE A 30 2.60 7.81 -5.38
N PHE A 31 3.73 8.07 -6.03
CA PHE A 31 4.27 9.42 -6.24
C PHE A 31 4.37 9.68 -7.75
N THR A 32 3.50 10.54 -8.29
CA THR A 32 3.53 10.89 -9.72
C THR A 32 4.56 11.98 -10.02
N SER A 33 4.98 12.10 -11.29
CA SER A 33 5.85 13.18 -11.78
C SER A 33 5.24 14.59 -11.59
N ASP A 34 3.90 14.69 -11.54
CA ASP A 34 3.15 15.92 -11.24
C ASP A 34 2.99 16.20 -9.72
N GLY A 35 3.50 15.31 -8.86
CA GLY A 35 3.48 15.46 -7.39
C GLY A 35 2.16 15.01 -6.72
N THR A 36 1.32 14.25 -7.42
CA THR A 36 0.05 13.73 -6.89
C THR A 36 0.27 12.41 -6.12
N ILE A 37 -0.53 12.17 -5.07
CA ILE A 37 -0.52 10.95 -4.27
C ILE A 37 -1.76 10.09 -4.58
N LYS A 38 -1.55 8.77 -4.74
CA LYS A 38 -2.61 7.76 -4.72
C LYS A 38 -2.35 6.79 -3.57
N VAL A 39 -3.42 6.30 -2.97
CA VAL A 39 -3.42 5.39 -1.81
C VAL A 39 -4.34 4.20 -2.11
N ILE A 40 -3.74 3.02 -2.29
CA ILE A 40 -4.46 1.78 -2.63
C ILE A 40 -4.36 0.79 -1.46
N ILE A 41 -5.48 0.18 -1.06
CA ILE A 41 -5.52 -0.71 0.12
C ILE A 41 -5.92 -2.12 -0.32
N VAL A 42 -5.11 -3.11 0.05
CA VAL A 42 -5.27 -4.51 -0.39
C VAL A 42 -5.39 -5.41 0.84
N ILE A 43 -6.41 -6.26 0.85
CA ILE A 43 -6.71 -7.17 1.96
C ILE A 43 -6.28 -8.60 1.60
N ILE A 44 -5.42 -9.21 2.43
CA ILE A 44 -4.93 -10.60 2.29
C ILE A 44 -5.41 -11.41 3.49
N ALA A 45 -6.34 -12.33 3.28
CA ALA A 45 -6.82 -13.28 4.30
C ALA A 45 -6.54 -14.74 3.90
N ASP A 46 -6.57 -15.67 4.87
CA ASP A 46 -6.42 -17.11 4.63
C ASP A 46 -7.58 -17.71 3.81
N ASP A 47 -8.72 -17.02 3.73
CA ASP A 47 -9.84 -17.30 2.83
C ASP A 47 -10.30 -16.00 2.14
N PRO A 48 -10.25 -15.89 0.79
CA PRO A 48 -10.66 -14.68 0.07
C PRO A 48 -12.16 -14.35 0.21
N ASN A 49 -13.00 -15.30 0.63
CA ASN A 49 -14.41 -15.04 0.96
C ASN A 49 -14.54 -14.16 2.22
N ASP A 50 -13.59 -14.23 3.16
CA ASP A 50 -13.52 -13.30 4.29
C ASP A 50 -12.94 -11.96 3.83
N ALA A 51 -11.88 -11.96 3.02
CA ALA A 51 -11.25 -10.73 2.52
C ALA A 51 -12.27 -9.81 1.83
N LYS A 52 -13.17 -10.36 1.01
CA LYS A 52 -14.26 -9.61 0.38
C LYS A 52 -15.14 -8.83 1.36
N ARG A 53 -15.49 -9.40 2.52
CA ARG A 53 -16.24 -8.70 3.59
C ARG A 53 -15.46 -7.51 4.15
N ILE A 54 -14.16 -7.70 4.42
CA ILE A 54 -13.28 -6.66 4.97
C ILE A 54 -13.13 -5.51 3.95
N VAL A 55 -12.90 -5.85 2.68
CA VAL A 55 -12.79 -4.90 1.57
C VAL A 55 -14.07 -4.06 1.47
N LYS A 56 -15.24 -4.69 1.51
CA LYS A 56 -16.55 -4.00 1.50
C LYS A 56 -16.68 -3.01 2.66
N LYS A 57 -16.12 -3.32 3.84
CA LYS A 57 -16.10 -2.40 5.00
C LYS A 57 -15.34 -1.11 4.68
N ILE A 58 -14.15 -1.25 4.09
CA ILE A 58 -13.28 -0.11 3.70
C ILE A 58 -13.88 0.64 2.50
N GLN A 59 -14.56 -0.05 1.58
CA GLN A 59 -15.24 0.57 0.43
C GLN A 59 -16.37 1.51 0.85
N GLU A 60 -17.14 1.15 1.88
CA GLU A 60 -18.21 1.99 2.44
C GLU A 60 -17.66 3.14 3.31
N ARG A 61 -16.63 2.87 4.13
CA ARG A 61 -16.04 3.86 5.05
C ARG A 61 -15.13 4.89 4.37
N PHE A 62 -14.47 4.50 3.28
CA PHE A 62 -13.51 5.33 2.52
C PHE A 62 -13.82 5.30 1.00
N PRO A 63 -14.97 5.86 0.56
CA PRO A 63 -15.45 5.73 -0.83
C PRO A 63 -14.54 6.40 -1.87
N LYS A 64 -13.70 7.37 -1.45
CA LYS A 64 -12.72 8.07 -2.30
C LYS A 64 -11.40 7.32 -2.48
N LEU A 65 -11.15 6.26 -1.71
CA LEU A 65 -9.95 5.41 -1.81
C LEU A 65 -10.25 4.15 -2.64
N THR A 66 -9.34 3.79 -3.55
CA THR A 66 -9.44 2.58 -4.38
C THR A 66 -8.80 1.39 -3.66
N ILE A 67 -9.45 0.23 -3.67
CA ILE A 67 -9.06 -0.94 -2.86
C ILE A 67 -9.19 -2.28 -3.62
N LYS A 68 -8.56 -3.32 -3.10
CA LYS A 68 -8.47 -4.67 -3.70
C LYS A 68 -8.62 -5.82 -2.68
N GLN A 69 -8.94 -7.02 -3.16
CA GLN A 69 -8.90 -8.29 -2.40
C GLN A 69 -7.82 -9.21 -2.98
N SER A 70 -7.15 -10.00 -2.13
CA SER A 70 -6.09 -10.94 -2.55
C SER A 70 -6.12 -12.25 -1.76
N ARG A 71 -5.81 -13.37 -2.44
CA ARG A 71 -5.89 -14.75 -1.91
C ARG A 71 -4.56 -15.36 -1.47
N ASN A 72 -3.43 -14.83 -1.93
CA ASN A 72 -2.08 -15.34 -1.68
C ASN A 72 -1.23 -14.32 -0.88
N GLU A 73 -0.40 -14.84 0.04
CA GLU A 73 0.57 -14.04 0.81
C GLU A 73 1.79 -13.64 -0.05
N GLU A 74 2.32 -12.43 0.20
CA GLU A 74 3.45 -11.76 -0.47
C GLU A 74 3.33 -11.53 -2.00
N GLU A 75 2.49 -12.28 -2.72
CA GLU A 75 2.34 -12.22 -4.17
C GLU A 75 1.75 -10.88 -4.65
N ALA A 76 0.75 -10.35 -3.92
CA ALA A 76 0.06 -9.11 -4.27
C ALA A 76 1.00 -7.90 -4.32
N GLU A 77 2.05 -7.89 -3.50
CA GLU A 77 3.07 -6.84 -3.45
C GLU A 77 3.78 -6.64 -4.79
N LYS A 78 3.96 -7.72 -5.58
CA LYS A 78 4.53 -7.66 -6.95
C LYS A 78 3.48 -7.70 -8.06
N ARG A 79 2.40 -8.49 -7.90
CA ARG A 79 1.29 -8.56 -8.87
C ARG A 79 0.62 -7.20 -9.08
N ILE A 80 0.26 -6.53 -7.99
CA ILE A 80 -0.42 -5.23 -8.06
C ILE A 80 0.56 -4.10 -8.41
N GLN A 81 1.84 -4.21 -8.03
CA GLN A 81 2.89 -3.28 -8.48
C GLN A 81 2.90 -3.12 -9.99
N LYS A 82 2.87 -4.23 -10.75
CA LYS A 82 2.91 -4.14 -12.22
C LYS A 82 1.60 -3.62 -12.84
N GLU A 83 0.45 -3.94 -12.25
CA GLU A 83 -0.83 -3.32 -12.63
C GLU A 83 -0.80 -1.79 -12.42
N LEU A 84 -0.24 -1.36 -11.28
CA LEU A 84 -0.06 0.05 -10.95
C LEU A 84 0.96 0.75 -11.85
N GLU A 85 2.04 0.08 -12.24
CA GLU A 85 3.03 0.58 -13.21
C GLU A 85 2.41 0.77 -14.60
N GLU A 86 1.56 -0.16 -15.04
CA GLU A 86 0.89 -0.10 -16.34
C GLU A 86 -0.10 1.08 -16.43
N ARG A 87 -0.79 1.42 -15.33
CA ARG A 87 -1.77 2.53 -15.27
C ARG A 87 -1.22 3.86 -14.71
N ASN A 88 -0.02 3.87 -14.13
CA ASN A 88 0.74 5.05 -13.73
C ASN A 88 2.17 5.00 -14.32
N PRO A 89 2.35 5.31 -15.62
CA PRO A 89 3.64 5.15 -16.32
C PRO A 89 4.72 6.16 -15.90
N ASN A 90 4.32 7.32 -15.36
CA ASN A 90 5.21 8.39 -14.90
C ASN A 90 5.17 8.54 -13.36
N ALA A 91 5.23 7.42 -12.66
CA ALA A 91 5.06 7.34 -11.21
C ALA A 91 5.99 6.32 -10.52
N GLU A 92 6.16 6.46 -9.21
CA GLU A 92 6.86 5.53 -8.31
C GLU A 92 5.83 4.84 -7.39
N ILE A 93 5.97 3.54 -7.15
CA ILE A 93 5.08 2.74 -6.30
C ILE A 93 5.87 2.18 -5.12
N GLN A 94 5.41 2.45 -3.91
CA GLN A 94 5.99 1.95 -2.66
C GLN A 94 4.94 1.16 -1.87
N VAL A 95 5.34 0.06 -1.20
CA VAL A 95 4.41 -0.80 -0.45
C VAL A 95 4.75 -0.82 1.06
N VAL A 96 3.71 -0.67 1.88
CA VAL A 96 3.74 -0.53 3.34
C VAL A 96 2.85 -1.58 4.00
N ARG A 97 3.38 -2.22 5.05
CA ARG A 97 2.70 -3.23 5.88
C ARG A 97 2.71 -2.91 7.38
N SER A 98 3.53 -1.94 7.82
CA SER A 98 3.54 -1.35 9.17
C SER A 98 3.82 0.16 9.10
N GLU A 99 3.33 0.97 10.05
CA GLU A 99 3.44 2.44 9.97
C GLU A 99 4.89 2.98 10.07
N ASP A 100 5.84 2.19 10.58
CA ASP A 100 7.27 2.51 10.56
C ASP A 100 7.83 2.52 9.12
N GLU A 101 7.27 1.70 8.22
CA GLU A 101 7.62 1.68 6.79
C GLU A 101 7.07 2.93 6.07
N LEU A 102 5.94 3.46 6.55
CA LEU A 102 5.38 4.73 6.10
C LEU A 102 6.26 5.93 6.52
N LYS A 103 6.89 5.84 7.71
CA LYS A 103 7.93 6.78 8.17
C LYS A 103 9.21 6.66 7.35
N GLU A 104 9.63 5.45 7.02
CA GLU A 104 10.81 5.19 6.17
C GLU A 104 10.66 5.77 4.76
N ILE A 105 9.47 5.70 4.15
CA ILE A 105 9.23 6.32 2.83
C ILE A 105 9.48 7.84 2.87
N LEU A 106 9.21 8.51 4.00
CA LEU A 106 9.51 9.94 4.18
C LEU A 106 11.03 10.20 4.18
N ASP A 107 11.85 9.29 4.72
CA ASP A 107 13.31 9.34 4.62
C ASP A 107 13.81 8.99 3.21
N LYS A 108 13.16 8.02 2.54
CA LYS A 108 13.48 7.61 1.16
C LYS A 108 13.15 8.70 0.14
N LEU A 109 12.12 9.51 0.37
CA LEU A 109 11.85 10.74 -0.41
C LEU A 109 13.02 11.74 -0.33
N ASP A 110 13.71 11.83 0.83
CA ASP A 110 14.91 12.66 0.99
C ASP A 110 16.15 12.03 0.33
N GLU A 111 16.30 10.70 0.37
CA GLU A 111 17.34 9.98 -0.39
C GLU A 111 17.16 10.12 -1.91
N LYS A 112 15.91 10.17 -2.40
CA LYS A 112 15.54 10.44 -3.80
C LYS A 112 15.74 11.89 -4.22
N LYS A 113 15.62 12.85 -3.29
CA LYS A 113 16.00 14.26 -3.47
C LYS A 113 17.53 14.44 -3.50
N GLY A 114 18.24 13.60 -2.74
CA GLY A 114 19.70 13.44 -2.76
C GLY A 114 20.21 12.58 -3.93
N SER A 115 21.46 12.12 -3.81
CA SER A 115 22.19 11.35 -4.84
C SER A 115 23.02 10.20 -4.25
N TRP A 116 22.56 9.61 -3.14
CA TRP A 116 23.34 8.66 -2.32
C TRP A 116 22.61 7.35 -2.00
N SER A 117 23.39 6.29 -1.76
CA SER A 117 22.94 4.97 -1.28
C SER A 117 24.03 4.27 -0.47
N LEU A 118 23.64 3.38 0.45
CA LEU A 118 24.54 2.64 1.36
C LEU A 118 24.17 1.15 1.48
N GLU A 119 25.13 0.33 1.87
CA GLU A 119 25.00 -1.13 2.12
C GLU A 119 24.50 -1.94 0.89
N HIS A 120 24.17 -3.22 1.10
CA HIS A 120 23.75 -4.18 0.07
C HIS A 120 22.58 -5.07 0.54
N HIS A 121 21.85 -5.68 -0.40
CA HIS A 121 20.80 -6.65 -0.12
C HIS A 121 21.42 -8.02 0.22
N HIS A 122 21.46 -8.37 1.51
CA HIS A 122 22.21 -9.54 2.01
C HIS A 122 21.48 -10.88 1.85
N HIS A 123 20.13 -10.85 1.90
CA HIS A 123 19.21 -12.01 1.99
C HIS A 123 19.38 -12.87 3.27
N HIS A 124 18.27 -13.22 3.90
CA HIS A 124 18.21 -14.01 5.14
C HIS A 124 16.84 -14.70 5.32
N HIS A 125 16.75 -15.59 6.33
CA HIS A 125 15.51 -16.23 6.81
C HIS A 125 15.32 -15.95 8.31
N GLY A 1 1.22 16.59 3.17
CA GLY A 1 2.40 15.88 3.69
C GLY A 1 2.21 14.36 3.69
N SER A 2 3.17 13.63 4.25
CA SER A 2 3.15 12.16 4.37
C SER A 2 2.43 11.66 5.64
N GLU A 3 2.37 12.48 6.69
CA GLU A 3 1.78 12.12 7.98
C GLU A 3 0.27 11.80 7.87
N GLU A 4 -0.44 12.44 6.93
CA GLU A 4 -1.85 12.15 6.65
C GLU A 4 -2.07 10.70 6.15
N ILE A 5 -1.11 10.13 5.44
CA ILE A 5 -1.14 8.71 5.01
C ILE A 5 -0.78 7.78 6.18
N ARG A 6 0.13 8.22 7.06
CA ARG A 6 0.46 7.55 8.32
C ARG A 6 -0.68 7.56 9.35
N GLU A 7 -1.56 8.56 9.30
CA GLU A 7 -2.83 8.56 10.03
C GLU A 7 -3.84 7.59 9.38
N LEU A 8 -4.04 7.68 8.06
CA LEU A 8 -5.05 6.92 7.29
C LEU A 8 -4.94 5.41 7.54
N VAL A 9 -3.74 4.84 7.45
CA VAL A 9 -3.51 3.40 7.63
C VAL A 9 -3.99 2.89 8.99
N ARG A 10 -3.85 3.68 10.06
CA ARG A 10 -4.27 3.27 11.42
C ARG A 10 -5.78 3.19 11.55
N LYS A 11 -6.50 4.06 10.84
CA LYS A 11 -7.98 4.05 10.80
C LYS A 11 -8.48 2.77 10.09
N ILE A 12 -7.76 2.32 9.06
CA ILE A 12 -8.03 1.06 8.37
C ILE A 12 -7.71 -0.13 9.29
N TYR A 13 -6.53 -0.18 9.90
CA TYR A 13 -6.13 -1.28 10.79
C TYR A 13 -7.07 -1.44 12.01
N GLU A 14 -7.65 -0.35 12.52
CA GLU A 14 -8.69 -0.39 13.56
C GLU A 14 -10.03 -0.92 13.00
N THR A 15 -10.42 -0.53 11.79
CA THR A 15 -11.67 -0.98 11.15
C THR A 15 -11.64 -2.46 10.74
N VAL A 16 -10.51 -2.95 10.23
CA VAL A 16 -10.35 -4.34 9.79
C VAL A 16 -10.21 -5.32 10.96
N ARG A 17 -9.49 -4.96 12.03
CA ARG A 17 -9.35 -5.83 13.22
C ARG A 17 -10.65 -5.97 14.03
N LYS A 18 -11.54 -4.96 13.95
CA LYS A 18 -12.92 -5.03 14.48
C LYS A 18 -13.76 -6.11 13.82
N GLU A 19 -13.46 -6.50 12.57
CA GLU A 19 -14.12 -7.60 11.87
C GLU A 19 -13.37 -8.94 11.99
N ASN A 20 -12.05 -8.94 11.78
CA ASN A 20 -11.17 -10.10 11.99
C ASN A 20 -9.70 -9.65 12.20
N PRO A 21 -9.09 -9.87 13.38
CA PRO A 21 -7.72 -9.45 13.67
C PRO A 21 -6.63 -10.34 13.01
N ASN A 22 -6.98 -11.50 12.44
CA ASN A 22 -6.04 -12.42 11.79
C ASN A 22 -5.55 -11.92 10.41
N VAL A 23 -6.42 -11.20 9.69
CA VAL A 23 -6.19 -10.57 8.38
C VAL A 23 -5.01 -9.59 8.37
N LYS A 24 -4.25 -9.56 7.27
CA LYS A 24 -3.18 -8.60 6.98
C LYS A 24 -3.56 -7.66 5.82
N ILE A 25 -2.98 -6.46 5.81
CA ILE A 25 -3.33 -5.37 4.89
C ILE A 25 -2.05 -4.83 4.23
N LEU A 26 -2.12 -4.60 2.91
CA LEU A 26 -1.11 -3.92 2.12
C LEU A 26 -1.65 -2.55 1.69
N ILE A 27 -0.83 -1.50 1.79
CA ILE A 27 -1.16 -0.17 1.26
C ILE A 27 -0.09 0.24 0.26
N PHE A 28 -0.53 0.59 -0.95
CA PHE A 28 0.31 1.02 -2.06
C PHE A 28 0.29 2.55 -2.09
N ILE A 29 1.46 3.17 -1.95
CA ILE A 29 1.66 4.61 -1.87
C ILE A 29 2.32 5.05 -3.18
N ILE A 30 1.68 5.98 -3.88
CA ILE A 30 2.05 6.40 -5.24
C ILE A 30 2.54 7.84 -5.20
N PHE A 31 3.70 8.10 -5.80
CA PHE A 31 4.32 9.42 -5.90
C PHE A 31 4.43 9.81 -7.38
N THR A 32 3.59 10.76 -7.83
CA THR A 32 3.54 11.18 -9.25
C THR A 32 4.48 12.36 -9.56
N SER A 33 4.86 12.50 -10.83
CA SER A 33 5.59 13.67 -11.35
C SER A 33 4.78 14.99 -11.27
N ASP A 34 3.45 14.90 -11.14
CA ASP A 34 2.54 16.03 -10.95
C ASP A 34 2.41 16.47 -9.47
N GLY A 35 3.04 15.74 -8.53
CA GLY A 35 3.04 16.02 -7.09
C GLY A 35 1.84 15.47 -6.32
N THR A 36 0.92 14.77 -6.99
CA THR A 36 -0.23 14.08 -6.38
C THR A 36 0.20 12.77 -5.71
N ILE A 37 -0.39 12.45 -4.56
CA ILE A 37 -0.26 11.15 -3.88
C ILE A 37 -1.57 10.35 -4.03
N LYS A 38 -1.45 9.05 -4.32
CA LYS A 38 -2.55 8.06 -4.29
C LYS A 38 -2.27 6.94 -3.30
N VAL A 39 -3.35 6.35 -2.77
CA VAL A 39 -3.31 5.17 -1.91
C VAL A 39 -4.30 4.09 -2.38
N ILE A 40 -3.80 2.87 -2.62
CA ILE A 40 -4.61 1.67 -2.90
C ILE A 40 -4.49 0.73 -1.71
N ILE A 41 -5.59 0.15 -1.24
CA ILE A 41 -5.63 -0.72 -0.06
C ILE A 41 -6.02 -2.14 -0.46
N VAL A 42 -5.28 -3.13 0.02
CA VAL A 42 -5.45 -4.54 -0.37
C VAL A 42 -5.51 -5.44 0.86
N ILE A 43 -6.48 -6.33 0.90
CA ILE A 43 -6.73 -7.23 2.04
C ILE A 43 -6.25 -8.66 1.72
N ILE A 44 -5.39 -9.21 2.58
CA ILE A 44 -4.81 -10.56 2.49
C ILE A 44 -5.28 -11.32 3.74
N ALA A 45 -6.23 -12.24 3.60
CA ALA A 45 -6.87 -12.98 4.70
C ALA A 45 -6.57 -14.49 4.67
N ASP A 46 -6.91 -15.20 5.74
CA ASP A 46 -6.87 -16.66 5.80
C ASP A 46 -7.88 -17.37 4.87
N ASP A 47 -8.94 -16.66 4.44
CA ASP A 47 -9.87 -17.10 3.39
C ASP A 47 -10.31 -15.89 2.52
N PRO A 48 -10.28 -15.97 1.17
CA PRO A 48 -10.69 -14.86 0.30
C PRO A 48 -12.17 -14.46 0.46
N ASN A 49 -13.05 -15.34 0.96
CA ASN A 49 -14.44 -14.98 1.28
C ASN A 49 -14.51 -14.01 2.47
N ASP A 50 -13.57 -14.10 3.41
CA ASP A 50 -13.42 -13.08 4.46
C ASP A 50 -12.74 -11.82 3.92
N ALA A 51 -11.76 -11.95 3.02
CA ALA A 51 -11.14 -10.76 2.41
C ALA A 51 -12.21 -9.88 1.74
N LYS A 52 -13.16 -10.46 0.99
CA LYS A 52 -14.33 -9.76 0.44
C LYS A 52 -15.16 -9.02 1.51
N ARG A 53 -15.43 -9.66 2.66
CA ARG A 53 -16.13 -9.09 3.83
C ARG A 53 -15.42 -7.86 4.38
N ILE A 54 -14.09 -7.89 4.48
CA ILE A 54 -13.28 -6.76 4.96
C ILE A 54 -13.21 -5.65 3.90
N VAL A 55 -12.88 -5.99 2.65
CA VAL A 55 -12.72 -5.05 1.54
C VAL A 55 -13.97 -4.22 1.38
N LYS A 56 -15.15 -4.84 1.38
CA LYS A 56 -16.43 -4.14 1.26
C LYS A 56 -16.65 -3.13 2.39
N LYS A 57 -16.19 -3.41 3.61
CA LYS A 57 -16.26 -2.44 4.72
C LYS A 57 -15.35 -1.22 4.50
N ILE A 58 -14.15 -1.41 3.96
CA ILE A 58 -13.27 -0.30 3.55
C ILE A 58 -13.85 0.45 2.33
N GLN A 59 -14.53 -0.26 1.42
CA GLN A 59 -15.21 0.32 0.26
C GLN A 59 -16.33 1.30 0.67
N GLU A 60 -17.12 0.95 1.69
CA GLU A 60 -18.19 1.82 2.22
C GLU A 60 -17.65 2.94 3.12
N ARG A 61 -16.51 2.72 3.82
CA ARG A 61 -15.88 3.71 4.71
C ARG A 61 -15.06 4.76 3.95
N PHE A 62 -14.42 4.38 2.84
CA PHE A 62 -13.58 5.22 1.98
C PHE A 62 -13.97 5.10 0.49
N PRO A 63 -15.19 5.50 0.09
CA PRO A 63 -15.71 5.30 -1.27
C PRO A 63 -14.97 6.10 -2.36
N LYS A 64 -14.20 7.13 -1.98
CA LYS A 64 -13.34 7.94 -2.87
C LYS A 64 -12.04 7.22 -3.26
N LEU A 65 -11.63 6.18 -2.52
CA LEU A 65 -10.41 5.39 -2.77
C LEU A 65 -10.71 4.10 -3.54
N THR A 66 -9.77 3.65 -4.37
CA THR A 66 -9.80 2.33 -5.02
C THR A 66 -9.05 1.30 -4.17
N ILE A 67 -9.64 0.12 -4.00
CA ILE A 67 -9.14 -0.98 -3.15
C ILE A 67 -9.27 -2.34 -3.86
N LYS A 68 -8.57 -3.37 -3.37
CA LYS A 68 -8.55 -4.72 -3.96
C LYS A 68 -8.62 -5.84 -2.90
N GLN A 69 -8.93 -7.07 -3.33
CA GLN A 69 -8.96 -8.29 -2.50
C GLN A 69 -7.89 -9.30 -2.93
N SER A 70 -7.36 -10.07 -1.97
CA SER A 70 -6.43 -11.18 -2.20
C SER A 70 -6.84 -12.46 -1.45
N ARG A 71 -6.14 -13.56 -1.76
CA ARG A 71 -6.21 -14.84 -1.02
C ARG A 71 -5.26 -14.79 0.19
N ASN A 72 -4.87 -15.93 0.74
CA ASN A 72 -3.79 -16.02 1.73
C ASN A 72 -2.39 -15.94 1.09
N GLU A 73 -2.31 -16.18 -0.22
CA GLU A 73 -1.10 -16.09 -1.04
C GLU A 73 -0.70 -14.63 -1.32
N GLU A 74 0.46 -14.20 -0.84
CA GLU A 74 0.90 -12.79 -0.80
C GLU A 74 1.56 -12.31 -2.12
N GLU A 75 1.04 -12.73 -3.28
CA GLU A 75 1.53 -12.26 -4.60
C GLU A 75 1.23 -10.78 -4.86
N ALA A 76 0.25 -10.21 -4.14
CA ALA A 76 -0.32 -8.89 -4.39
C ALA A 76 0.73 -7.77 -4.36
N GLU A 77 1.73 -7.85 -3.48
CA GLU A 77 2.78 -6.83 -3.34
C GLU A 77 3.55 -6.58 -4.65
N LYS A 78 3.75 -7.61 -5.47
CA LYS A 78 4.43 -7.50 -6.78
C LYS A 78 3.45 -7.47 -7.96
N ARG A 79 2.36 -8.25 -7.92
CA ARG A 79 1.33 -8.26 -8.97
C ARG A 79 0.64 -6.90 -9.11
N ILE A 80 0.22 -6.30 -7.99
CA ILE A 80 -0.44 -4.99 -8.01
C ILE A 80 0.58 -3.87 -8.24
N GLN A 81 1.84 -4.02 -7.83
CA GLN A 81 2.90 -3.07 -8.22
C GLN A 81 2.99 -2.94 -9.74
N LYS A 82 3.04 -4.06 -10.47
CA LYS A 82 3.16 -4.01 -11.93
C LYS A 82 1.86 -3.53 -12.60
N GLU A 83 0.69 -3.92 -12.06
CA GLU A 83 -0.61 -3.37 -12.48
C GLU A 83 -0.68 -1.84 -12.33
N LEU A 84 -0.15 -1.32 -11.22
CA LEU A 84 -0.03 0.11 -10.93
C LEU A 84 0.99 0.82 -11.81
N GLU A 85 2.12 0.19 -12.11
CA GLU A 85 3.16 0.69 -13.02
C GLU A 85 2.65 0.82 -14.47
N GLU A 86 1.82 -0.12 -14.93
CA GLU A 86 1.20 -0.07 -16.27
C GLU A 86 0.19 1.08 -16.42
N ARG A 87 -0.46 1.53 -15.33
CA ARG A 87 -1.47 2.60 -15.34
C ARG A 87 -1.02 3.95 -14.77
N ASN A 88 0.15 4.02 -14.13
CA ASN A 88 0.82 5.25 -13.69
C ASN A 88 2.26 5.31 -14.25
N PRO A 89 2.44 5.73 -15.52
CA PRO A 89 3.77 5.77 -16.18
C PRO A 89 4.68 6.90 -15.66
N ASN A 90 4.08 8.01 -15.20
CA ASN A 90 4.77 9.18 -14.63
C ASN A 90 4.72 9.17 -13.08
N ALA A 91 5.01 7.99 -12.49
CA ALA A 91 4.91 7.75 -11.05
C ALA A 91 5.90 6.69 -10.54
N GLU A 92 6.10 6.66 -9.21
CA GLU A 92 6.79 5.59 -8.48
C GLU A 92 5.87 5.03 -7.38
N ILE A 93 5.92 3.72 -7.16
CA ILE A 93 5.04 2.96 -6.26
C ILE A 93 5.87 2.38 -5.11
N GLN A 94 5.38 2.46 -3.88
CA GLN A 94 5.95 1.83 -2.68
C GLN A 94 4.85 1.06 -1.94
N VAL A 95 5.17 -0.07 -1.31
CA VAL A 95 4.20 -0.89 -0.56
C VAL A 95 4.57 -0.96 0.92
N VAL A 96 3.70 -0.40 1.76
CA VAL A 96 3.86 -0.46 3.22
C VAL A 96 3.05 -1.62 3.78
N ARG A 97 3.75 -2.45 4.58
CA ARG A 97 3.22 -3.63 5.28
C ARG A 97 3.52 -3.67 6.79
N SER A 98 4.25 -2.67 7.28
CA SER A 98 4.51 -2.38 8.70
C SER A 98 4.76 -0.86 8.85
N GLU A 99 4.47 -0.28 10.01
CA GLU A 99 4.65 1.17 10.24
C GLU A 99 6.10 1.67 10.02
N ASP A 100 7.09 0.78 10.20
CA ASP A 100 8.50 1.06 9.92
C ASP A 100 8.76 1.37 8.44
N GLU A 101 8.05 0.73 7.50
CA GLU A 101 8.19 1.06 6.06
C GLU A 101 7.56 2.40 5.71
N LEU A 102 6.47 2.82 6.38
CA LEU A 102 5.90 4.17 6.19
C LEU A 102 6.89 5.25 6.68
N LYS A 103 7.59 4.99 7.79
CA LYS A 103 8.67 5.86 8.30
C LYS A 103 9.89 5.88 7.36
N GLU A 104 10.30 4.73 6.84
CA GLU A 104 11.42 4.63 5.88
C GLU A 104 11.09 5.28 4.53
N ILE A 105 9.87 5.16 4.01
CA ILE A 105 9.42 5.88 2.80
C ILE A 105 9.62 7.40 2.97
N LEU A 106 9.34 7.93 4.16
CA LEU A 106 9.57 9.35 4.49
C LEU A 106 11.06 9.75 4.48
N ASP A 107 11.99 8.83 4.78
CA ASP A 107 13.44 9.05 4.65
C ASP A 107 13.91 8.89 3.19
N LYS A 108 13.40 7.87 2.48
CA LYS A 108 13.67 7.61 1.05
C LYS A 108 13.25 8.80 0.17
N LEU A 109 12.12 9.45 0.49
CA LEU A 109 11.66 10.69 -0.15
C LEU A 109 12.66 11.86 -0.02
N ASP A 110 13.47 11.91 1.04
CA ASP A 110 14.53 12.92 1.20
C ASP A 110 15.86 12.48 0.55
N GLU A 111 16.24 11.20 0.68
CA GLU A 111 17.49 10.64 0.15
C GLU A 111 17.52 10.57 -1.38
N LYS A 112 16.37 10.44 -2.05
CA LYS A 112 16.23 10.19 -3.50
C LYS A 112 16.92 11.19 -4.43
N LYS A 113 17.19 12.42 -3.95
CA LYS A 113 17.91 13.47 -4.71
C LYS A 113 19.44 13.31 -4.67
N GLY A 114 19.97 12.65 -3.65
CA GLY A 114 21.41 12.46 -3.39
C GLY A 114 21.93 11.03 -3.57
N SER A 115 21.06 10.02 -3.41
CA SER A 115 21.41 8.60 -3.59
C SER A 115 21.57 8.20 -5.06
N TRP A 116 22.25 7.07 -5.31
CA TRP A 116 22.47 6.49 -6.64
C TRP A 116 21.66 5.19 -6.80
N SER A 117 20.92 5.07 -7.91
CA SER A 117 20.03 3.93 -8.18
C SER A 117 20.79 2.67 -8.64
N LEU A 118 20.36 1.50 -8.16
CA LEU A 118 20.85 0.18 -8.59
C LEU A 118 19.73 -0.87 -8.57
N GLU A 119 19.86 -1.89 -9.42
CA GLU A 119 18.91 -2.99 -9.60
C GLU A 119 19.59 -4.26 -10.14
N HIS A 120 18.89 -5.40 -10.09
CA HIS A 120 19.36 -6.66 -10.68
C HIS A 120 19.33 -6.63 -12.22
N HIS A 121 20.27 -7.34 -12.87
CA HIS A 121 20.39 -7.39 -14.34
C HIS A 121 19.27 -8.21 -15.02
N HIS A 122 18.60 -9.09 -14.25
CA HIS A 122 17.41 -9.85 -14.65
C HIS A 122 16.44 -9.99 -13.47
N HIS A 123 15.23 -10.49 -13.73
CA HIS A 123 14.26 -10.90 -12.71
C HIS A 123 13.81 -12.36 -12.92
N HIS A 124 13.36 -13.01 -11.83
CA HIS A 124 12.97 -14.42 -11.77
C HIS A 124 14.08 -15.41 -12.21
N HIS A 125 13.76 -16.71 -12.23
CA HIS A 125 14.67 -17.82 -12.56
C HIS A 125 13.96 -18.90 -13.40
N GLY A 1 0.15 17.05 4.75
CA GLY A 1 1.38 16.26 4.54
C GLY A 1 1.12 14.77 4.65
N SER A 2 2.16 13.95 4.45
CA SER A 2 2.09 12.47 4.51
C SER A 2 1.69 11.92 5.89
N GLU A 3 1.77 12.73 6.94
CA GLU A 3 1.24 12.41 8.28
C GLU A 3 -0.26 12.08 8.25
N GLU A 4 -1.04 12.66 7.33
CA GLU A 4 -2.45 12.32 7.13
C GLU A 4 -2.64 10.91 6.54
N ILE A 5 -1.73 10.49 5.66
CA ILE A 5 -1.67 9.13 5.09
C ILE A 5 -1.21 8.13 6.16
N ARG A 6 -0.30 8.55 7.05
CA ARG A 6 0.15 7.80 8.23
C ARG A 6 -0.95 7.65 9.30
N GLU A 7 -1.85 8.62 9.43
CA GLU A 7 -3.07 8.49 10.23
C GLU A 7 -4.10 7.55 9.56
N LEU A 8 -4.32 7.68 8.25
CA LEU A 8 -5.32 6.91 7.49
C LEU A 8 -5.14 5.39 7.66
N VAL A 9 -3.90 4.88 7.53
CA VAL A 9 -3.61 3.45 7.70
C VAL A 9 -3.98 2.92 9.10
N ARG A 10 -3.85 3.74 10.15
CA ARG A 10 -4.25 3.36 11.52
C ARG A 10 -5.75 3.18 11.65
N LYS A 11 -6.53 4.01 10.94
CA LYS A 11 -8.00 3.91 10.91
C LYS A 11 -8.43 2.66 10.16
N ILE A 12 -7.69 2.26 9.12
CA ILE A 12 -7.93 1.00 8.40
C ILE A 12 -7.59 -0.19 9.28
N TYR A 13 -6.42 -0.24 9.92
CA TYR A 13 -6.00 -1.35 10.77
C TYR A 13 -6.96 -1.58 11.96
N GLU A 14 -7.57 -0.53 12.50
CA GLU A 14 -8.66 -0.67 13.47
C GLU A 14 -9.99 -1.14 12.84
N THR A 15 -10.35 -0.63 11.65
CA THR A 15 -11.60 -1.01 10.96
C THR A 15 -11.57 -2.48 10.49
N VAL A 16 -10.42 -2.99 10.05
CA VAL A 16 -10.24 -4.38 9.60
C VAL A 16 -10.20 -5.37 10.77
N ARG A 17 -9.52 -5.05 11.89
CA ARG A 17 -9.46 -5.93 13.07
C ARG A 17 -10.81 -6.04 13.79
N LYS A 18 -11.66 -5.01 13.69
CA LYS A 18 -13.07 -5.03 14.15
C LYS A 18 -13.92 -6.07 13.41
N GLU A 19 -13.57 -6.43 12.18
CA GLU A 19 -14.24 -7.49 11.41
C GLU A 19 -13.54 -8.84 11.55
N ASN A 20 -12.20 -8.91 11.43
CA ASN A 20 -11.40 -10.10 11.72
C ASN A 20 -9.91 -9.76 12.02
N PRO A 21 -9.39 -10.02 13.24
CA PRO A 21 -7.98 -9.78 13.60
C PRO A 21 -6.94 -10.65 12.86
N ASN A 22 -7.33 -11.78 12.27
CA ASN A 22 -6.43 -12.70 11.55
C ASN A 22 -5.84 -12.09 10.25
N VAL A 23 -6.63 -11.25 9.58
CA VAL A 23 -6.38 -10.66 8.27
C VAL A 23 -5.16 -9.70 8.24
N LYS A 24 -4.41 -9.72 7.14
CA LYS A 24 -3.25 -8.87 6.83
C LYS A 24 -3.61 -7.81 5.77
N ILE A 25 -2.91 -6.67 5.79
CA ILE A 25 -3.17 -5.53 4.90
C ILE A 25 -1.87 -5.04 4.25
N LEU A 26 -1.95 -4.72 2.95
CA LEU A 26 -0.91 -4.02 2.17
C LEU A 26 -1.46 -2.66 1.74
N ILE A 27 -0.64 -1.61 1.84
CA ILE A 27 -0.98 -0.27 1.33
C ILE A 27 0.10 0.15 0.32
N PHE A 28 -0.34 0.69 -0.81
CA PHE A 28 0.49 1.16 -1.92
C PHE A 28 0.42 2.69 -1.92
N ILE A 29 1.57 3.34 -1.89
CA ILE A 29 1.75 4.80 -1.85
C ILE A 29 2.40 5.22 -3.18
N ILE A 30 1.79 6.16 -3.89
CA ILE A 30 2.17 6.57 -5.24
C ILE A 30 2.58 8.05 -5.22
N PHE A 31 3.76 8.34 -5.75
CA PHE A 31 4.25 9.68 -6.03
C PHE A 31 4.36 9.83 -7.56
N THR A 32 3.58 10.73 -8.17
CA THR A 32 3.64 10.95 -9.63
C THR A 32 4.71 11.98 -10.03
N SER A 33 5.09 12.01 -11.31
CA SER A 33 5.97 13.03 -11.87
C SER A 33 5.39 14.45 -11.84
N ASP A 34 4.06 14.58 -11.70
CA ASP A 34 3.35 15.85 -11.46
C ASP A 34 3.23 16.22 -9.96
N GLY A 35 3.73 15.37 -9.05
CA GLY A 35 3.69 15.59 -7.60
C GLY A 35 2.35 15.25 -6.93
N THR A 36 1.48 14.49 -7.59
CA THR A 36 0.20 14.00 -7.05
C THR A 36 0.43 12.76 -6.18
N ILE A 37 -0.36 12.61 -5.10
CA ILE A 37 -0.33 11.45 -4.21
C ILE A 37 -1.59 10.60 -4.41
N LYS A 38 -1.40 9.27 -4.47
CA LYS A 38 -2.48 8.27 -4.48
C LYS A 38 -2.18 7.16 -3.46
N VAL A 39 -3.24 6.52 -2.96
CA VAL A 39 -3.14 5.31 -2.13
C VAL A 39 -4.14 4.22 -2.54
N ILE A 40 -3.65 2.97 -2.58
CA ILE A 40 -4.46 1.76 -2.80
C ILE A 40 -4.33 0.86 -1.56
N ILE A 41 -5.40 0.21 -1.13
CA ILE A 41 -5.40 -0.72 0.02
C ILE A 41 -5.77 -2.12 -0.46
N VAL A 42 -5.03 -3.13 -0.02
CA VAL A 42 -5.21 -4.53 -0.44
C VAL A 42 -5.33 -5.41 0.80
N ILE A 43 -6.42 -6.17 0.88
CA ILE A 43 -6.69 -7.11 1.98
C ILE A 43 -6.18 -8.51 1.61
N ILE A 44 -5.36 -9.11 2.47
CA ILE A 44 -4.86 -10.48 2.35
C ILE A 44 -5.44 -11.30 3.52
N ALA A 45 -6.31 -12.27 3.22
CA ALA A 45 -6.84 -13.24 4.20
C ALA A 45 -6.61 -14.69 3.73
N ASP A 46 -6.69 -15.65 4.64
CA ASP A 46 -6.52 -17.09 4.33
C ASP A 46 -7.63 -17.67 3.42
N ASP A 47 -8.79 -16.99 3.32
CA ASP A 47 -9.90 -17.34 2.43
C ASP A 47 -10.52 -16.07 1.79
N PRO A 48 -10.74 -16.01 0.45
CA PRO A 48 -11.33 -14.84 -0.20
C PRO A 48 -12.77 -14.54 0.26
N ASN A 49 -13.53 -15.54 0.73
CA ASN A 49 -14.87 -15.36 1.31
C ASN A 49 -14.84 -14.55 2.62
N ASP A 50 -13.69 -14.50 3.28
CA ASP A 50 -13.47 -13.67 4.47
C ASP A 50 -12.98 -12.27 4.06
N ALA A 51 -12.00 -12.21 3.15
CA ALA A 51 -11.41 -10.97 2.65
C ALA A 51 -12.46 -9.98 2.14
N LYS A 52 -13.46 -10.51 1.42
CA LYS A 52 -14.55 -9.76 0.79
C LYS A 52 -15.38 -8.94 1.79
N ARG A 53 -15.58 -9.45 3.02
CA ARG A 53 -16.25 -8.73 4.12
C ARG A 53 -15.41 -7.53 4.61
N ILE A 54 -14.10 -7.73 4.71
CA ILE A 54 -13.15 -6.70 5.15
C ILE A 54 -13.05 -5.59 4.11
N VAL A 55 -12.85 -5.97 2.83
CA VAL A 55 -12.77 -5.04 1.70
C VAL A 55 -14.04 -4.19 1.62
N LYS A 56 -15.21 -4.81 1.74
CA LYS A 56 -16.51 -4.12 1.79
C LYS A 56 -16.57 -3.08 2.92
N LYS A 57 -16.00 -3.38 4.11
CA LYS A 57 -15.97 -2.43 5.23
C LYS A 57 -15.14 -1.17 4.89
N ILE A 58 -13.97 -1.34 4.27
CA ILE A 58 -13.12 -0.22 3.81
C ILE A 58 -13.77 0.53 2.64
N GLN A 59 -14.48 -0.17 1.75
CA GLN A 59 -15.20 0.42 0.62
C GLN A 59 -16.36 1.33 1.08
N GLU A 60 -17.07 0.95 2.15
CA GLU A 60 -18.13 1.78 2.76
C GLU A 60 -17.55 2.94 3.59
N ARG A 61 -16.44 2.74 4.30
CA ARG A 61 -15.83 3.76 5.18
C ARG A 61 -15.01 4.81 4.43
N PHE A 62 -14.36 4.43 3.32
CA PHE A 62 -13.51 5.30 2.49
C PHE A 62 -13.87 5.17 0.99
N PRO A 63 -15.09 5.56 0.57
CA PRO A 63 -15.61 5.29 -0.78
C PRO A 63 -14.87 6.02 -1.92
N LYS A 64 -14.10 7.08 -1.61
CA LYS A 64 -13.27 7.82 -2.57
C LYS A 64 -11.91 7.15 -2.84
N LEU A 65 -11.46 6.23 -1.98
CA LEU A 65 -10.25 5.43 -2.18
C LEU A 65 -10.54 4.15 -3.00
N THR A 66 -9.57 3.71 -3.80
CA THR A 66 -9.64 2.44 -4.56
C THR A 66 -8.90 1.33 -3.80
N ILE A 67 -9.51 0.15 -3.72
CA ILE A 67 -9.02 -0.99 -2.94
C ILE A 67 -9.16 -2.32 -3.71
N LYS A 68 -8.37 -3.34 -3.34
CA LYS A 68 -8.36 -4.70 -3.93
C LYS A 68 -8.47 -5.80 -2.87
N GLN A 69 -8.78 -7.03 -3.31
CA GLN A 69 -8.83 -8.24 -2.49
C GLN A 69 -7.76 -9.26 -2.92
N SER A 70 -7.20 -10.01 -1.97
CA SER A 70 -6.23 -11.09 -2.17
C SER A 70 -6.45 -12.27 -1.21
N ARG A 71 -5.96 -13.44 -1.63
CA ARG A 71 -5.93 -14.70 -0.86
C ARG A 71 -4.53 -15.32 -0.73
N ASN A 72 -3.49 -14.60 -1.15
CA ASN A 72 -2.10 -15.07 -1.20
C ASN A 72 -1.13 -14.14 -0.45
N GLU A 73 -0.19 -14.73 0.28
CA GLU A 73 0.88 -14.02 1.01
C GLU A 73 1.99 -13.53 0.06
N GLU A 74 2.54 -12.36 0.35
CA GLU A 74 3.65 -11.64 -0.31
C GLU A 74 3.47 -11.28 -1.81
N GLU A 75 2.91 -12.17 -2.65
CA GLU A 75 2.85 -12.02 -4.11
C GLU A 75 2.13 -10.73 -4.56
N ALA A 76 1.11 -10.29 -3.83
CA ALA A 76 0.38 -9.07 -4.10
C ALA A 76 1.27 -7.81 -4.12
N GLU A 77 2.38 -7.78 -3.37
CA GLU A 77 3.33 -6.66 -3.35
C GLU A 77 3.90 -6.34 -4.74
N LYS A 78 4.28 -7.36 -5.51
CA LYS A 78 4.77 -7.22 -6.90
C LYS A 78 3.66 -7.28 -7.95
N ARG A 79 2.65 -8.14 -7.75
CA ARG A 79 1.52 -8.33 -8.67
C ARG A 79 0.66 -7.07 -8.80
N ILE A 80 0.41 -6.34 -7.70
CA ILE A 80 -0.30 -5.06 -7.76
C ILE A 80 0.64 -3.93 -8.22
N GLN A 81 1.93 -3.98 -7.88
CA GLN A 81 2.91 -2.99 -8.38
C GLN A 81 2.91 -2.90 -9.91
N LYS A 82 2.90 -4.05 -10.59
CA LYS A 82 2.93 -4.09 -12.05
C LYS A 82 1.62 -3.53 -12.65
N GLU A 83 0.48 -3.83 -12.03
CA GLU A 83 -0.81 -3.24 -12.40
C GLU A 83 -0.85 -1.71 -12.19
N LEU A 84 -0.26 -1.24 -11.09
CA LEU A 84 -0.16 0.17 -10.75
C LEU A 84 0.76 0.96 -11.70
N GLU A 85 1.89 0.40 -12.11
CA GLU A 85 2.82 1.02 -13.06
C GLU A 85 2.19 1.17 -14.46
N GLU A 86 1.37 0.21 -14.88
CA GLU A 86 0.65 0.25 -16.16
C GLU A 86 -0.47 1.32 -16.21
N ARG A 87 -1.02 1.72 -15.05
CA ARG A 87 -2.06 2.77 -14.94
C ARG A 87 -1.59 4.10 -14.35
N ASN A 88 -0.35 4.17 -13.87
CA ASN A 88 0.33 5.41 -13.44
C ASN A 88 1.71 5.49 -14.14
N PRO A 89 1.78 5.99 -15.39
CA PRO A 89 3.03 6.01 -16.16
C PRO A 89 4.07 6.93 -15.51
N ASN A 90 5.30 6.41 -15.38
CA ASN A 90 6.46 7.07 -14.76
C ASN A 90 6.26 7.51 -13.29
N ALA A 91 5.28 6.93 -12.60
CA ALA A 91 5.03 7.13 -11.16
C ALA A 91 5.85 6.17 -10.29
N GLU A 92 6.03 6.53 -9.01
CA GLU A 92 6.85 5.80 -8.04
C GLU A 92 5.93 5.14 -7.02
N ILE A 93 5.90 3.80 -7.00
CA ILE A 93 5.05 2.99 -6.12
C ILE A 93 5.91 2.42 -4.98
N GLN A 94 5.52 2.68 -3.73
CA GLN A 94 6.09 2.06 -2.54
C GLN A 94 5.01 1.23 -1.85
N VAL A 95 5.38 0.10 -1.25
CA VAL A 95 4.45 -0.75 -0.49
C VAL A 95 4.83 -0.72 0.98
N VAL A 96 3.85 -0.44 1.84
CA VAL A 96 4.02 -0.30 3.29
C VAL A 96 3.26 -1.39 4.05
N ARG A 97 3.96 -2.03 4.99
CA ARG A 97 3.48 -3.18 5.79
C ARG A 97 3.47 -2.89 7.31
N SER A 98 3.98 -1.73 7.72
CA SER A 98 3.95 -1.20 9.09
C SER A 98 3.92 0.33 9.08
N GLU A 99 3.35 0.96 10.11
CA GLU A 99 3.40 2.42 10.28
C GLU A 99 4.83 2.97 10.43
N ASP A 100 5.79 2.15 10.86
CA ASP A 100 7.22 2.48 10.87
C ASP A 100 7.83 2.49 9.46
N GLU A 101 7.37 1.61 8.57
CA GLU A 101 7.80 1.58 7.16
C GLU A 101 7.27 2.82 6.39
N LEU A 102 6.12 3.36 6.78
CA LEU A 102 5.58 4.62 6.23
C LEU A 102 6.49 5.81 6.53
N LYS A 103 7.09 5.84 7.74
CA LYS A 103 8.13 6.81 8.12
C LYS A 103 9.43 6.59 7.34
N GLU A 104 9.80 5.34 7.06
CA GLU A 104 11.00 5.03 6.25
C GLU A 104 10.84 5.42 4.77
N ILE A 105 9.65 5.25 4.16
CA ILE A 105 9.34 5.79 2.81
C ILE A 105 9.61 7.30 2.77
N LEU A 106 9.21 8.03 3.82
CA LEU A 106 9.45 9.48 3.95
C LEU A 106 10.95 9.84 3.98
N ASP A 107 11.83 8.96 4.46
CA ASP A 107 13.28 9.14 4.45
C ASP A 107 13.90 8.75 3.09
N LYS A 108 13.42 7.64 2.50
CA LYS A 108 13.84 7.13 1.19
C LYS A 108 13.52 8.12 0.05
N LEU A 109 12.37 8.80 0.14
CA LEU A 109 11.97 9.87 -0.77
C LEU A 109 12.99 11.02 -0.82
N ASP A 110 13.59 11.40 0.32
CA ASP A 110 14.59 12.47 0.39
C ASP A 110 15.97 12.01 -0.12
N GLU A 111 16.36 10.75 0.12
CA GLU A 111 17.59 10.16 -0.45
C GLU A 111 17.51 10.03 -1.99
N LYS A 112 16.30 9.80 -2.53
CA LYS A 112 16.01 9.70 -3.97
C LYS A 112 16.16 11.04 -4.71
N LYS A 113 15.74 12.17 -4.12
CA LYS A 113 15.96 13.53 -4.67
C LYS A 113 17.36 14.09 -4.36
N GLY A 114 18.01 13.62 -3.30
CA GLY A 114 19.35 14.02 -2.88
C GLY A 114 20.48 13.52 -3.77
N SER A 115 21.73 13.78 -3.38
CA SER A 115 22.96 13.50 -4.15
C SER A 115 23.40 12.02 -4.12
N TRP A 116 22.43 11.10 -4.14
CA TRP A 116 22.64 9.64 -4.10
C TRP A 116 21.83 8.92 -5.18
N SER A 117 20.51 9.15 -5.24
CA SER A 117 19.61 8.65 -6.31
C SER A 117 19.81 7.16 -6.64
N LEU A 118 19.82 6.32 -5.59
CA LEU A 118 20.20 4.91 -5.69
C LEU A 118 19.17 4.06 -6.46
N GLU A 119 19.67 3.08 -7.22
CA GLU A 119 18.89 2.13 -8.04
C GLU A 119 19.54 0.75 -8.08
N HIS A 120 18.81 -0.28 -8.53
CA HIS A 120 19.28 -1.68 -8.68
C HIS A 120 19.81 -2.34 -7.38
N HIS A 121 19.49 -1.78 -6.21
CA HIS A 121 19.83 -2.33 -4.89
C HIS A 121 18.80 -3.42 -4.48
N HIS A 122 18.85 -4.56 -5.17
CA HIS A 122 17.96 -5.71 -4.98
C HIS A 122 18.75 -7.04 -4.99
N HIS A 123 18.21 -8.08 -4.34
CA HIS A 123 18.88 -9.37 -4.13
C HIS A 123 18.07 -10.54 -4.73
N HIS A 124 18.78 -11.57 -5.17
CA HIS A 124 18.22 -12.72 -5.92
C HIS A 124 18.83 -14.06 -5.45
N HIS A 125 18.06 -15.15 -5.59
CA HIS A 125 18.44 -16.51 -5.19
C HIS A 125 17.87 -17.57 -6.14
N GLY A 1 2.16 16.54 3.23
CA GLY A 1 3.26 15.58 3.53
C GLY A 1 2.72 14.23 3.98
N SER A 2 3.54 13.19 3.89
CA SER A 2 3.14 11.78 4.11
C SER A 2 2.61 11.46 5.52
N GLU A 3 2.89 12.30 6.53
CA GLU A 3 2.31 12.18 7.87
C GLU A 3 0.76 12.22 7.86
N GLU A 4 0.16 12.93 6.89
CA GLU A 4 -1.30 12.95 6.66
C GLU A 4 -1.85 11.59 6.19
N ILE A 5 -1.04 10.80 5.47
CA ILE A 5 -1.33 9.42 5.07
C ILE A 5 -0.98 8.41 6.16
N ARG A 6 0.03 8.71 6.99
CA ARG A 6 0.46 7.92 8.14
C ARG A 6 -0.61 7.76 9.21
N GLU A 7 -1.60 8.66 9.28
CA GLU A 7 -2.79 8.47 10.11
C GLU A 7 -3.84 7.52 9.50
N LEU A 8 -3.98 7.51 8.18
CA LEU A 8 -5.07 6.84 7.49
C LEU A 8 -5.02 5.31 7.70
N VAL A 9 -3.82 4.74 7.62
CA VAL A 9 -3.56 3.31 7.89
C VAL A 9 -4.04 2.86 9.28
N ARG A 10 -3.98 3.75 10.30
CA ARG A 10 -4.45 3.46 11.67
C ARG A 10 -5.95 3.19 11.71
N LYS A 11 -6.71 4.00 10.96
CA LYS A 11 -8.18 3.90 10.87
C LYS A 11 -8.56 2.57 10.21
N ILE A 12 -7.79 2.15 9.20
CA ILE A 12 -8.02 0.88 8.50
C ILE A 12 -7.70 -0.30 9.40
N TYR A 13 -6.52 -0.32 10.04
CA TYR A 13 -6.09 -1.44 10.89
C TYR A 13 -7.02 -1.63 12.11
N GLU A 14 -7.62 -0.56 12.63
CA GLU A 14 -8.69 -0.65 13.65
C GLU A 14 -10.01 -1.18 13.07
N THR A 15 -10.41 -0.76 11.86
CA THR A 15 -11.65 -1.21 11.22
C THR A 15 -11.60 -2.68 10.80
N VAL A 16 -10.49 -3.14 10.25
CA VAL A 16 -10.31 -4.53 9.77
C VAL A 16 -10.22 -5.53 10.94
N ARG A 17 -9.50 -5.21 12.03
CA ARG A 17 -9.38 -6.11 13.19
C ARG A 17 -10.70 -6.26 13.97
N LYS A 18 -11.56 -5.24 13.94
CA LYS A 18 -12.95 -5.29 14.43
C LYS A 18 -13.83 -6.27 13.66
N GLU A 19 -13.52 -6.54 12.38
CA GLU A 19 -14.24 -7.51 11.55
C GLU A 19 -13.61 -8.92 11.56
N ASN A 20 -12.28 -9.02 11.58
CA ASN A 20 -11.51 -10.26 11.81
C ASN A 20 -10.03 -9.92 12.12
N PRO A 21 -9.43 -10.38 13.23
CA PRO A 21 -8.02 -10.11 13.56
C PRO A 21 -6.98 -10.98 12.80
N ASN A 22 -7.40 -12.07 12.16
CA ASN A 22 -6.50 -13.01 11.45
C ASN A 22 -5.92 -12.46 10.13
N VAL A 23 -6.78 -11.81 9.34
CA VAL A 23 -6.52 -11.24 8.01
C VAL A 23 -5.47 -10.11 8.06
N LYS A 24 -4.60 -10.07 7.03
CA LYS A 24 -3.49 -9.11 6.89
C LYS A 24 -3.82 -8.02 5.86
N ILE A 25 -3.08 -6.91 5.91
CA ILE A 25 -3.32 -5.72 5.06
C ILE A 25 -2.01 -5.21 4.43
N LEU A 26 -2.11 -4.76 3.19
CA LEU A 26 -1.08 -4.04 2.45
C LEU A 26 -1.57 -2.62 2.10
N ILE A 27 -0.75 -1.61 2.30
CA ILE A 27 -0.98 -0.23 1.82
C ILE A 27 0.08 0.08 0.75
N PHE A 28 -0.36 0.66 -0.37
CA PHE A 28 0.47 1.22 -1.42
C PHE A 28 0.37 2.74 -1.42
N ILE A 29 1.51 3.41 -1.56
CA ILE A 29 1.65 4.87 -1.63
C ILE A 29 2.27 5.21 -2.99
N ILE A 30 1.64 6.14 -3.72
CA ILE A 30 2.02 6.52 -5.08
C ILE A 30 2.41 7.99 -5.10
N PHE A 31 3.53 8.32 -5.73
CA PHE A 31 3.98 9.68 -6.03
C PHE A 31 4.10 9.84 -7.56
N THR A 32 3.22 10.63 -8.17
CA THR A 32 3.25 10.89 -9.63
C THR A 32 4.24 12.00 -10.01
N SER A 33 4.59 12.10 -11.29
CA SER A 33 5.49 13.15 -11.81
C SER A 33 4.91 14.57 -11.65
N ASP A 34 3.58 14.73 -11.67
CA ASP A 34 2.87 15.98 -11.38
C ASP A 34 2.68 16.27 -9.88
N GLY A 35 3.13 15.37 -8.99
CA GLY A 35 3.11 15.53 -7.54
C GLY A 35 1.79 15.16 -6.84
N THR A 36 0.89 14.44 -7.52
CA THR A 36 -0.36 13.90 -6.95
C THR A 36 -0.10 12.59 -6.19
N ILE A 37 -0.87 12.36 -5.11
CA ILE A 37 -0.76 11.18 -4.24
C ILE A 37 -1.95 10.24 -4.44
N LYS A 38 -1.68 8.93 -4.48
CA LYS A 38 -2.71 7.88 -4.40
C LYS A 38 -2.42 6.95 -3.22
N VAL A 39 -3.49 6.44 -2.62
CA VAL A 39 -3.48 5.47 -1.51
C VAL A 39 -4.35 4.28 -1.90
N ILE A 40 -3.75 3.10 -1.99
CA ILE A 40 -4.42 1.85 -2.37
C ILE A 40 -4.29 0.85 -1.22
N ILE A 41 -5.37 0.15 -0.87
CA ILE A 41 -5.38 -0.82 0.22
C ILE A 41 -5.71 -2.21 -0.33
N VAL A 42 -4.96 -3.23 0.09
CA VAL A 42 -5.12 -4.62 -0.34
C VAL A 42 -5.31 -5.50 0.88
N ILE A 43 -6.41 -6.25 0.92
CA ILE A 43 -6.74 -7.17 2.01
C ILE A 43 -6.30 -8.60 1.64
N ILE A 44 -5.59 -9.26 2.56
CA ILE A 44 -5.01 -10.59 2.39
C ILE A 44 -5.57 -11.55 3.46
N ALA A 45 -6.56 -12.37 3.12
CA ALA A 45 -7.18 -13.33 4.05
C ALA A 45 -6.98 -14.80 3.62
N ASP A 46 -6.99 -15.72 4.59
CA ASP A 46 -6.90 -17.17 4.34
C ASP A 46 -8.17 -17.75 3.69
N ASP A 47 -9.30 -17.02 3.77
CA ASP A 47 -10.57 -17.33 3.12
C ASP A 47 -10.90 -16.30 2.02
N PRO A 48 -11.27 -16.72 0.79
CA PRO A 48 -11.46 -15.81 -0.34
C PRO A 48 -12.71 -14.93 -0.21
N ASN A 49 -13.73 -15.36 0.52
CA ASN A 49 -14.97 -14.61 0.75
C ASN A 49 -14.89 -13.70 1.98
N ASP A 50 -14.06 -14.04 2.98
CA ASP A 50 -13.81 -13.13 4.11
C ASP A 50 -13.08 -11.87 3.62
N ALA A 51 -12.09 -11.98 2.71
CA ALA A 51 -11.42 -10.81 2.16
C ALA A 51 -12.44 -9.83 1.53
N LYS A 52 -13.35 -10.33 0.70
CA LYS A 52 -14.46 -9.56 0.10
C LYS A 52 -15.29 -8.82 1.16
N ARG A 53 -15.57 -9.47 2.30
CA ARG A 53 -16.32 -8.92 3.45
C ARG A 53 -15.57 -7.77 4.14
N ILE A 54 -14.25 -7.89 4.33
CA ILE A 54 -13.40 -6.84 4.88
C ILE A 54 -13.28 -5.67 3.90
N VAL A 55 -13.00 -5.98 2.62
CA VAL A 55 -12.83 -5.01 1.52
C VAL A 55 -14.07 -4.13 1.41
N LYS A 56 -15.27 -4.72 1.41
CA LYS A 56 -16.54 -3.98 1.40
C LYS A 56 -16.65 -2.97 2.54
N LYS A 57 -16.17 -3.30 3.74
CA LYS A 57 -16.21 -2.38 4.89
C LYS A 57 -15.31 -1.16 4.68
N ILE A 58 -14.11 -1.36 4.12
CA ILE A 58 -13.19 -0.26 3.75
C ILE A 58 -13.73 0.54 2.56
N GLN A 59 -14.39 -0.12 1.59
CA GLN A 59 -15.02 0.54 0.45
C GLN A 59 -16.14 1.50 0.87
N GLU A 60 -16.98 1.09 1.83
CA GLU A 60 -18.07 1.91 2.37
C GLU A 60 -17.57 3.02 3.30
N ARG A 61 -16.49 2.78 4.07
CA ARG A 61 -15.90 3.76 5.00
C ARG A 61 -15.01 4.81 4.30
N PHE A 62 -14.33 4.43 3.22
CA PHE A 62 -13.41 5.28 2.45
C PHE A 62 -13.71 5.23 0.93
N PRO A 63 -14.90 5.72 0.50
CA PRO A 63 -15.37 5.62 -0.90
C PRO A 63 -14.51 6.41 -1.89
N LYS A 64 -13.76 7.41 -1.42
CA LYS A 64 -12.86 8.26 -2.21
C LYS A 64 -11.50 7.60 -2.51
N LEU A 65 -11.15 6.50 -1.84
CA LEU A 65 -9.93 5.70 -2.07
C LEU A 65 -10.26 4.45 -2.90
N THR A 66 -9.31 4.02 -3.75
CA THR A 66 -9.39 2.75 -4.48
C THR A 66 -8.77 1.62 -3.67
N ILE A 67 -9.40 0.45 -3.62
CA ILE A 67 -8.93 -0.74 -2.89
C ILE A 67 -9.03 -2.01 -3.74
N LYS A 68 -8.23 -3.02 -3.40
CA LYS A 68 -8.09 -4.31 -4.09
C LYS A 68 -8.04 -5.47 -3.07
N GLN A 69 -8.01 -6.72 -3.53
CA GLN A 69 -8.02 -7.91 -2.64
C GLN A 69 -7.20 -9.09 -3.16
N SER A 70 -6.72 -9.93 -2.24
CA SER A 70 -5.90 -11.13 -2.50
C SER A 70 -6.08 -12.21 -1.42
N ARG A 71 -5.27 -13.26 -1.47
CA ARG A 71 -5.14 -14.34 -0.45
C ARG A 71 -3.69 -14.64 -0.07
N ASN A 72 -2.71 -14.13 -0.84
CA ASN A 72 -1.29 -14.50 -0.74
C ASN A 72 -0.44 -13.29 -0.33
N GLU A 73 0.16 -13.35 0.86
CA GLU A 73 1.13 -12.37 1.35
C GLU A 73 2.47 -12.44 0.59
N GLU A 74 3.17 -11.29 0.47
CA GLU A 74 4.37 -11.05 -0.38
C GLU A 74 4.14 -11.21 -1.90
N GLU A 75 3.24 -12.08 -2.36
CA GLU A 75 2.84 -12.19 -3.77
C GLU A 75 2.10 -10.94 -4.25
N ALA A 76 1.15 -10.42 -3.44
CA ALA A 76 0.41 -9.21 -3.77
C ALA A 76 1.31 -7.95 -3.85
N GLU A 77 2.42 -7.89 -3.10
CA GLU A 77 3.37 -6.78 -3.17
C GLU A 77 3.85 -6.56 -4.61
N LYS A 78 4.40 -7.61 -5.26
CA LYS A 78 4.94 -7.52 -6.62
C LYS A 78 3.86 -7.55 -7.70
N ARG A 79 2.80 -8.34 -7.52
CA ARG A 79 1.66 -8.38 -8.46
C ARG A 79 0.97 -7.02 -8.57
N ILE A 80 0.63 -6.40 -7.43
CA ILE A 80 -0.06 -5.11 -7.43
C ILE A 80 0.93 -3.98 -7.78
N GLN A 81 2.23 -4.09 -7.46
CA GLN A 81 3.25 -3.16 -7.98
C GLN A 81 3.23 -3.11 -9.51
N LYS A 82 3.26 -4.28 -10.16
CA LYS A 82 3.27 -4.36 -11.62
C LYS A 82 1.98 -3.79 -12.22
N GLU A 83 0.84 -4.10 -11.59
CA GLU A 83 -0.48 -3.56 -11.95
C GLU A 83 -0.56 -2.03 -11.80
N LEU A 84 0.02 -1.48 -10.73
CA LEU A 84 0.09 -0.04 -10.46
C LEU A 84 1.07 0.70 -11.37
N GLU A 85 2.18 0.08 -11.77
CA GLU A 85 3.14 0.65 -12.74
C GLU A 85 2.54 0.71 -14.15
N GLU A 86 1.73 -0.29 -14.52
CA GLU A 86 1.02 -0.32 -15.81
C GLU A 86 -0.02 0.82 -15.94
N ARG A 87 -0.69 1.20 -14.84
CA ARG A 87 -1.69 2.30 -14.82
C ARG A 87 -1.19 3.65 -14.32
N ASN A 88 0.02 3.73 -13.74
CA ASN A 88 0.71 4.99 -13.39
C ASN A 88 2.15 4.97 -13.96
N PRO A 89 2.34 5.21 -15.27
CA PRO A 89 3.63 5.01 -15.96
C PRO A 89 4.73 6.00 -15.57
N ASN A 90 4.36 7.21 -15.12
CA ASN A 90 5.29 8.28 -14.71
C ASN A 90 5.56 8.32 -13.19
N ALA A 91 4.98 7.39 -12.42
CA ALA A 91 4.93 7.41 -10.97
C ALA A 91 5.92 6.47 -10.26
N GLU A 92 6.11 6.70 -8.97
CA GLU A 92 6.84 5.84 -8.04
C GLU A 92 5.86 5.18 -7.06
N ILE A 93 5.97 3.87 -6.87
CA ILE A 93 5.09 3.04 -6.02
C ILE A 93 5.91 2.47 -4.86
N GLN A 94 5.39 2.56 -3.64
CA GLN A 94 6.00 1.97 -2.44
C GLN A 94 4.96 1.23 -1.59
N VAL A 95 5.37 0.13 -0.95
CA VAL A 95 4.52 -0.70 -0.07
C VAL A 95 4.93 -0.55 1.39
N VAL A 96 3.94 -0.37 2.26
CA VAL A 96 4.07 -0.25 3.72
C VAL A 96 3.14 -1.21 4.48
N ARG A 97 3.67 -1.78 5.57
CA ARG A 97 2.94 -2.62 6.55
C ARG A 97 2.98 -2.08 7.99
N SER A 98 3.90 -1.17 8.30
CA SER A 98 4.09 -0.57 9.64
C SER A 98 4.37 0.93 9.54
N GLU A 99 4.09 1.70 10.60
CA GLU A 99 4.32 3.15 10.61
C GLU A 99 5.80 3.54 10.47
N ASP A 100 6.73 2.65 10.85
CA ASP A 100 8.16 2.78 10.58
C ASP A 100 8.51 2.56 9.10
N GLU A 101 7.79 1.67 8.39
CA GLU A 101 7.92 1.50 6.93
C GLU A 101 7.34 2.72 6.19
N LEU A 102 6.29 3.35 6.73
CA LEU A 102 5.74 4.61 6.20
C LEU A 102 6.70 5.79 6.38
N LYS A 103 7.40 5.85 7.53
CA LYS A 103 8.50 6.79 7.77
C LYS A 103 9.66 6.56 6.79
N GLU A 104 10.06 5.30 6.59
CA GLU A 104 11.13 4.93 5.66
C GLU A 104 10.85 5.38 4.23
N ILE A 105 9.62 5.22 3.74
CA ILE A 105 9.21 5.72 2.41
C ILE A 105 9.45 7.24 2.30
N LEU A 106 9.14 8.01 3.35
CA LEU A 106 9.40 9.45 3.41
C LEU A 106 10.91 9.75 3.36
N ASP A 107 11.75 8.95 4.03
CA ASP A 107 13.21 9.12 4.02
C ASP A 107 13.82 8.71 2.66
N LYS A 108 13.25 7.69 2.00
CA LYS A 108 13.58 7.26 0.63
C LYS A 108 13.22 8.33 -0.41
N LEU A 109 12.05 8.96 -0.28
CA LEU A 109 11.62 10.09 -1.11
C LEU A 109 12.53 11.32 -0.92
N ASP A 110 12.94 11.60 0.32
CA ASP A 110 13.86 12.69 0.65
C ASP A 110 15.29 12.46 0.11
N GLU A 111 15.72 11.20 -0.05
CA GLU A 111 16.95 10.84 -0.76
C GLU A 111 16.79 10.88 -2.29
N LYS A 112 15.66 10.40 -2.83
CA LYS A 112 15.40 10.25 -4.27
C LYS A 112 15.52 11.57 -5.04
N LYS A 113 15.09 12.69 -4.45
CA LYS A 113 15.17 14.03 -5.07
C LYS A 113 16.61 14.52 -5.34
N GLY A 114 17.57 14.00 -4.57
CA GLY A 114 19.01 14.25 -4.73
C GLY A 114 19.72 13.34 -5.75
N SER A 115 19.03 12.34 -6.29
CA SER A 115 19.55 11.38 -7.28
C SER A 115 19.07 11.69 -8.71
N TRP A 116 19.65 11.00 -9.70
CA TRP A 116 19.34 11.15 -11.12
C TRP A 116 17.98 10.53 -11.49
N SER A 117 17.30 11.12 -12.49
CA SER A 117 16.02 10.64 -13.03
C SER A 117 15.84 11.01 -14.51
N LEU A 118 16.08 12.29 -14.85
CA LEU A 118 15.99 12.91 -16.19
C LEU A 118 14.57 12.91 -16.82
N GLU A 119 14.28 13.92 -17.64
CA GLU A 119 13.00 14.07 -18.34
C GLU A 119 12.86 13.11 -19.55
N HIS A 120 11.63 12.70 -19.86
CA HIS A 120 11.30 11.78 -20.96
C HIS A 120 11.27 12.46 -22.35
N HIS A 121 12.14 13.47 -22.57
CA HIS A 121 12.19 14.28 -23.79
C HIS A 121 12.74 13.51 -25.00
N HIS A 122 13.72 12.62 -24.79
CA HIS A 122 14.21 11.66 -25.79
C HIS A 122 13.32 10.41 -25.81
N HIS A 123 13.07 9.85 -27.01
CA HIS A 123 12.29 8.62 -27.16
C HIS A 123 13.03 7.39 -26.60
N HIS A 124 12.29 6.44 -26.03
CA HIS A 124 12.81 5.20 -25.45
C HIS A 124 11.76 4.07 -25.42
N HIS A 125 12.20 2.83 -25.62
CA HIS A 125 11.43 1.58 -25.51
C HIS A 125 12.22 0.50 -24.74
N GLY A 1 0.37 17.86 3.62
CA GLY A 1 1.33 17.31 4.60
C GLY A 1 1.21 15.80 4.73
N SER A 2 2.32 15.11 5.01
CA SER A 2 2.38 13.64 5.09
C SER A 2 1.51 13.02 6.19
N GLU A 3 1.22 13.76 7.26
CA GLU A 3 0.31 13.33 8.35
C GLU A 3 -1.11 13.03 7.84
N GLU A 4 -1.57 13.71 6.79
CA GLU A 4 -2.88 13.47 6.16
C GLU A 4 -3.00 12.09 5.51
N ILE A 5 -1.88 11.41 5.25
CA ILE A 5 -1.80 10.04 4.73
C ILE A 5 -1.41 9.04 5.82
N ARG A 6 -0.46 9.40 6.69
CA ARG A 6 -0.07 8.60 7.87
C ARG A 6 -1.24 8.35 8.82
N GLU A 7 -2.24 9.25 8.86
CA GLU A 7 -3.48 9.02 9.61
C GLU A 7 -4.38 7.93 9.02
N LEU A 8 -4.41 7.78 7.70
CA LEU A 8 -5.38 6.95 6.98
C LEU A 8 -5.19 5.47 7.31
N VAL A 9 -3.95 4.99 7.32
CA VAL A 9 -3.62 3.59 7.67
C VAL A 9 -4.09 3.21 9.08
N ARG A 10 -4.09 4.17 10.03
CA ARG A 10 -4.53 3.95 11.43
C ARG A 10 -6.00 3.60 11.49
N LYS A 11 -6.81 4.31 10.69
CA LYS A 11 -8.26 4.08 10.57
C LYS A 11 -8.52 2.69 10.01
N ILE A 12 -7.73 2.27 9.01
CA ILE A 12 -7.87 0.95 8.38
C ILE A 12 -7.49 -0.17 9.34
N TYR A 13 -6.32 -0.11 9.97
CA TYR A 13 -5.86 -1.18 10.88
C TYR A 13 -6.77 -1.34 12.11
N GLU A 14 -7.41 -0.26 12.59
CA GLU A 14 -8.46 -0.32 13.62
C GLU A 14 -9.77 -0.90 13.08
N THR A 15 -10.18 -0.53 11.86
CA THR A 15 -11.43 -1.03 11.25
C THR A 15 -11.34 -2.51 10.91
N VAL A 16 -10.22 -2.97 10.34
CA VAL A 16 -10.03 -4.37 9.92
C VAL A 16 -9.95 -5.34 11.11
N ARG A 17 -9.26 -4.97 12.21
CA ARG A 17 -9.19 -5.82 13.42
C ARG A 17 -10.52 -5.91 14.17
N LYS A 18 -11.37 -4.87 14.08
CA LYS A 18 -12.76 -4.89 14.56
C LYS A 18 -13.66 -5.86 13.77
N GLU A 19 -13.37 -6.09 12.49
CA GLU A 19 -14.08 -7.08 11.67
C GLU A 19 -13.51 -8.51 11.85
N ASN A 20 -12.20 -8.69 11.70
CA ASN A 20 -11.46 -9.92 12.04
C ASN A 20 -9.94 -9.66 12.16
N PRO A 21 -9.27 -10.03 13.28
CA PRO A 21 -7.80 -10.04 13.36
C PRO A 21 -7.20 -11.18 12.51
N ASN A 22 -5.88 -11.42 12.62
CA ASN A 22 -5.06 -12.38 11.86
C ASN A 22 -4.87 -12.04 10.36
N VAL A 23 -5.95 -11.62 9.69
CA VAL A 23 -5.96 -11.06 8.33
C VAL A 23 -4.91 -9.94 8.17
N LYS A 24 -4.17 -9.95 7.05
CA LYS A 24 -3.09 -9.01 6.73
C LYS A 24 -3.57 -7.92 5.77
N ILE A 25 -2.93 -6.75 5.83
CA ILE A 25 -3.25 -5.58 5.00
C ILE A 25 -1.99 -5.12 4.24
N LEU A 26 -2.20 -4.74 2.98
CA LEU A 26 -1.23 -4.08 2.11
C LEU A 26 -1.75 -2.67 1.79
N ILE A 27 -0.86 -1.68 1.74
CA ILE A 27 -1.17 -0.34 1.22
C ILE A 27 -0.08 0.06 0.24
N PHE A 28 -0.48 0.58 -0.92
CA PHE A 28 0.39 1.20 -1.91
C PHE A 28 0.33 2.72 -1.77
N ILE A 29 1.50 3.35 -1.80
CA ILE A 29 1.69 4.80 -1.73
C ILE A 29 2.41 5.23 -3.01
N ILE A 30 1.83 6.20 -3.72
CA ILE A 30 2.29 6.66 -5.04
C ILE A 30 2.76 8.11 -4.96
N PHE A 31 3.90 8.41 -5.56
CA PHE A 31 4.41 9.78 -5.74
C PHE A 31 4.67 10.03 -7.23
N THR A 32 3.86 10.86 -7.88
CA THR A 32 4.03 11.18 -9.32
C THR A 32 5.00 12.34 -9.54
N SER A 33 5.59 12.43 -10.74
CA SER A 33 6.46 13.55 -11.13
C SER A 33 5.73 14.91 -11.18
N ASP A 34 4.40 14.90 -11.25
CA ASP A 34 3.55 16.11 -11.16
C ASP A 34 3.20 16.49 -9.70
N GLY A 35 3.66 15.72 -8.72
CA GLY A 35 3.42 15.93 -7.28
C GLY A 35 2.11 15.36 -6.74
N THR A 36 1.40 14.55 -7.52
CA THR A 36 0.15 13.88 -7.13
C THR A 36 0.42 12.63 -6.29
N ILE A 37 -0.50 12.30 -5.38
CA ILE A 37 -0.43 11.12 -4.51
C ILE A 37 -1.70 10.27 -4.63
N LYS A 38 -1.54 8.94 -4.62
CA LYS A 38 -2.62 7.94 -4.50
C LYS A 38 -2.36 6.99 -3.33
N VAL A 39 -3.44 6.42 -2.81
CA VAL A 39 -3.47 5.43 -1.72
C VAL A 39 -4.41 4.28 -2.12
N ILE A 40 -3.85 3.08 -2.29
CA ILE A 40 -4.56 1.85 -2.69
C ILE A 40 -4.42 0.82 -1.57
N ILE A 41 -5.49 0.12 -1.17
CA ILE A 41 -5.47 -0.84 -0.04
C ILE A 41 -5.85 -2.24 -0.50
N VAL A 42 -5.19 -3.27 0.05
CA VAL A 42 -5.47 -4.68 -0.23
C VAL A 42 -5.64 -5.44 1.07
N ILE A 43 -6.67 -6.28 1.15
CA ILE A 43 -6.86 -7.25 2.24
C ILE A 43 -6.39 -8.64 1.75
N ILE A 44 -5.53 -9.29 2.51
CA ILE A 44 -5.06 -10.66 2.28
C ILE A 44 -5.37 -11.52 3.52
N ALA A 45 -6.29 -12.46 3.37
CA ALA A 45 -6.65 -13.47 4.37
C ALA A 45 -6.36 -14.90 3.84
N ASP A 46 -6.37 -15.89 4.73
CA ASP A 46 -6.14 -17.31 4.36
C ASP A 46 -7.29 -17.92 3.53
N ASP A 47 -8.47 -17.29 3.54
CA ASP A 47 -9.65 -17.67 2.75
C ASP A 47 -10.33 -16.41 2.14
N PRO A 48 -10.69 -16.41 0.84
CA PRO A 48 -11.27 -15.24 0.18
C PRO A 48 -12.65 -14.84 0.72
N ASN A 49 -13.42 -15.77 1.29
CA ASN A 49 -14.74 -15.47 1.84
C ASN A 49 -14.65 -14.54 3.06
N ASP A 50 -13.60 -14.68 3.88
CA ASP A 50 -13.35 -13.77 5.00
C ASP A 50 -12.87 -12.40 4.51
N ALA A 51 -11.92 -12.37 3.56
CA ALA A 51 -11.40 -11.13 2.99
C ALA A 51 -12.54 -10.25 2.44
N LYS A 52 -13.52 -10.85 1.77
CA LYS A 52 -14.71 -10.16 1.23
C LYS A 52 -15.52 -9.39 2.27
N ARG A 53 -15.63 -9.86 3.53
CA ARG A 53 -16.24 -9.08 4.63
C ARG A 53 -15.44 -7.80 4.93
N ILE A 54 -14.11 -7.94 5.03
CA ILE A 54 -13.20 -6.87 5.42
C ILE A 54 -13.12 -5.78 4.32
N VAL A 55 -12.93 -6.21 3.08
CA VAL A 55 -12.78 -5.35 1.89
C VAL A 55 -13.99 -4.43 1.78
N LYS A 56 -15.20 -4.98 1.90
CA LYS A 56 -16.44 -4.19 1.83
C LYS A 56 -16.51 -3.11 2.90
N LYS A 57 -16.01 -3.38 4.12
CA LYS A 57 -16.01 -2.38 5.20
C LYS A 57 -15.09 -1.19 4.89
N ILE A 58 -13.93 -1.43 4.28
CA ILE A 58 -13.05 -0.37 3.78
C ILE A 58 -13.67 0.35 2.57
N GLN A 59 -14.35 -0.39 1.68
CA GLN A 59 -15.00 0.17 0.48
C GLN A 59 -16.11 1.16 0.84
N GLU A 60 -16.95 0.83 1.84
CA GLU A 60 -18.02 1.70 2.33
C GLU A 60 -17.50 2.90 3.14
N ARG A 61 -16.40 2.71 3.89
CA ARG A 61 -15.79 3.75 4.74
C ARG A 61 -14.95 4.76 3.95
N PHE A 62 -14.29 4.34 2.87
CA PHE A 62 -13.40 5.15 2.03
C PHE A 62 -13.74 5.01 0.54
N PRO A 63 -14.94 5.47 0.09
CA PRO A 63 -15.42 5.28 -1.29
C PRO A 63 -14.59 6.03 -2.35
N LYS A 64 -13.85 7.07 -1.94
CA LYS A 64 -12.97 7.89 -2.79
C LYS A 64 -11.59 7.26 -3.05
N LEU A 65 -11.20 6.24 -2.28
CA LEU A 65 -10.00 5.43 -2.50
C LEU A 65 -10.35 4.13 -3.24
N THR A 66 -9.43 3.63 -4.07
CA THR A 66 -9.56 2.32 -4.72
C THR A 66 -8.91 1.23 -3.86
N ILE A 67 -9.55 0.06 -3.75
CA ILE A 67 -9.04 -1.09 -2.99
C ILE A 67 -9.14 -2.40 -3.80
N LYS A 68 -8.32 -3.38 -3.45
CA LYS A 68 -8.24 -4.74 -4.03
C LYS A 68 -8.34 -5.81 -2.93
N GLN A 69 -8.32 -7.08 -3.31
CA GLN A 69 -8.21 -8.21 -2.37
C GLN A 69 -7.35 -9.35 -2.93
N SER A 70 -6.67 -10.09 -2.05
CA SER A 70 -6.00 -11.35 -2.43
C SER A 70 -6.65 -12.57 -1.76
N ARG A 71 -6.67 -13.71 -2.46
CA ARG A 71 -7.37 -14.94 -2.04
C ARG A 71 -6.62 -15.71 -0.95
N ASN A 72 -5.29 -15.68 -0.96
CA ASN A 72 -4.41 -16.44 -0.07
C ASN A 72 -2.97 -15.90 -0.02
N GLU A 73 -2.36 -15.63 -1.17
CA GLU A 73 -0.94 -15.25 -1.30
C GLU A 73 -0.71 -13.72 -1.31
N GLU A 74 0.45 -13.28 -0.77
CA GLU A 74 0.90 -11.87 -0.83
C GLU A 74 1.54 -11.50 -2.19
N GLU A 75 1.22 -12.22 -3.26
CA GLU A 75 1.65 -11.90 -4.64
C GLU A 75 1.21 -10.50 -5.11
N ALA A 76 0.19 -9.95 -4.45
CA ALA A 76 -0.37 -8.62 -4.70
C ALA A 76 0.70 -7.51 -4.72
N GLU A 77 1.78 -7.62 -3.93
CA GLU A 77 2.90 -6.65 -3.92
C GLU A 77 3.45 -6.42 -5.34
N LYS A 78 3.79 -7.49 -6.07
CA LYS A 78 4.30 -7.42 -7.45
C LYS A 78 3.19 -7.35 -8.50
N ARG A 79 2.08 -8.07 -8.29
CA ARG A 79 0.94 -8.10 -9.23
C ARG A 79 0.32 -6.72 -9.42
N ILE A 80 0.04 -6.00 -8.32
CA ILE A 80 -0.55 -4.67 -8.36
C ILE A 80 0.49 -3.59 -8.71
N GLN A 81 1.78 -3.78 -8.37
CA GLN A 81 2.86 -2.90 -8.85
C GLN A 81 2.82 -2.75 -10.38
N LYS A 82 2.63 -3.84 -11.11
CA LYS A 82 2.61 -3.81 -12.58
C LYS A 82 1.40 -3.02 -13.12
N GLU A 83 0.23 -3.21 -12.51
CA GLU A 83 -0.99 -2.43 -12.82
C GLU A 83 -0.81 -0.93 -12.50
N LEU A 84 -0.18 -0.62 -11.37
CA LEU A 84 0.09 0.75 -10.93
C LEU A 84 1.12 1.46 -11.82
N GLU A 85 2.17 0.76 -12.27
CA GLU A 85 3.17 1.30 -13.20
C GLU A 85 2.59 1.52 -14.60
N GLU A 86 1.66 0.68 -15.04
CA GLU A 86 0.95 0.83 -16.32
C GLU A 86 0.05 2.08 -16.35
N ARG A 87 -0.62 2.41 -15.23
CA ARG A 87 -1.50 3.58 -15.12
C ARG A 87 -0.83 4.87 -14.57
N ASN A 88 0.35 4.75 -13.95
CA ASN A 88 1.20 5.87 -13.53
C ASN A 88 2.59 5.75 -14.18
N PRO A 89 2.79 6.27 -15.42
CA PRO A 89 3.99 6.02 -16.22
C PRO A 89 5.25 6.77 -15.74
N ASN A 90 5.09 7.84 -14.96
CA ASN A 90 6.18 8.67 -14.43
C ASN A 90 5.97 8.91 -12.92
N ALA A 91 5.97 7.81 -12.15
CA ALA A 91 5.70 7.78 -10.72
C ALA A 91 6.58 6.75 -9.96
N GLU A 92 6.64 6.91 -8.64
CA GLU A 92 7.26 5.98 -7.70
C GLU A 92 6.17 5.28 -6.88
N ILE A 93 6.26 3.95 -6.78
CA ILE A 93 5.32 3.07 -6.06
C ILE A 93 6.05 2.42 -4.88
N GLN A 94 5.47 2.50 -3.69
CA GLN A 94 5.97 1.83 -2.47
C GLN A 94 4.86 1.05 -1.77
N VAL A 95 5.19 -0.08 -1.15
CA VAL A 95 4.28 -0.93 -0.36
C VAL A 95 4.61 -0.86 1.14
N VAL A 96 3.57 -0.72 1.98
CA VAL A 96 3.67 -0.67 3.44
C VAL A 96 2.76 -1.70 4.14
N ARG A 97 3.34 -2.41 5.13
CA ARG A 97 2.70 -3.39 6.03
C ARG A 97 2.73 -2.98 7.50
N SER A 98 3.52 -1.96 7.82
CA SER A 98 3.83 -1.51 9.19
C SER A 98 4.03 0.01 9.25
N GLU A 99 3.76 0.62 10.40
CA GLU A 99 4.09 2.04 10.65
C GLU A 99 5.59 2.33 10.48
N ASP A 100 6.47 1.34 10.73
CA ASP A 100 7.90 1.46 10.47
C ASP A 100 8.24 1.35 8.97
N GLU A 101 7.48 0.58 8.17
CA GLU A 101 7.62 0.63 6.70
C GLU A 101 7.13 1.98 6.13
N LEU A 102 6.09 2.59 6.71
CA LEU A 102 5.62 3.94 6.35
C LEU A 102 6.67 5.01 6.72
N LYS A 103 7.30 4.88 7.89
CA LYS A 103 8.42 5.71 8.36
C LYS A 103 9.65 5.62 7.45
N GLU A 104 9.97 4.42 6.95
CA GLU A 104 11.06 4.20 6.00
C GLU A 104 10.76 4.81 4.62
N ILE A 105 9.53 4.71 4.10
CA ILE A 105 9.10 5.40 2.86
C ILE A 105 9.34 6.92 2.98
N LEU A 106 9.01 7.50 4.14
CA LEU A 106 9.25 8.92 4.42
C LEU A 106 10.74 9.31 4.43
N ASP A 107 11.65 8.37 4.73
CA ASP A 107 13.10 8.61 4.71
C ASP A 107 13.69 8.39 3.30
N LYS A 108 13.21 7.35 2.60
CA LYS A 108 13.56 7.00 1.22
C LYS A 108 13.30 8.14 0.23
N LEU A 109 12.23 8.93 0.44
CA LEU A 109 11.85 10.04 -0.42
C LEU A 109 12.98 11.06 -0.62
N ASP A 110 13.82 11.30 0.39
CA ASP A 110 14.94 12.24 0.30
C ASP A 110 16.09 11.71 -0.59
N GLU A 111 16.35 10.41 -0.57
CA GLU A 111 17.36 9.77 -1.42
C GLU A 111 16.89 9.61 -2.87
N LYS A 112 15.59 9.32 -3.09
CA LYS A 112 14.99 9.12 -4.42
C LYS A 112 14.98 10.38 -5.29
N LYS A 113 14.95 11.58 -4.68
CA LYS A 113 15.14 12.88 -5.36
C LYS A 113 16.59 13.39 -5.34
N GLY A 114 17.38 12.97 -4.35
CA GLY A 114 18.77 13.42 -4.13
C GLY A 114 19.85 12.61 -4.87
N SER A 115 19.55 11.39 -5.32
CA SER A 115 20.51 10.44 -5.91
C SER A 115 19.91 9.66 -7.10
N TRP A 116 20.78 9.02 -7.88
CA TRP A 116 20.45 8.14 -9.00
C TRP A 116 20.26 6.66 -8.59
N SER A 117 20.32 6.37 -7.28
CA SER A 117 20.18 5.03 -6.70
C SER A 117 18.81 4.36 -6.96
N LEU A 118 18.78 3.02 -6.91
CA LEU A 118 17.63 2.18 -7.26
C LEU A 118 17.45 1.01 -6.27
N GLU A 119 16.23 0.52 -6.11
CA GLU A 119 15.89 -0.70 -5.36
C GLU A 119 14.99 -1.66 -6.16
N HIS A 120 14.99 -2.95 -5.79
CA HIS A 120 14.16 -4.00 -6.39
C HIS A 120 13.85 -5.13 -5.38
N HIS A 121 12.69 -5.78 -5.51
CA HIS A 121 12.34 -7.00 -4.79
C HIS A 121 11.42 -7.91 -5.63
N HIS A 122 11.71 -9.22 -5.62
CA HIS A 122 10.86 -10.27 -6.16
C HIS A 122 11.17 -11.62 -5.48
N HIS A 123 10.16 -12.25 -4.90
CA HIS A 123 10.20 -13.63 -4.38
C HIS A 123 8.82 -14.28 -4.46
N HIS A 124 8.76 -15.59 -4.73
CA HIS A 124 7.54 -16.40 -4.75
C HIS A 124 7.82 -17.87 -4.39
N HIS A 125 6.79 -18.59 -3.91
CA HIS A 125 6.84 -20.02 -3.59
C HIS A 125 6.58 -20.90 -4.84
N GLY A 1 0.24 16.50 2.44
CA GLY A 1 1.45 16.11 3.20
C GLY A 1 1.38 14.65 3.65
N SER A 2 2.54 14.01 3.83
CA SER A 2 2.68 12.56 4.10
C SER A 2 1.97 12.07 5.37
N GLU A 3 1.74 12.95 6.35
CA GLU A 3 0.95 12.66 7.55
C GLU A 3 -0.47 12.16 7.23
N GLU A 4 -1.10 12.65 6.15
CA GLU A 4 -2.44 12.20 5.74
C GLU A 4 -2.43 10.72 5.30
N ILE A 5 -1.35 10.27 4.66
CA ILE A 5 -1.17 8.89 4.19
C ILE A 5 -0.79 7.96 5.36
N ARG A 6 0.02 8.46 6.31
CA ARG A 6 0.34 7.77 7.56
C ARG A 6 -0.89 7.63 8.48
N GLU A 7 -1.76 8.63 8.55
CA GLU A 7 -3.02 8.50 9.30
C GLU A 7 -4.03 7.61 8.60
N LEU A 8 -4.10 7.60 7.26
CA LEU A 8 -5.01 6.73 6.50
C LEU A 8 -4.81 5.25 6.88
N VAL A 9 -3.58 4.74 6.85
CA VAL A 9 -3.30 3.33 7.18
C VAL A 9 -3.66 3.00 8.64
N ARG A 10 -3.49 3.97 9.56
CA ARG A 10 -3.85 3.82 10.99
C ARG A 10 -5.36 3.65 11.16
N LYS A 11 -6.16 4.41 10.39
CA LYS A 11 -7.62 4.26 10.41
C LYS A 11 -8.02 2.88 9.87
N ILE A 12 -7.31 2.36 8.86
CA ILE A 12 -7.63 1.07 8.25
C ILE A 12 -7.26 -0.10 9.17
N TYR A 13 -6.03 -0.14 9.70
CA TYR A 13 -5.58 -1.23 10.58
C TYR A 13 -6.43 -1.32 11.87
N GLU A 14 -6.96 -0.19 12.38
CA GLU A 14 -7.92 -0.16 13.50
C GLU A 14 -9.32 -0.65 13.07
N THR A 15 -9.80 -0.23 11.89
CA THR A 15 -11.12 -0.66 11.37
C THR A 15 -11.16 -2.16 11.04
N VAL A 16 -10.09 -2.71 10.47
CA VAL A 16 -10.00 -4.13 10.08
C VAL A 16 -9.81 -5.07 11.26
N ARG A 17 -9.01 -4.71 12.28
CA ARG A 17 -8.85 -5.56 13.48
C ARG A 17 -10.12 -5.64 14.32
N LYS A 18 -10.97 -4.60 14.27
CA LYS A 18 -12.34 -4.60 14.83
C LYS A 18 -13.28 -5.60 14.14
N GLU A 19 -13.04 -5.94 12.88
CA GLU A 19 -13.80 -6.98 12.15
C GLU A 19 -13.17 -8.37 12.34
N ASN A 20 -11.85 -8.49 12.17
CA ASN A 20 -11.07 -9.72 12.38
C ASN A 20 -9.56 -9.38 12.59
N PRO A 21 -8.92 -9.79 13.71
CA PRO A 21 -7.49 -9.52 13.97
C PRO A 21 -6.51 -10.43 13.19
N ASN A 22 -6.97 -11.52 12.58
CA ASN A 22 -6.13 -12.50 11.86
C ASN A 22 -5.57 -11.98 10.53
N VAL A 23 -6.41 -11.27 9.78
CA VAL A 23 -6.17 -10.77 8.41
C VAL A 23 -5.15 -9.63 8.35
N LYS A 24 -4.32 -9.61 7.28
CA LYS A 24 -3.25 -8.64 7.03
C LYS A 24 -3.60 -7.68 5.89
N ILE A 25 -2.96 -6.52 5.85
CA ILE A 25 -3.26 -5.39 4.95
C ILE A 25 -2.04 -5.04 4.09
N LEU A 26 -2.29 -4.62 2.85
CA LEU A 26 -1.32 -4.02 1.94
C LEU A 26 -1.79 -2.62 1.58
N ILE A 27 -0.89 -1.65 1.54
CA ILE A 27 -1.16 -0.31 0.98
C ILE A 27 -0.11 0.01 -0.08
N PHE A 28 -0.56 0.52 -1.24
CA PHE A 28 0.30 1.12 -2.26
C PHE A 28 0.27 2.63 -2.10
N ILE A 29 1.44 3.27 -2.13
CA ILE A 29 1.62 4.72 -2.02
C ILE A 29 2.32 5.20 -3.29
N ILE A 30 1.71 6.14 -4.00
CA ILE A 30 2.19 6.65 -5.29
C ILE A 30 2.64 8.10 -5.15
N PHE A 31 3.84 8.41 -5.65
CA PHE A 31 4.34 9.77 -5.80
C PHE A 31 4.63 10.02 -7.28
N THR A 32 3.84 10.87 -7.95
CA THR A 32 4.08 11.22 -9.37
C THR A 32 5.12 12.35 -9.51
N SER A 33 5.73 12.48 -10.70
CA SER A 33 6.66 13.57 -11.03
C SER A 33 6.01 14.96 -10.99
N ASP A 34 4.66 15.03 -11.08
CA ASP A 34 3.88 16.27 -10.92
C ASP A 34 3.46 16.56 -9.46
N GLY A 35 3.84 15.67 -8.51
CA GLY A 35 3.54 15.80 -7.08
C GLY A 35 2.17 15.26 -6.65
N THR A 36 1.46 14.53 -7.52
CA THR A 36 0.15 13.92 -7.22
C THR A 36 0.32 12.64 -6.40
N ILE A 37 -0.64 12.35 -5.52
CA ILE A 37 -0.66 11.19 -4.63
C ILE A 37 -1.87 10.29 -4.89
N LYS A 38 -1.67 8.97 -4.84
CA LYS A 38 -2.73 7.94 -4.79
C LYS A 38 -2.44 6.96 -3.66
N VAL A 39 -3.48 6.38 -3.08
CA VAL A 39 -3.41 5.25 -2.14
C VAL A 39 -4.38 4.14 -2.53
N ILE A 40 -3.87 2.91 -2.68
CA ILE A 40 -4.65 1.71 -3.05
C ILE A 40 -4.53 0.69 -1.91
N ILE A 41 -5.63 0.06 -1.49
CA ILE A 41 -5.64 -0.83 -0.31
C ILE A 41 -5.98 -2.26 -0.71
N VAL A 42 -5.25 -3.25 -0.19
CA VAL A 42 -5.48 -4.68 -0.43
C VAL A 42 -5.64 -5.40 0.91
N ILE A 43 -6.60 -6.31 0.98
CA ILE A 43 -6.81 -7.19 2.13
C ILE A 43 -6.31 -8.59 1.81
N ILE A 44 -5.47 -9.15 2.71
CA ILE A 44 -4.82 -10.45 2.59
C ILE A 44 -5.25 -11.35 3.77
N ALA A 45 -6.21 -12.23 3.55
CA ALA A 45 -6.69 -13.21 4.54
C ALA A 45 -6.44 -14.65 4.08
N ASP A 46 -6.45 -15.61 5.02
CA ASP A 46 -6.17 -17.02 4.73
C ASP A 46 -7.21 -17.68 3.79
N ASP A 47 -8.43 -17.13 3.75
CA ASP A 47 -9.54 -17.52 2.89
C ASP A 47 -10.26 -16.28 2.31
N PRO A 48 -10.54 -16.21 0.98
CA PRO A 48 -11.11 -15.03 0.34
C PRO A 48 -12.53 -14.69 0.80
N ASN A 49 -13.29 -15.64 1.35
CA ASN A 49 -14.66 -15.38 1.84
C ASN A 49 -14.65 -14.47 3.07
N ASP A 50 -13.57 -14.47 3.86
CA ASP A 50 -13.38 -13.50 4.94
C ASP A 50 -12.93 -12.15 4.38
N ALA A 51 -11.91 -12.14 3.50
CA ALA A 51 -11.34 -10.93 2.92
C ALA A 51 -12.41 -10.03 2.27
N LYS A 52 -13.34 -10.61 1.52
CA LYS A 52 -14.47 -9.90 0.89
C LYS A 52 -15.29 -9.06 1.89
N ARG A 53 -15.52 -9.55 3.10
CA ARG A 53 -16.26 -8.82 4.17
C ARG A 53 -15.50 -7.59 4.66
N ILE A 54 -14.18 -7.74 4.83
CA ILE A 54 -13.27 -6.67 5.26
C ILE A 54 -13.18 -5.59 4.18
N VAL A 55 -12.99 -6.01 2.92
CA VAL A 55 -12.91 -5.12 1.75
C VAL A 55 -14.17 -4.28 1.64
N LYS A 56 -15.35 -4.89 1.79
CA LYS A 56 -16.65 -4.19 1.79
C LYS A 56 -16.70 -3.12 2.89
N LYS A 57 -16.14 -3.38 4.08
CA LYS A 57 -16.09 -2.40 5.18
C LYS A 57 -15.16 -1.22 4.85
N ILE A 58 -14.00 -1.44 4.23
CA ILE A 58 -13.11 -0.35 3.77
C ILE A 58 -13.74 0.44 2.61
N GLN A 59 -14.50 -0.23 1.74
CA GLN A 59 -15.24 0.44 0.65
C GLN A 59 -16.35 1.37 1.20
N GLU A 60 -16.98 1.02 2.33
CA GLU A 60 -17.92 1.89 3.04
C GLU A 60 -17.22 2.98 3.89
N ARG A 61 -16.02 2.71 4.40
CA ARG A 61 -15.20 3.64 5.19
C ARG A 61 -14.58 4.75 4.33
N PHE A 62 -14.11 4.38 3.13
CA PHE A 62 -13.44 5.25 2.15
C PHE A 62 -13.99 5.05 0.73
N PRO A 63 -15.26 5.45 0.45
CA PRO A 63 -15.89 5.26 -0.86
C PRO A 63 -15.24 6.03 -2.02
N LYS A 64 -14.33 6.98 -1.73
CA LYS A 64 -13.54 7.73 -2.72
C LYS A 64 -12.17 7.10 -3.04
N LEU A 65 -11.76 6.03 -2.35
CA LEU A 65 -10.51 5.29 -2.58
C LEU A 65 -10.76 3.96 -3.31
N THR A 66 -9.80 3.54 -4.14
CA THR A 66 -9.83 2.26 -4.87
C THR A 66 -9.11 1.16 -4.07
N ILE A 67 -9.74 -0.01 -3.96
CA ILE A 67 -9.26 -1.15 -3.16
C ILE A 67 -9.37 -2.49 -3.91
N LYS A 68 -8.61 -3.49 -3.47
CA LYS A 68 -8.48 -4.84 -4.07
C LYS A 68 -8.50 -5.94 -2.98
N GLN A 69 -8.53 -7.22 -3.39
CA GLN A 69 -8.51 -8.38 -2.48
C GLN A 69 -7.53 -9.48 -2.93
N SER A 70 -6.94 -10.21 -1.98
CA SER A 70 -6.10 -11.39 -2.23
C SER A 70 -6.51 -12.60 -1.37
N ARG A 71 -6.05 -13.79 -1.75
CA ARG A 71 -6.23 -15.05 -1.00
C ARG A 71 -4.89 -15.66 -0.57
N ASN A 72 -4.76 -15.94 0.72
CA ASN A 72 -3.67 -16.64 1.42
C ASN A 72 -2.25 -16.02 1.34
N GLU A 73 -1.87 -15.35 0.26
CA GLU A 73 -0.54 -14.80 -0.03
C GLU A 73 -0.57 -13.31 -0.39
N GLU A 74 0.48 -12.58 -0.04
CA GLU A 74 0.70 -11.16 -0.36
C GLU A 74 1.27 -10.91 -1.77
N GLU A 75 1.12 -11.87 -2.69
CA GLU A 75 1.59 -11.82 -4.09
C GLU A 75 1.01 -10.62 -4.88
N ALA A 76 -0.11 -10.06 -4.40
CA ALA A 76 -0.70 -8.80 -4.85
C ALA A 76 0.33 -7.64 -4.90
N GLU A 77 1.38 -7.67 -4.07
CA GLU A 77 2.51 -6.72 -4.07
C GLU A 77 3.15 -6.57 -5.46
N LYS A 78 3.33 -7.67 -6.20
CA LYS A 78 3.88 -7.69 -7.57
C LYS A 78 2.79 -7.60 -8.65
N ARG A 79 1.65 -8.28 -8.43
CA ARG A 79 0.52 -8.34 -9.39
C ARG A 79 -0.09 -6.96 -9.64
N ILE A 80 -0.33 -6.19 -8.57
CA ILE A 80 -0.84 -4.81 -8.65
C ILE A 80 0.26 -3.79 -9.02
N GLN A 81 1.54 -4.03 -8.67
CA GLN A 81 2.65 -3.20 -9.15
C GLN A 81 2.61 -3.03 -10.67
N LYS A 82 2.44 -4.14 -11.41
CA LYS A 82 2.40 -4.12 -12.87
C LYS A 82 1.22 -3.29 -13.41
N GLU A 83 0.07 -3.39 -12.75
CA GLU A 83 -1.13 -2.59 -13.05
C GLU A 83 -0.92 -1.09 -12.79
N LEU A 84 -0.25 -0.76 -11.68
CA LEU A 84 0.05 0.62 -11.30
C LEU A 84 1.12 1.28 -12.17
N GLU A 85 2.13 0.53 -12.62
CA GLU A 85 3.10 1.00 -13.63
C GLU A 85 2.44 1.27 -15.00
N GLU A 86 1.38 0.53 -15.34
CA GLU A 86 0.65 0.71 -16.61
C GLU A 86 -0.18 2.01 -16.63
N ARG A 87 -0.78 2.42 -15.50
CA ARG A 87 -1.56 3.67 -15.39
C ARG A 87 -0.82 4.88 -14.81
N ASN A 88 0.37 4.71 -14.22
CA ASN A 88 1.24 5.81 -13.78
C ASN A 88 2.62 5.72 -14.50
N PRO A 89 2.81 6.41 -15.65
CA PRO A 89 4.03 6.31 -16.46
C PRO A 89 5.22 7.12 -15.90
N ASN A 90 4.96 8.12 -15.05
CA ASN A 90 5.95 9.05 -14.48
C ASN A 90 5.74 9.15 -12.95
N ALA A 91 5.93 8.01 -12.26
CA ALA A 91 5.68 7.89 -10.82
C ALA A 91 6.57 6.84 -10.12
N GLU A 92 6.60 6.92 -8.79
CA GLU A 92 7.18 5.91 -7.90
C GLU A 92 6.05 5.19 -7.16
N ILE A 93 6.11 3.86 -7.10
CA ILE A 93 5.15 3.00 -6.41
C ILE A 93 5.86 2.33 -5.24
N GLN A 94 5.34 2.54 -4.03
CA GLN A 94 5.85 1.94 -2.81
C GLN A 94 4.77 1.04 -2.19
N VAL A 95 5.15 -0.14 -1.67
CA VAL A 95 4.25 -1.00 -0.88
C VAL A 95 4.62 -0.95 0.59
N VAL A 96 3.62 -0.78 1.46
CA VAL A 96 3.73 -0.85 2.92
C VAL A 96 2.76 -1.87 3.52
N ARG A 97 3.26 -2.67 4.45
CA ARG A 97 2.52 -3.68 5.24
C ARG A 97 2.88 -3.68 6.74
N SER A 98 3.55 -2.62 7.21
CA SER A 98 3.81 -2.32 8.61
C SER A 98 3.87 -0.80 8.85
N GLU A 99 3.53 -0.34 10.04
CA GLU A 99 3.59 1.08 10.43
C GLU A 99 5.03 1.63 10.38
N ASP A 100 6.04 0.80 10.70
CA ASP A 100 7.45 1.14 10.61
C ASP A 100 7.95 1.23 9.15
N GLU A 101 7.38 0.42 8.25
CA GLU A 101 7.68 0.49 6.81
C GLU A 101 7.19 1.81 6.19
N LEU A 102 6.08 2.38 6.66
CA LEU A 102 5.64 3.73 6.25
C LEU A 102 6.58 4.80 6.81
N LYS A 103 7.06 4.63 8.05
CA LYS A 103 8.08 5.51 8.66
C LYS A 103 9.37 5.51 7.85
N GLU A 104 9.77 4.37 7.29
CA GLU A 104 10.88 4.27 6.34
C GLU A 104 10.60 4.98 5.01
N ILE A 105 9.41 4.82 4.39
CA ILE A 105 9.04 5.58 3.19
C ILE A 105 9.15 7.10 3.45
N LEU A 106 8.71 7.55 4.63
CA LEU A 106 8.81 8.96 5.04
C LEU A 106 10.26 9.46 5.19
N ASP A 107 11.22 8.59 5.52
CA ASP A 107 12.66 8.92 5.48
C ASP A 107 13.18 8.91 4.04
N LYS A 108 12.82 7.90 3.25
CA LYS A 108 13.27 7.69 1.86
C LYS A 108 12.88 8.85 0.94
N LEU A 109 11.72 9.46 1.15
CA LEU A 109 11.28 10.67 0.44
C LEU A 109 12.26 11.85 0.57
N ASP A 110 12.93 11.99 1.72
CA ASP A 110 14.02 12.97 1.93
C ASP A 110 15.38 12.42 1.48
N GLU A 111 15.66 11.14 1.75
CA GLU A 111 16.96 10.49 1.49
C GLU A 111 17.33 10.45 -0.01
N LYS A 112 16.32 10.42 -0.90
CA LYS A 112 16.47 10.49 -2.37
C LYS A 112 17.22 11.74 -2.87
N LYS A 113 17.30 12.80 -2.06
CA LYS A 113 18.07 14.04 -2.35
C LYS A 113 19.59 13.83 -2.34
N GLY A 114 20.09 12.77 -1.68
CA GLY A 114 21.51 12.48 -1.51
C GLY A 114 21.81 11.00 -1.23
N SER A 115 22.50 10.72 -0.12
CA SER A 115 22.95 9.39 0.32
C SER A 115 23.88 8.67 -0.68
N TRP A 116 24.16 7.39 -0.43
CA TRP A 116 25.09 6.53 -1.18
C TRP A 116 24.45 5.18 -1.57
N SER A 117 25.16 4.42 -2.42
CA SER A 117 24.78 3.08 -2.90
C SER A 117 25.90 2.05 -2.65
N LEU A 118 25.55 0.76 -2.71
CA LEU A 118 26.46 -0.37 -2.46
C LEU A 118 26.39 -1.38 -3.62
N GLU A 119 27.51 -1.62 -4.28
CA GLU A 119 27.60 -2.35 -5.57
C GLU A 119 27.71 -3.89 -5.43
N HIS A 120 27.04 -4.49 -4.43
CA HIS A 120 26.97 -5.95 -4.24
C HIS A 120 25.93 -6.59 -5.19
N HIS A 121 26.23 -6.55 -6.50
CA HIS A 121 25.39 -7.12 -7.56
C HIS A 121 25.53 -8.64 -7.61
N HIS A 122 24.50 -9.36 -7.13
CA HIS A 122 24.49 -10.83 -7.01
C HIS A 122 23.07 -11.38 -7.22
N HIS A 123 22.93 -12.41 -8.06
CA HIS A 123 21.67 -13.09 -8.39
C HIS A 123 21.90 -14.52 -8.90
N HIS A 124 20.93 -15.41 -8.65
CA HIS A 124 20.93 -16.80 -9.13
C HIS A 124 20.07 -17.02 -10.40
N HIS A 125 19.20 -16.04 -10.74
CA HIS A 125 18.37 -16.01 -11.94
C HIS A 125 19.18 -15.54 -13.18
N GLY A 1 2.23 15.67 2.81
CA GLY A 1 3.34 14.82 3.32
C GLY A 1 2.83 13.48 3.85
N SER A 2 3.66 12.45 3.82
CA SER A 2 3.27 11.05 4.14
C SER A 2 2.72 10.85 5.56
N GLU A 3 3.05 11.71 6.52
CA GLU A 3 2.46 11.69 7.87
C GLU A 3 0.91 11.84 7.86
N GLU A 4 0.36 12.56 6.88
CA GLU A 4 -1.09 12.72 6.65
C GLU A 4 -1.75 11.43 6.11
N ILE A 5 -0.95 10.47 5.64
CA ILE A 5 -1.36 9.13 5.17
C ILE A 5 -1.06 8.07 6.26
N ARG A 6 0.00 8.27 7.05
CA ARG A 6 0.35 7.49 8.25
C ARG A 6 -0.78 7.44 9.28
N GLU A 7 -1.61 8.49 9.35
CA GLU A 7 -2.83 8.48 10.18
C GLU A 7 -3.96 7.60 9.61
N LEU A 8 -4.10 7.55 8.28
CA LEU A 8 -5.22 6.91 7.59
C LEU A 8 -5.11 5.39 7.65
N VAL A 9 -3.92 4.84 7.43
CA VAL A 9 -3.65 3.39 7.56
C VAL A 9 -4.02 2.86 8.96
N ARG A 10 -3.85 3.66 10.01
CA ARG A 10 -4.23 3.29 11.39
C ARG A 10 -5.74 3.21 11.58
N LYS A 11 -6.51 4.08 10.91
CA LYS A 11 -7.99 4.00 10.91
C LYS A 11 -8.47 2.72 10.22
N ILE A 12 -7.79 2.31 9.16
CA ILE A 12 -8.05 1.04 8.47
C ILE A 12 -7.67 -0.15 9.37
N TYR A 13 -6.46 -0.17 9.94
CA TYR A 13 -5.98 -1.29 10.76
C TYR A 13 -6.84 -1.51 12.01
N GLU A 14 -7.43 -0.46 12.60
CA GLU A 14 -8.44 -0.59 13.66
C GLU A 14 -9.77 -1.15 13.13
N THR A 15 -10.23 -0.71 11.96
CA THR A 15 -11.53 -1.13 11.36
C THR A 15 -11.50 -2.59 10.89
N VAL A 16 -10.39 -3.04 10.29
CA VAL A 16 -10.21 -4.41 9.78
C VAL A 16 -10.07 -5.43 10.93
N ARG A 17 -9.32 -5.10 12.01
CA ARG A 17 -9.14 -6.01 13.16
C ARG A 17 -10.40 -6.15 14.02
N LYS A 18 -11.28 -5.13 14.01
CA LYS A 18 -12.63 -5.20 14.61
C LYS A 18 -13.53 -6.24 13.94
N GLU A 19 -13.32 -6.54 12.66
CA GLU A 19 -14.02 -7.63 11.94
C GLU A 19 -13.27 -8.96 12.06
N ASN A 20 -11.96 -9.00 11.79
CA ASN A 20 -11.10 -10.18 11.95
C ASN A 20 -9.62 -9.76 12.14
N PRO A 21 -8.98 -10.07 13.29
CA PRO A 21 -7.60 -9.65 13.58
C PRO A 21 -6.51 -10.51 12.89
N ASN A 22 -6.86 -11.66 12.28
CA ASN A 22 -5.89 -12.55 11.62
C ASN A 22 -5.47 -12.05 10.23
N VAL A 23 -6.41 -11.42 9.52
CA VAL A 23 -6.25 -10.73 8.23
C VAL A 23 -5.08 -9.73 8.24
N LYS A 24 -4.32 -9.70 7.14
CA LYS A 24 -3.21 -8.77 6.86
C LYS A 24 -3.63 -7.73 5.82
N ILE A 25 -2.97 -6.57 5.81
CA ILE A 25 -3.25 -5.45 4.90
C ILE A 25 -1.96 -4.98 4.23
N LEU A 26 -2.08 -4.56 2.97
CA LEU A 26 -1.06 -3.88 2.19
C LEU A 26 -1.59 -2.51 1.76
N ILE A 27 -0.78 -1.45 1.89
CA ILE A 27 -1.11 -0.12 1.38
C ILE A 27 -0.10 0.26 0.30
N PHE A 28 -0.55 0.73 -0.86
CA PHE A 28 0.31 1.15 -1.97
C PHE A 28 0.27 2.68 -2.05
N ILE A 29 1.42 3.32 -1.91
CA ILE A 29 1.61 4.76 -1.99
C ILE A 29 2.26 5.06 -3.34
N ILE A 30 1.63 5.96 -4.12
CA ILE A 30 2.06 6.28 -5.48
C ILE A 30 2.57 7.71 -5.51
N PHE A 31 3.77 7.91 -6.06
CA PHE A 31 4.39 9.22 -6.25
C PHE A 31 4.52 9.51 -7.74
N THR A 32 3.76 10.50 -8.25
CA THR A 32 3.80 10.89 -9.67
C THR A 32 4.87 11.95 -9.96
N SER A 33 5.30 12.06 -11.22
CA SER A 33 6.20 13.13 -11.68
C SER A 33 5.62 14.55 -11.48
N ASP A 34 4.29 14.67 -11.46
CA ASP A 34 3.56 15.92 -11.17
C ASP A 34 3.44 16.23 -9.66
N GLY A 35 3.93 15.34 -8.79
CA GLY A 35 3.94 15.51 -7.32
C GLY A 35 2.63 15.13 -6.61
N THR A 36 1.74 14.40 -7.28
CA THR A 36 0.49 13.87 -6.69
C THR A 36 0.78 12.59 -5.88
N ILE A 37 0.07 12.41 -4.76
CA ILE A 37 0.05 11.16 -3.99
C ILE A 37 -1.30 10.44 -4.18
N LYS A 38 -1.24 9.15 -4.54
CA LYS A 38 -2.38 8.21 -4.58
C LYS A 38 -2.19 7.08 -3.57
N VAL A 39 -3.29 6.54 -3.06
CA VAL A 39 -3.29 5.42 -2.09
C VAL A 39 -4.29 4.33 -2.49
N ILE A 40 -3.83 3.08 -2.48
CA ILE A 40 -4.63 1.86 -2.73
C ILE A 40 -4.53 0.95 -1.50
N ILE A 41 -5.62 0.27 -1.11
CA ILE A 41 -5.65 -0.63 0.04
C ILE A 41 -5.98 -2.05 -0.42
N VAL A 42 -5.18 -3.03 -0.02
CA VAL A 42 -5.36 -4.44 -0.39
C VAL A 42 -5.46 -5.31 0.85
N ILE A 43 -6.54 -6.09 0.95
CA ILE A 43 -6.79 -7.01 2.06
C ILE A 43 -6.27 -8.41 1.69
N ILE A 44 -5.48 -9.01 2.57
CA ILE A 44 -4.87 -10.33 2.42
C ILE A 44 -5.40 -11.25 3.54
N ALA A 45 -6.26 -12.22 3.20
CA ALA A 45 -6.89 -13.12 4.19
C ALA A 45 -6.75 -14.61 3.83
N ASP A 46 -7.06 -15.47 4.80
CA ASP A 46 -6.96 -16.94 4.69
C ASP A 46 -7.92 -17.55 3.65
N ASP A 47 -9.03 -16.86 3.36
CA ASP A 47 -10.02 -17.19 2.33
C ASP A 47 -10.50 -15.90 1.63
N PRO A 48 -10.66 -15.87 0.29
CA PRO A 48 -11.10 -14.66 -0.42
C PRO A 48 -12.52 -14.20 -0.02
N ASN A 49 -13.39 -15.10 0.46
CA ASN A 49 -14.72 -14.71 0.96
C ASN A 49 -14.66 -13.97 2.30
N ASP A 50 -13.67 -14.30 3.14
CA ASP A 50 -13.38 -13.53 4.36
C ASP A 50 -12.74 -12.19 4.01
N ALA A 51 -11.86 -12.11 3.00
CA ALA A 51 -11.31 -10.84 2.51
C ALA A 51 -12.43 -9.92 1.98
N LYS A 52 -13.35 -10.43 1.15
CA LYS A 52 -14.46 -9.65 0.59
C LYS A 52 -15.33 -8.95 1.65
N ARG A 53 -15.56 -9.58 2.82
CA ARG A 53 -16.24 -8.95 3.97
C ARG A 53 -15.50 -7.71 4.48
N ILE A 54 -14.19 -7.80 4.62
CA ILE A 54 -13.34 -6.68 5.08
C ILE A 54 -13.30 -5.58 4.01
N VAL A 55 -13.02 -5.97 2.75
CA VAL A 55 -12.90 -5.06 1.60
C VAL A 55 -14.18 -4.23 1.45
N LYS A 56 -15.35 -4.87 1.53
CA LYS A 56 -16.65 -4.17 1.48
C LYS A 56 -16.78 -3.11 2.58
N LYS A 57 -16.29 -3.38 3.80
CA LYS A 57 -16.33 -2.39 4.89
C LYS A 57 -15.43 -1.18 4.62
N ILE A 58 -14.22 -1.39 4.08
CA ILE A 58 -13.33 -0.29 3.66
C ILE A 58 -13.92 0.47 2.46
N GLN A 59 -14.61 -0.22 1.54
CA GLN A 59 -15.30 0.40 0.40
C GLN A 59 -16.44 1.33 0.84
N GLU A 60 -17.22 0.92 1.85
CA GLU A 60 -18.33 1.72 2.40
C GLU A 60 -17.86 2.85 3.32
N ARG A 61 -16.74 2.64 4.04
CA ARG A 61 -16.13 3.63 4.97
C ARG A 61 -15.33 4.72 4.23
N PHE A 62 -14.62 4.34 3.17
CA PHE A 62 -13.74 5.22 2.38
C PHE A 62 -14.05 5.12 0.86
N PRO A 63 -15.27 5.51 0.41
CA PRO A 63 -15.73 5.32 -0.96
C PRO A 63 -14.96 6.12 -2.02
N LYS A 64 -14.20 7.14 -1.61
CA LYS A 64 -13.31 7.94 -2.48
C LYS A 64 -12.00 7.21 -2.83
N LEU A 65 -11.60 6.20 -2.03
CA LEU A 65 -10.37 5.42 -2.23
C LEU A 65 -10.62 4.13 -3.03
N THR A 66 -9.66 3.74 -3.86
CA THR A 66 -9.67 2.47 -4.61
C THR A 66 -9.00 1.35 -3.82
N ILE A 67 -9.59 0.15 -3.80
CA ILE A 67 -9.14 -1.01 -3.01
C ILE A 67 -9.17 -2.32 -3.80
N LYS A 68 -8.41 -3.33 -3.35
CA LYS A 68 -8.33 -4.69 -3.95
C LYS A 68 -8.33 -5.81 -2.89
N GLN A 69 -8.35 -7.07 -3.33
CA GLN A 69 -8.36 -8.27 -2.47
C GLN A 69 -7.37 -9.34 -2.93
N SER A 70 -6.81 -10.12 -1.98
CA SER A 70 -5.97 -11.30 -2.24
C SER A 70 -6.16 -12.40 -1.19
N ARG A 71 -5.74 -13.61 -1.56
CA ARG A 71 -5.73 -14.84 -0.74
C ARG A 71 -4.36 -15.55 -0.68
N ASN A 72 -3.29 -14.86 -1.06
CA ASN A 72 -1.90 -15.33 -0.97
C ASN A 72 -1.00 -14.31 -0.27
N GLU A 73 -0.13 -14.79 0.63
CA GLU A 73 0.87 -13.97 1.32
C GLU A 73 2.02 -13.52 0.40
N GLU A 74 2.54 -12.32 0.65
CA GLU A 74 3.64 -11.61 -0.04
C GLU A 74 3.44 -11.30 -1.55
N GLU A 75 2.74 -12.15 -2.30
CA GLU A 75 2.57 -12.06 -3.77
C GLU A 75 1.95 -10.73 -4.20
N ALA A 76 0.91 -10.26 -3.50
CA ALA A 76 0.16 -9.06 -3.85
C ALA A 76 1.04 -7.79 -3.88
N GLU A 77 2.09 -7.71 -3.05
CA GLU A 77 2.98 -6.55 -2.96
C GLU A 77 3.77 -6.29 -4.25
N LYS A 78 4.01 -7.34 -5.05
CA LYS A 78 4.62 -7.28 -6.39
C LYS A 78 3.59 -7.45 -7.53
N ARG A 79 2.54 -8.24 -7.34
CA ARG A 79 1.49 -8.48 -8.34
C ARG A 79 0.67 -7.22 -8.64
N ILE A 80 0.23 -6.52 -7.60
CA ILE A 80 -0.57 -5.30 -7.76
C ILE A 80 0.28 -4.15 -8.32
N GLN A 81 1.58 -4.11 -8.01
CA GLN A 81 2.50 -3.12 -8.60
C GLN A 81 2.46 -3.11 -10.12
N LYS A 82 2.39 -4.27 -10.76
CA LYS A 82 2.38 -4.32 -12.23
C LYS A 82 1.07 -3.79 -12.80
N GLU A 83 -0.06 -4.08 -12.15
CA GLU A 83 -1.38 -3.50 -12.47
C GLU A 83 -1.39 -1.97 -12.29
N LEU A 84 -0.73 -1.48 -11.23
CA LEU A 84 -0.56 -0.06 -10.96
C LEU A 84 0.38 0.64 -11.95
N GLU A 85 1.48 0.02 -12.36
CA GLU A 85 2.43 0.54 -13.35
C GLU A 85 1.77 0.71 -14.74
N GLU A 86 0.91 -0.25 -15.14
CA GLU A 86 0.18 -0.19 -16.41
C GLU A 86 -0.85 0.96 -16.47
N ARG A 87 -1.37 1.41 -15.31
CA ARG A 87 -2.42 2.46 -15.24
C ARG A 87 -1.95 3.83 -14.70
N ASN A 88 -0.73 3.96 -14.17
CA ASN A 88 -0.13 5.22 -13.73
C ASN A 88 1.10 5.57 -14.60
N PRO A 89 0.98 6.42 -15.62
CA PRO A 89 2.12 6.89 -16.42
C PRO A 89 3.03 7.80 -15.60
N ASN A 90 4.36 7.61 -15.75
CA ASN A 90 5.42 8.37 -15.07
C ASN A 90 5.22 8.49 -13.53
N ALA A 91 5.01 7.34 -12.89
CA ALA A 91 4.82 7.18 -11.44
C ALA A 91 5.77 6.14 -10.83
N GLU A 92 6.00 6.24 -9.52
CA GLU A 92 6.69 5.26 -8.69
C GLU A 92 5.72 4.72 -7.63
N ILE A 93 5.68 3.39 -7.45
CA ILE A 93 4.84 2.71 -6.46
C ILE A 93 5.71 2.22 -5.29
N GLN A 94 5.28 2.50 -4.07
CA GLN A 94 5.91 2.03 -2.84
C GLN A 94 4.85 1.39 -1.95
N VAL A 95 4.99 0.08 -1.67
CA VAL A 95 4.05 -0.67 -0.84
C VAL A 95 4.57 -0.76 0.59
N VAL A 96 3.67 -0.49 1.55
CA VAL A 96 3.96 -0.34 2.98
C VAL A 96 3.12 -1.31 3.80
N ARG A 97 3.75 -1.92 4.82
CA ARG A 97 3.17 -2.98 5.67
C ARG A 97 3.06 -2.58 7.15
N SER A 98 3.69 -1.46 7.54
CA SER A 98 3.68 -0.90 8.90
C SER A 98 3.78 0.63 8.88
N GLU A 99 3.24 1.30 9.90
CA GLU A 99 3.45 2.74 10.12
C GLU A 99 4.94 3.12 10.27
N ASP A 100 5.77 2.19 10.76
CA ASP A 100 7.24 2.38 10.83
C ASP A 100 7.88 2.37 9.43
N GLU A 101 7.38 1.53 8.52
CA GLU A 101 7.80 1.52 7.10
C GLU A 101 7.30 2.76 6.35
N LEU A 102 6.14 3.32 6.74
CA LEU A 102 5.59 4.57 6.20
C LEU A 102 6.44 5.79 6.62
N LYS A 103 6.94 5.78 7.85
CA LYS A 103 7.95 6.74 8.35
C LYS A 103 9.27 6.62 7.58
N GLU A 104 9.68 5.42 7.17
CA GLU A 104 10.88 5.24 6.34
C GLU A 104 10.67 5.74 4.90
N ILE A 105 9.49 5.56 4.29
CA ILE A 105 9.17 6.12 2.95
C ILE A 105 9.31 7.65 2.98
N LEU A 106 8.85 8.28 4.05
CA LEU A 106 8.98 9.73 4.27
C LEU A 106 10.45 10.19 4.36
N ASP A 107 11.36 9.34 4.89
CA ASP A 107 12.81 9.61 4.91
C ASP A 107 13.46 9.35 3.54
N LYS A 108 13.04 8.28 2.84
CA LYS A 108 13.52 7.89 1.50
C LYS A 108 13.19 8.95 0.44
N LEU A 109 12.07 9.66 0.58
CA LEU A 109 11.72 10.82 -0.25
C LEU A 109 12.78 11.96 -0.19
N ASP A 110 13.51 12.10 0.92
CA ASP A 110 14.64 13.04 1.03
C ASP A 110 15.99 12.39 0.62
N GLU A 111 16.23 11.14 1.04
CA GLU A 111 17.49 10.41 0.80
C GLU A 111 17.77 10.14 -0.68
N LYS A 112 16.73 10.08 -1.54
CA LYS A 112 16.82 9.82 -2.99
C LYS A 112 17.75 10.78 -3.75
N LYS A 113 18.00 11.98 -3.22
CA LYS A 113 18.82 13.04 -3.83
C LYS A 113 20.31 12.68 -3.98
N GLY A 114 20.84 11.76 -3.16
CA GLY A 114 22.28 11.46 -3.12
C GLY A 114 22.68 10.08 -2.60
N SER A 115 21.78 9.09 -2.67
CA SER A 115 22.06 7.70 -2.25
C SER A 115 22.72 6.84 -3.35
N TRP A 116 22.28 7.01 -4.61
CA TRP A 116 22.62 6.16 -5.76
C TRP A 116 22.46 4.64 -5.51
N SER A 117 21.48 4.27 -4.66
CA SER A 117 21.19 2.89 -4.28
C SER A 117 20.50 2.09 -5.41
N LEU A 118 20.66 0.76 -5.39
CA LEU A 118 20.10 -0.18 -6.38
C LEU A 118 19.65 -1.46 -5.67
N GLU A 119 18.40 -1.89 -5.89
CA GLU A 119 17.78 -3.04 -5.22
C GLU A 119 18.34 -4.39 -5.71
N HIS A 120 18.97 -5.14 -4.79
CA HIS A 120 19.45 -6.50 -5.04
C HIS A 120 18.29 -7.51 -5.08
N HIS A 121 18.39 -8.50 -5.98
CA HIS A 121 17.34 -9.51 -6.22
C HIS A 121 17.82 -10.93 -5.86
N HIS A 122 16.94 -11.72 -5.22
CA HIS A 122 17.25 -13.04 -4.68
C HIS A 122 17.28 -14.14 -5.77
N HIS A 123 18.16 -15.14 -5.59
CA HIS A 123 18.30 -16.32 -6.46
C HIS A 123 18.84 -17.53 -5.65
N HIS A 124 18.98 -18.70 -6.29
CA HIS A 124 19.37 -19.98 -5.68
C HIS A 124 18.40 -20.48 -4.57
N HIS A 125 17.11 -20.14 -4.70
CA HIS A 125 16.02 -20.57 -3.82
C HIS A 125 15.72 -22.09 -3.91
N GLY A 1 1.73 16.45 3.94
CA GLY A 1 2.81 15.65 4.56
C GLY A 1 2.40 14.20 4.74
N SER A 2 3.36 13.27 4.65
CA SER A 2 3.09 11.81 4.67
C SER A 2 2.48 11.29 5.98
N GLU A 3 2.60 12.04 7.09
CA GLU A 3 1.92 11.74 8.36
C GLU A 3 0.38 11.67 8.19
N GLU A 4 -0.18 12.44 7.26
CA GLU A 4 -1.60 12.42 6.88
C GLU A 4 -2.04 11.09 6.20
N ILE A 5 -1.09 10.29 5.72
CA ILE A 5 -1.30 8.93 5.19
C ILE A 5 -0.91 7.86 6.21
N ARG A 6 0.09 8.10 7.06
CA ARG A 6 0.40 7.25 8.23
C ARG A 6 -0.77 7.22 9.22
N GLU A 7 -1.57 8.28 9.32
CA GLU A 7 -2.83 8.20 10.08
C GLU A 7 -3.89 7.34 9.38
N LEU A 8 -3.98 7.40 8.05
CA LEU A 8 -5.06 6.76 7.29
C LEU A 8 -5.00 5.23 7.44
N VAL A 9 -3.81 4.64 7.32
CA VAL A 9 -3.61 3.20 7.57
C VAL A 9 -4.03 2.77 8.99
N ARG A 10 -3.91 3.63 10.00
CA ARG A 10 -4.32 3.33 11.39
C ARG A 10 -5.83 3.18 11.50
N LYS A 11 -6.59 4.02 10.80
CA LYS A 11 -8.05 3.96 10.75
C LYS A 11 -8.52 2.67 10.08
N ILE A 12 -7.77 2.22 9.07
CA ILE A 12 -8.03 0.96 8.37
C ILE A 12 -7.72 -0.24 9.27
N TYR A 13 -6.54 -0.30 9.87
CA TYR A 13 -6.14 -1.41 10.74
C TYR A 13 -7.07 -1.59 11.96
N GLU A 14 -7.66 -0.51 12.50
CA GLU A 14 -8.71 -0.61 13.52
C GLU A 14 -10.06 -1.09 12.94
N THR A 15 -10.44 -0.69 11.72
CA THR A 15 -11.71 -1.12 11.10
C THR A 15 -11.68 -2.58 10.66
N VAL A 16 -10.56 -3.05 10.10
CA VAL A 16 -10.40 -4.44 9.61
C VAL A 16 -10.34 -5.44 10.77
N ARG A 17 -9.57 -5.15 11.84
CA ARG A 17 -9.42 -6.06 12.99
C ARG A 17 -10.71 -6.23 13.81
N LYS A 18 -11.59 -5.21 13.78
CA LYS A 18 -12.95 -5.25 14.34
C LYS A 18 -13.85 -6.30 13.68
N GLU A 19 -13.60 -6.65 12.42
CA GLU A 19 -14.37 -7.68 11.69
C GLU A 19 -13.68 -9.06 11.74
N ASN A 20 -12.37 -9.13 11.45
CA ASN A 20 -11.54 -10.33 11.59
C ASN A 20 -10.10 -9.92 12.01
N PRO A 21 -9.50 -10.47 13.09
CA PRO A 21 -8.21 -10.02 13.60
C PRO A 21 -6.97 -10.64 12.92
N ASN A 22 -7.13 -11.76 12.20
CA ASN A 22 -6.01 -12.57 11.68
C ASN A 22 -5.39 -12.06 10.36
N VAL A 23 -6.24 -11.48 9.51
CA VAL A 23 -5.97 -11.00 8.15
C VAL A 23 -4.93 -9.86 8.10
N LYS A 24 -4.09 -9.87 7.05
CA LYS A 24 -3.03 -8.89 6.76
C LYS A 24 -3.51 -7.83 5.75
N ILE A 25 -2.93 -6.64 5.80
CA ILE A 25 -3.27 -5.50 4.92
C ILE A 25 -2.00 -4.93 4.28
N LEU A 26 -2.07 -4.59 2.99
CA LEU A 26 -1.04 -3.89 2.22
C LEU A 26 -1.57 -2.53 1.80
N ILE A 27 -0.74 -1.51 1.95
CA ILE A 27 -1.07 -0.13 1.52
C ILE A 27 -0.02 0.32 0.50
N PHE A 28 -0.44 0.68 -0.70
CA PHE A 28 0.42 1.20 -1.77
C PHE A 28 0.36 2.72 -1.79
N ILE A 29 1.51 3.37 -1.86
CA ILE A 29 1.70 4.82 -1.91
C ILE A 29 2.35 5.15 -3.25
N ILE A 30 1.76 6.09 -3.99
CA ILE A 30 2.14 6.45 -5.36
C ILE A 30 2.64 7.89 -5.39
N PHE A 31 3.76 8.10 -6.09
CA PHE A 31 4.35 9.42 -6.34
C PHE A 31 4.35 9.67 -7.86
N THR A 32 3.54 10.62 -8.34
CA THR A 32 3.46 10.95 -9.78
C THR A 32 4.52 11.96 -10.23
N SER A 33 4.70 12.11 -11.55
CA SER A 33 5.57 13.14 -12.16
C SER A 33 5.16 14.59 -11.82
N ASP A 34 3.91 14.81 -11.40
CA ASP A 34 3.37 16.10 -10.98
C ASP A 34 3.38 16.30 -9.44
N GLY A 35 3.87 15.31 -8.69
CA GLY A 35 3.91 15.32 -7.22
C GLY A 35 2.58 14.98 -6.54
N THR A 36 1.59 14.47 -7.27
CA THR A 36 0.32 13.97 -6.74
C THR A 36 0.56 12.68 -5.93
N ILE A 37 -0.18 12.51 -4.83
CA ILE A 37 -0.20 11.27 -4.04
C ILE A 37 -1.47 10.48 -4.34
N LYS A 38 -1.32 9.16 -4.50
CA LYS A 38 -2.42 8.18 -4.57
C LYS A 38 -2.17 7.05 -3.57
N VAL A 39 -3.25 6.48 -3.04
CA VAL A 39 -3.22 5.37 -2.08
C VAL A 39 -4.22 4.26 -2.44
N ILE A 40 -3.73 3.01 -2.47
CA ILE A 40 -4.51 1.79 -2.72
C ILE A 40 -4.42 0.89 -1.49
N ILE A 41 -5.51 0.21 -1.13
CA ILE A 41 -5.54 -0.71 0.01
C ILE A 41 -5.86 -2.12 -0.48
N VAL A 42 -5.10 -3.11 -0.04
CA VAL A 42 -5.25 -4.52 -0.45
C VAL A 42 -5.37 -5.40 0.78
N ILE A 43 -6.42 -6.21 0.84
CA ILE A 43 -6.68 -7.13 1.96
C ILE A 43 -6.17 -8.52 1.59
N ILE A 44 -5.37 -9.12 2.48
CA ILE A 44 -4.74 -10.43 2.32
C ILE A 44 -5.25 -11.36 3.44
N ALA A 45 -6.28 -12.17 3.15
CA ALA A 45 -6.97 -13.00 4.15
C ALA A 45 -6.93 -14.51 3.84
N ASP A 46 -7.19 -15.32 4.87
CA ASP A 46 -7.15 -16.78 4.82
C ASP A 46 -8.25 -17.43 3.95
N ASP A 47 -9.39 -16.73 3.81
CA ASP A 47 -10.57 -17.18 3.05
C ASP A 47 -11.19 -16.00 2.26
N PRO A 48 -11.54 -16.17 0.97
CA PRO A 48 -12.07 -15.08 0.15
C PRO A 48 -13.44 -14.55 0.62
N ASN A 49 -14.26 -15.36 1.30
CA ASN A 49 -15.56 -14.92 1.83
C ASN A 49 -15.37 -13.94 3.00
N ASP A 50 -14.35 -14.15 3.83
CA ASP A 50 -13.94 -13.20 4.87
C ASP A 50 -13.25 -11.98 4.25
N ALA A 51 -12.38 -12.15 3.24
CA ALA A 51 -11.75 -11.02 2.55
C ALA A 51 -12.79 -10.04 1.96
N LYS A 52 -13.84 -10.57 1.30
CA LYS A 52 -14.96 -9.78 0.77
C LYS A 52 -15.63 -8.92 1.83
N ARG A 53 -15.85 -9.45 3.05
CA ARG A 53 -16.39 -8.69 4.19
C ARG A 53 -15.48 -7.51 4.57
N ILE A 54 -14.17 -7.75 4.67
CA ILE A 54 -13.20 -6.70 5.05
C ILE A 54 -13.11 -5.62 3.98
N VAL A 55 -12.91 -6.02 2.71
CA VAL A 55 -12.80 -5.12 1.57
C VAL A 55 -14.06 -4.25 1.47
N LYS A 56 -15.26 -4.84 1.57
CA LYS A 56 -16.53 -4.09 1.60
C LYS A 56 -16.59 -3.09 2.76
N LYS A 57 -16.07 -3.43 3.94
CA LYS A 57 -16.00 -2.51 5.10
C LYS A 57 -15.19 -1.25 4.75
N ILE A 58 -14.04 -1.41 4.07
CA ILE A 58 -13.20 -0.29 3.61
C ILE A 58 -13.84 0.44 2.42
N GLN A 59 -14.52 -0.27 1.52
CA GLN A 59 -15.16 0.31 0.33
C GLN A 59 -16.26 1.33 0.70
N GLU A 60 -17.11 1.02 1.68
CA GLU A 60 -18.17 1.94 2.15
C GLU A 60 -17.65 3.05 3.09
N ARG A 61 -16.57 2.79 3.84
CA ARG A 61 -16.00 3.73 4.83
C ARG A 61 -15.00 4.73 4.23
N PHE A 62 -14.27 4.30 3.19
CA PHE A 62 -13.25 5.08 2.49
C PHE A 62 -13.48 5.05 0.95
N PRO A 63 -14.65 5.49 0.46
CA PRO A 63 -15.03 5.39 -0.97
C PRO A 63 -14.17 6.26 -1.90
N LYS A 64 -13.43 7.23 -1.36
CA LYS A 64 -12.49 8.09 -2.11
C LYS A 64 -11.23 7.33 -2.56
N LEU A 65 -10.88 6.21 -1.91
CA LEU A 65 -9.75 5.36 -2.32
C LEU A 65 -10.22 4.11 -3.10
N THR A 66 -9.42 3.70 -4.09
CA THR A 66 -9.59 2.41 -4.80
C THR A 66 -8.90 1.31 -4.01
N ILE A 67 -9.53 0.13 -3.91
CA ILE A 67 -9.05 -1.00 -3.09
C ILE A 67 -9.14 -2.33 -3.85
N LYS A 68 -8.33 -3.31 -3.46
CA LYS A 68 -8.16 -4.63 -4.10
C LYS A 68 -8.14 -5.78 -3.06
N GLN A 69 -8.09 -7.03 -3.51
CA GLN A 69 -8.07 -8.23 -2.65
C GLN A 69 -7.01 -9.27 -3.05
N SER A 70 -6.66 -10.16 -2.10
CA SER A 70 -5.85 -11.36 -2.32
C SER A 70 -6.12 -12.45 -1.28
N ARG A 71 -5.80 -13.70 -1.64
CA ARG A 71 -5.81 -14.90 -0.78
C ARG A 71 -4.40 -15.44 -0.47
N ASN A 72 -3.35 -14.79 -0.99
CA ASN A 72 -1.97 -15.29 -0.98
C ASN A 72 -0.98 -14.25 -0.42
N GLU A 73 -0.08 -14.70 0.45
CA GLU A 73 1.01 -13.90 1.01
C GLU A 73 2.10 -13.56 -0.01
N GLU A 74 2.73 -12.40 0.15
CA GLU A 74 3.81 -11.79 -0.67
C GLU A 74 3.45 -11.50 -2.14
N GLU A 75 2.70 -12.35 -2.84
CA GLU A 75 2.46 -12.24 -4.29
C GLU A 75 1.74 -10.94 -4.68
N ALA A 76 0.86 -10.40 -3.83
CA ALA A 76 0.17 -9.13 -4.07
C ALA A 76 1.15 -7.94 -4.16
N GLU A 77 2.27 -7.96 -3.43
CA GLU A 77 3.25 -6.86 -3.44
C GLU A 77 3.97 -6.72 -4.80
N LYS A 78 4.19 -7.82 -5.54
CA LYS A 78 4.70 -7.79 -6.92
C LYS A 78 3.60 -7.70 -8.00
N ARG A 79 2.46 -8.38 -7.81
CA ARG A 79 1.33 -8.36 -8.75
C ARG A 79 0.68 -6.98 -8.83
N ILE A 80 0.37 -6.37 -7.68
CA ILE A 80 -0.29 -5.06 -7.65
C ILE A 80 0.70 -3.96 -8.05
N GLN A 81 2.01 -4.11 -7.80
CA GLN A 81 3.02 -3.20 -8.37
C GLN A 81 2.93 -3.12 -9.89
N LYS A 82 2.92 -4.28 -10.56
CA LYS A 82 2.84 -4.32 -12.03
C LYS A 82 1.50 -3.74 -12.51
N GLU A 83 0.41 -4.13 -11.87
CA GLU A 83 -0.94 -3.62 -12.13
C GLU A 83 -1.02 -2.09 -11.99
N LEU A 84 -0.37 -1.53 -10.97
CA LEU A 84 -0.31 -0.09 -10.71
C LEU A 84 0.54 0.67 -11.72
N GLU A 85 1.66 0.11 -12.16
CA GLU A 85 2.51 0.72 -13.19
C GLU A 85 1.79 0.79 -14.56
N GLU A 86 0.95 -0.21 -14.87
CA GLU A 86 0.12 -0.22 -16.08
C GLU A 86 -0.96 0.89 -16.10
N ARG A 87 -1.43 1.36 -14.93
CA ARG A 87 -2.42 2.45 -14.79
C ARG A 87 -1.87 3.78 -14.28
N ASN A 88 -0.61 3.83 -13.84
CA ASN A 88 0.14 5.05 -13.50
C ASN A 88 1.49 5.06 -14.25
N PRO A 89 1.54 5.44 -15.53
CA PRO A 89 2.78 5.44 -16.32
C PRO A 89 3.80 6.44 -15.76
N ASN A 90 5.06 5.99 -15.62
CA ASN A 90 6.21 6.74 -15.09
C ASN A 90 6.05 7.24 -13.63
N ALA A 91 5.09 6.69 -12.88
CA ALA A 91 4.91 6.93 -11.44
C ALA A 91 5.76 5.96 -10.59
N GLU A 92 6.02 6.32 -9.34
CA GLU A 92 6.75 5.49 -8.38
C GLU A 92 5.77 4.86 -7.39
N ILE A 93 5.86 3.55 -7.19
CA ILE A 93 4.99 2.77 -6.30
C ILE A 93 5.82 2.24 -5.14
N GLN A 94 5.37 2.46 -3.91
CA GLN A 94 5.99 1.93 -2.68
C GLN A 94 4.90 1.31 -1.82
N VAL A 95 5.08 0.04 -1.41
CA VAL A 95 4.11 -0.67 -0.57
C VAL A 95 4.62 -0.83 0.86
N VAL A 96 3.75 -0.55 1.82
CA VAL A 96 4.00 -0.55 3.26
C VAL A 96 3.08 -1.53 3.98
N ARG A 97 3.65 -2.29 4.93
CA ARG A 97 2.95 -3.21 5.84
C ARG A 97 3.23 -2.94 7.33
N SER A 98 4.06 -1.95 7.66
CA SER A 98 4.27 -1.40 9.02
C SER A 98 4.54 0.11 8.99
N GLU A 99 4.06 0.87 9.98
CA GLU A 99 4.16 2.35 9.97
C GLU A 99 5.62 2.88 10.01
N ASP A 100 6.58 2.08 10.49
CA ASP A 100 8.00 2.40 10.44
C ASP A 100 8.57 2.38 9.00
N GLU A 101 8.00 1.59 8.10
CA GLU A 101 8.34 1.61 6.67
C GLU A 101 7.76 2.84 5.97
N LEU A 102 6.61 3.33 6.44
CA LEU A 102 6.02 4.61 6.01
C LEU A 102 6.92 5.80 6.38
N LYS A 103 7.56 5.73 7.56
CA LYS A 103 8.64 6.65 7.98
C LYS A 103 9.89 6.52 7.09
N GLU A 104 10.24 5.31 6.64
CA GLU A 104 11.35 5.11 5.68
C GLU A 104 11.03 5.68 4.28
N ILE A 105 9.81 5.54 3.78
CA ILE A 105 9.35 6.24 2.56
C ILE A 105 9.49 7.76 2.71
N LEU A 106 9.26 8.31 3.92
CA LEU A 106 9.54 9.72 4.23
C LEU A 106 11.04 10.06 4.24
N ASP A 107 11.92 9.13 4.63
CA ASP A 107 13.37 9.31 4.56
C ASP A 107 13.91 9.22 3.12
N LYS A 108 13.28 8.37 2.30
CA LYS A 108 13.52 8.25 0.84
C LYS A 108 13.02 9.50 0.10
N LEU A 109 11.92 10.12 0.55
CA LEU A 109 11.47 11.43 0.08
C LEU A 109 12.49 12.53 0.43
N ASP A 110 13.11 12.48 1.60
CA ASP A 110 14.17 13.43 1.98
C ASP A 110 15.45 13.25 1.14
N GLU A 111 15.84 12.01 0.81
CA GLU A 111 16.95 11.75 -0.12
C GLU A 111 16.63 12.19 -1.57
N LYS A 112 15.37 12.09 -2.02
CA LYS A 112 14.91 12.64 -3.31
C LYS A 112 14.89 14.18 -3.33
N LYS A 113 14.53 14.83 -2.22
CA LYS A 113 14.49 16.30 -2.09
C LYS A 113 15.89 16.92 -1.93
N GLY A 114 16.77 16.25 -1.19
CA GLY A 114 18.20 16.53 -1.09
C GLY A 114 19.02 15.74 -2.11
N SER A 115 19.90 14.87 -1.62
CA SER A 115 20.69 13.92 -2.41
C SER A 115 20.68 12.52 -1.76
N TRP A 116 20.83 11.47 -2.56
CA TRP A 116 20.96 10.09 -2.08
C TRP A 116 22.38 9.78 -1.59
N SER A 117 22.49 8.94 -0.54
CA SER A 117 23.75 8.57 0.13
C SER A 117 24.05 7.06 0.13
N LEU A 118 23.27 6.26 -0.62
CA LEU A 118 23.44 4.82 -0.77
C LEU A 118 23.16 4.33 -2.21
N GLU A 119 23.63 3.13 -2.53
CA GLU A 119 23.38 2.43 -3.81
C GLU A 119 22.45 1.22 -3.66
N HIS A 120 22.60 0.44 -2.58
CA HIS A 120 21.77 -0.72 -2.24
C HIS A 120 21.40 -0.72 -0.74
N HIS A 121 20.22 -1.25 -0.42
CA HIS A 121 19.72 -1.43 0.96
C HIS A 121 18.85 -2.71 1.09
N HIS A 122 19.27 -3.77 0.37
CA HIS A 122 18.54 -5.03 0.13
C HIS A 122 17.23 -4.85 -0.68
N HIS A 123 16.78 -5.91 -1.36
CA HIS A 123 15.60 -5.91 -2.23
C HIS A 123 14.96 -7.30 -2.39
N HIS A 124 13.62 -7.34 -2.37
CA HIS A 124 12.77 -8.50 -2.71
C HIS A 124 13.08 -9.84 -1.97
N HIS A 125 13.64 -9.74 -0.76
CA HIS A 125 13.99 -10.85 0.16
C HIS A 125 14.75 -12.03 -0.50
N GLY A 1 1.25 16.73 2.74
CA GLY A 1 2.29 16.06 3.57
C GLY A 1 1.93 14.61 3.86
N SER A 2 2.93 13.74 3.99
CA SER A 2 2.74 12.28 4.16
C SER A 2 2.13 11.87 5.52
N GLU A 3 2.09 12.78 6.51
CA GLU A 3 1.41 12.53 7.80
C GLU A 3 -0.06 12.14 7.62
N GLU A 4 -0.78 12.69 6.63
CA GLU A 4 -2.17 12.31 6.34
C GLU A 4 -2.30 10.83 5.95
N ILE A 5 -1.33 10.31 5.20
CA ILE A 5 -1.27 8.90 4.76
C ILE A 5 -0.81 7.98 5.90
N ARG A 6 0.14 8.45 6.73
CA ARG A 6 0.56 7.75 7.96
C ARG A 6 -0.57 7.68 8.98
N GLU A 7 -1.47 8.65 9.04
CA GLU A 7 -2.71 8.57 9.83
C GLU A 7 -3.76 7.65 9.19
N LEU A 8 -3.99 7.75 7.88
CA LEU A 8 -5.02 6.99 7.15
C LEU A 8 -4.91 5.48 7.41
N VAL A 9 -3.69 4.93 7.31
CA VAL A 9 -3.44 3.50 7.55
C VAL A 9 -3.84 3.05 8.97
N ARG A 10 -3.72 3.91 9.99
CA ARG A 10 -4.12 3.57 11.38
C ARG A 10 -5.63 3.42 11.50
N LYS A 11 -6.38 4.26 10.79
CA LYS A 11 -7.86 4.22 10.79
C LYS A 11 -8.34 2.94 10.09
N ILE A 12 -7.63 2.50 9.05
CA ILE A 12 -7.86 1.22 8.38
C ILE A 12 -7.51 0.05 9.31
N TYR A 13 -6.31 0.02 9.90
CA TYR A 13 -5.88 -1.07 10.79
C TYR A 13 -6.81 -1.25 12.00
N GLU A 14 -7.39 -0.17 12.54
CA GLU A 14 -8.44 -0.24 13.57
C GLU A 14 -9.79 -0.75 13.04
N THR A 15 -10.17 -0.38 11.81
CA THR A 15 -11.43 -0.82 11.18
C THR A 15 -11.39 -2.30 10.79
N VAL A 16 -10.27 -2.78 10.24
CA VAL A 16 -10.11 -4.18 9.79
C VAL A 16 -10.02 -5.16 10.96
N ARG A 17 -9.30 -4.82 12.05
CA ARG A 17 -9.19 -5.69 13.24
C ARG A 17 -10.50 -5.81 14.03
N LYS A 18 -11.36 -4.79 13.96
CA LYS A 18 -12.75 -4.81 14.48
C LYS A 18 -13.64 -5.84 13.77
N GLU A 19 -13.34 -6.18 12.51
CA GLU A 19 -14.04 -7.24 11.78
C GLU A 19 -13.37 -8.61 11.98
N ASN A 20 -12.06 -8.72 11.71
CA ASN A 20 -11.24 -9.90 12.00
C ASN A 20 -9.76 -9.51 12.27
N PRO A 21 -9.15 -9.89 13.41
CA PRO A 21 -7.80 -9.43 13.77
C PRO A 21 -6.64 -10.22 13.12
N ASN A 22 -6.90 -11.42 12.58
CA ASN A 22 -5.85 -12.29 12.00
C ASN A 22 -5.35 -11.84 10.63
N VAL A 23 -6.26 -11.27 9.83
CA VAL A 23 -6.07 -10.71 8.49
C VAL A 23 -4.93 -9.68 8.41
N LYS A 24 -4.19 -9.67 7.28
CA LYS A 24 -3.09 -8.75 6.96
C LYS A 24 -3.49 -7.74 5.89
N ILE A 25 -2.80 -6.58 5.85
CA ILE A 25 -3.11 -5.47 4.93
C ILE A 25 -1.84 -4.98 4.21
N LEU A 26 -1.98 -4.67 2.93
CA LEU A 26 -1.00 -3.98 2.08
C LEU A 26 -1.55 -2.61 1.68
N ILE A 27 -0.72 -1.57 1.65
CA ILE A 27 -1.08 -0.25 1.08
C ILE A 27 -0.01 0.15 0.06
N PHE A 28 -0.45 0.53 -1.14
CA PHE A 28 0.42 1.02 -2.22
C PHE A 28 0.37 2.55 -2.24
N ILE A 29 1.53 3.17 -2.06
CA ILE A 29 1.75 4.62 -2.01
C ILE A 29 2.43 5.03 -3.32
N ILE A 30 1.83 5.99 -4.04
CA ILE A 30 2.22 6.35 -5.41
C ILE A 30 2.79 7.77 -5.43
N PHE A 31 3.93 7.97 -6.08
CA PHE A 31 4.55 9.29 -6.26
C PHE A 31 4.67 9.60 -7.75
N THR A 32 3.91 10.59 -8.25
CA THR A 32 3.93 10.99 -9.68
C THR A 32 4.91 12.14 -9.96
N SER A 33 5.24 12.38 -11.23
CA SER A 33 6.06 13.53 -11.67
C SER A 33 5.41 14.90 -11.40
N ASP A 34 4.09 14.94 -11.22
CA ASP A 34 3.32 16.14 -10.86
C ASP A 34 3.27 16.39 -9.34
N GLY A 35 3.84 15.48 -8.53
CA GLY A 35 3.79 15.52 -7.07
C GLY A 35 2.45 15.05 -6.47
N THR A 36 1.58 14.44 -7.27
CA THR A 36 0.31 13.84 -6.83
C THR A 36 0.57 12.52 -6.12
N ILE A 37 -0.25 12.19 -5.12
CA ILE A 37 -0.17 10.94 -4.35
C ILE A 37 -1.51 10.19 -4.38
N LYS A 38 -1.44 8.87 -4.57
CA LYS A 38 -2.55 7.91 -4.42
C LYS A 38 -2.24 6.91 -3.31
N VAL A 39 -3.29 6.37 -2.69
CA VAL A 39 -3.24 5.23 -1.76
C VAL A 39 -4.25 4.15 -2.17
N ILE A 40 -3.75 2.94 -2.44
CA ILE A 40 -4.55 1.76 -2.82
C ILE A 40 -4.42 0.73 -1.71
N ILE A 41 -5.53 0.17 -1.22
CA ILE A 41 -5.54 -0.71 -0.03
C ILE A 41 -5.94 -2.13 -0.41
N VAL A 42 -5.20 -3.13 0.06
CA VAL A 42 -5.42 -4.54 -0.28
C VAL A 42 -5.45 -5.39 0.97
N ILE A 43 -6.48 -6.24 1.08
CA ILE A 43 -6.68 -7.13 2.22
C ILE A 43 -6.20 -8.54 1.85
N ILE A 44 -5.38 -9.14 2.71
CA ILE A 44 -4.86 -10.51 2.57
C ILE A 44 -5.33 -11.34 3.78
N ALA A 45 -6.31 -12.23 3.57
CA ALA A 45 -6.90 -13.06 4.62
C ALA A 45 -6.66 -14.57 4.39
N ASP A 46 -7.05 -15.41 5.35
CA ASP A 46 -6.92 -16.87 5.29
C ASP A 46 -7.79 -17.51 4.18
N ASP A 47 -8.87 -16.84 3.79
CA ASP A 47 -9.78 -17.20 2.68
C ASP A 47 -10.21 -15.92 1.93
N PRO A 48 -10.28 -15.91 0.58
CA PRO A 48 -10.67 -14.71 -0.17
C PRO A 48 -12.08 -14.19 0.13
N ASN A 49 -13.04 -15.05 0.50
CA ASN A 49 -14.38 -14.61 0.91
C ASN A 49 -14.40 -13.98 2.30
N ASP A 50 -13.46 -14.37 3.19
CA ASP A 50 -13.27 -13.67 4.45
C ASP A 50 -12.57 -12.32 4.23
N ALA A 51 -11.70 -12.18 3.22
CA ALA A 51 -11.16 -10.89 2.80
C ALA A 51 -12.25 -9.94 2.28
N LYS A 52 -13.23 -10.44 1.48
CA LYS A 52 -14.34 -9.64 0.94
C LYS A 52 -15.14 -8.89 2.02
N ARG A 53 -15.38 -9.50 3.20
CA ARG A 53 -16.01 -8.83 4.36
C ARG A 53 -15.26 -7.57 4.78
N ILE A 54 -13.93 -7.67 4.89
CA ILE A 54 -13.05 -6.59 5.31
C ILE A 54 -12.95 -5.51 4.23
N VAL A 55 -12.77 -5.93 2.97
CA VAL A 55 -12.68 -5.03 1.81
C VAL A 55 -13.95 -4.18 1.69
N LYS A 56 -15.12 -4.82 1.80
CA LYS A 56 -16.43 -4.15 1.83
C LYS A 56 -16.50 -3.09 2.94
N LYS A 57 -15.93 -3.37 4.12
CA LYS A 57 -15.88 -2.39 5.22
C LYS A 57 -15.13 -1.13 4.80
N ILE A 58 -13.93 -1.28 4.22
CA ILE A 58 -13.09 -0.15 3.77
C ILE A 58 -13.71 0.57 2.56
N GLN A 59 -14.40 -0.15 1.68
CA GLN A 59 -15.13 0.45 0.55
C GLN A 59 -16.29 1.35 1.04
N GLU A 60 -16.96 0.97 2.12
CA GLU A 60 -18.03 1.79 2.74
C GLU A 60 -17.49 3.00 3.52
N ARG A 61 -16.29 2.91 4.13
CA ARG A 61 -15.64 4.06 4.79
C ARG A 61 -15.01 5.04 3.80
N PHE A 62 -14.38 4.52 2.74
CA PHE A 62 -13.54 5.25 1.80
C PHE A 62 -13.93 4.96 0.33
N PRO A 63 -15.15 5.33 -0.11
CA PRO A 63 -15.66 5.00 -1.46
C PRO A 63 -14.89 5.68 -2.60
N LYS A 64 -14.18 6.77 -2.31
CA LYS A 64 -13.33 7.52 -3.26
C LYS A 64 -11.90 6.98 -3.40
N LEU A 65 -11.51 6.00 -2.59
CA LEU A 65 -10.25 5.24 -2.74
C LEU A 65 -10.51 3.92 -3.47
N THR A 66 -9.54 3.47 -4.27
CA THR A 66 -9.57 2.14 -4.90
C THR A 66 -8.91 1.10 -3.99
N ILE A 67 -9.55 -0.06 -3.85
CA ILE A 67 -9.10 -1.17 -2.99
C ILE A 67 -9.27 -2.53 -3.70
N LYS A 68 -8.55 -3.56 -3.23
CA LYS A 68 -8.55 -4.93 -3.79
C LYS A 68 -8.57 -6.03 -2.72
N GLN A 69 -8.92 -7.26 -3.13
CA GLN A 69 -8.98 -8.46 -2.28
C GLN A 69 -7.93 -9.50 -2.67
N SER A 70 -7.37 -10.20 -1.70
CA SER A 70 -6.38 -11.28 -1.86
C SER A 70 -6.43 -12.31 -0.72
N ARG A 71 -5.63 -13.36 -0.82
CA ARG A 71 -5.63 -14.54 0.08
C ARG A 71 -4.23 -15.11 0.34
N ASN A 72 -3.95 -15.51 1.58
CA ASN A 72 -2.74 -16.21 2.04
C ASN A 72 -1.40 -15.68 1.47
N GLU A 73 -0.98 -16.16 0.29
CA GLU A 73 0.22 -15.71 -0.43
C GLU A 73 0.09 -14.27 -0.94
N GLU A 74 1.05 -13.42 -0.58
CA GLU A 74 1.03 -11.96 -0.78
C GLU A 74 1.42 -11.50 -2.21
N GLU A 75 1.11 -12.31 -3.23
CA GLU A 75 1.44 -12.06 -4.65
C GLU A 75 0.78 -10.79 -5.23
N ALA A 76 -0.17 -10.19 -4.51
CA ALA A 76 -0.71 -8.86 -4.80
C ALA A 76 0.39 -7.80 -4.94
N GLU A 77 1.51 -7.91 -4.21
CA GLU A 77 2.64 -6.97 -4.28
C GLU A 77 3.19 -6.83 -5.71
N LYS A 78 3.43 -7.93 -6.42
CA LYS A 78 3.94 -7.89 -7.82
C LYS A 78 2.84 -7.65 -8.86
N ARG A 79 1.65 -8.25 -8.68
CA ARG A 79 0.52 -8.12 -9.62
C ARG A 79 -0.03 -6.69 -9.65
N ILE A 80 -0.27 -6.11 -8.46
CA ILE A 80 -0.83 -4.76 -8.35
C ILE A 80 0.24 -3.72 -8.67
N GLN A 81 1.54 -3.97 -8.44
CA GLN A 81 2.61 -3.11 -8.97
C GLN A 81 2.50 -2.94 -10.49
N LYS A 82 2.38 -4.06 -11.23
CA LYS A 82 2.25 -3.99 -12.69
C LYS A 82 0.97 -3.25 -13.09
N GLU A 83 -0.15 -3.61 -12.46
CA GLU A 83 -1.46 -2.97 -12.70
C GLU A 83 -1.42 -1.46 -12.48
N LEU A 84 -0.69 -1.00 -11.45
CA LEU A 84 -0.51 0.40 -11.11
C LEU A 84 0.42 1.15 -12.06
N GLU A 85 1.57 0.56 -12.42
CA GLU A 85 2.51 1.14 -13.39
C GLU A 85 1.87 1.27 -14.79
N GLU A 86 0.99 0.34 -15.14
CA GLU A 86 0.25 0.33 -16.41
C GLU A 86 -0.80 1.46 -16.50
N ARG A 87 -1.32 1.96 -15.36
CA ARG A 87 -2.29 3.08 -15.29
C ARG A 87 -1.75 4.42 -14.77
N ASN A 88 -0.53 4.46 -14.22
CA ASN A 88 0.14 5.69 -13.75
C ASN A 88 1.46 5.91 -14.52
N PRO A 89 1.49 6.75 -15.58
CA PRO A 89 2.69 7.00 -16.36
C PRO A 89 3.74 7.79 -15.55
N ASN A 90 5.00 7.37 -15.64
CA ASN A 90 6.19 7.96 -15.01
C ASN A 90 6.13 8.04 -13.45
N ALA A 91 5.22 7.29 -12.83
CA ALA A 91 5.06 7.21 -11.38
C ALA A 91 5.96 6.14 -10.74
N GLU A 92 6.24 6.27 -9.44
CA GLU A 92 6.89 5.24 -8.62
C GLU A 92 5.92 4.72 -7.56
N ILE A 93 5.87 3.40 -7.40
CA ILE A 93 4.95 2.68 -6.52
C ILE A 93 5.75 2.02 -5.40
N GLN A 94 5.40 2.33 -4.15
CA GLN A 94 5.97 1.68 -2.97
C GLN A 94 4.84 1.02 -2.19
N VAL A 95 4.93 -0.30 -1.96
CA VAL A 95 3.97 -1.01 -1.12
C VAL A 95 4.52 -1.13 0.30
N VAL A 96 3.73 -0.70 1.28
CA VAL A 96 4.05 -0.74 2.71
C VAL A 96 3.39 -1.95 3.37
N ARG A 97 4.19 -2.73 4.11
CA ARG A 97 3.79 -4.00 4.75
C ARG A 97 3.57 -3.90 6.28
N SER A 98 4.14 -2.87 6.87
CA SER A 98 4.09 -2.51 8.30
C SER A 98 4.21 -1.00 8.53
N GLU A 99 3.83 -0.50 9.71
CA GLU A 99 4.00 0.93 10.05
C GLU A 99 5.48 1.40 9.99
N ASP A 100 6.44 0.50 10.24
CA ASP A 100 7.87 0.79 10.16
C ASP A 100 8.37 0.98 8.72
N GLU A 101 7.77 0.29 7.75
CA GLU A 101 8.03 0.56 6.33
C GLU A 101 7.42 1.89 5.85
N LEU A 102 6.30 2.34 6.44
CA LEU A 102 5.76 3.69 6.19
C LEU A 102 6.71 4.77 6.71
N LYS A 103 7.20 4.59 7.94
CA LYS A 103 8.27 5.39 8.57
C LYS A 103 9.54 5.45 7.71
N GLU A 104 9.90 4.34 7.06
CA GLU A 104 11.02 4.31 6.10
C GLU A 104 10.73 5.11 4.82
N ILE A 105 9.57 4.94 4.18
CA ILE A 105 9.20 5.74 2.99
C ILE A 105 9.19 7.24 3.33
N LEU A 106 8.73 7.61 4.54
CA LEU A 106 8.75 9.00 5.04
C LEU A 106 10.18 9.55 5.20
N ASP A 107 11.16 8.71 5.54
CA ASP A 107 12.58 9.10 5.59
C ASP A 107 13.22 9.14 4.19
N LYS A 108 12.85 8.19 3.32
CA LYS A 108 13.28 8.09 1.92
C LYS A 108 12.84 9.30 1.09
N LEU A 109 11.70 9.92 1.40
CA LEU A 109 11.30 11.21 0.81
C LEU A 109 12.34 12.31 1.08
N ASP A 110 12.95 12.35 2.28
CA ASP A 110 14.03 13.29 2.61
C ASP A 110 15.38 12.89 2.01
N GLU A 111 15.68 11.59 1.87
CA GLU A 111 16.87 11.10 1.15
C GLU A 111 16.80 11.43 -0.36
N LYS A 112 15.60 11.37 -0.97
CA LYS A 112 15.32 11.76 -2.36
C LYS A 112 15.43 13.28 -2.57
N LYS A 113 15.06 14.09 -1.57
CA LYS A 113 15.26 15.55 -1.55
C LYS A 113 16.75 15.91 -1.43
N GLY A 114 17.46 15.25 -0.53
CA GLY A 114 18.90 15.41 -0.27
C GLY A 114 19.76 14.42 -1.06
N SER A 115 20.47 13.54 -0.35
CA SER A 115 21.26 12.44 -0.91
C SER A 115 20.89 11.10 -0.24
N TRP A 116 21.03 10.00 -1.01
CA TRP A 116 20.68 8.63 -0.60
C TRP A 116 21.91 7.71 -0.60
N SER A 117 22.68 7.67 -1.70
CA SER A 117 23.90 6.84 -1.89
C SER A 117 23.71 5.34 -1.58
N LEU A 118 22.49 4.81 -1.75
CA LEU A 118 22.11 3.42 -1.44
C LEU A 118 22.46 2.44 -2.57
N GLU A 119 22.68 1.18 -2.20
CA GLU A 119 22.82 0.03 -3.11
C GLU A 119 22.25 -1.24 -2.45
N HIS A 120 21.65 -2.13 -3.24
CA HIS A 120 21.09 -3.42 -2.79
C HIS A 120 21.30 -4.53 -3.83
N HIS A 121 20.94 -5.77 -3.47
CA HIS A 121 21.03 -6.96 -4.35
C HIS A 121 19.67 -7.69 -4.40
N HIS A 122 19.42 -8.42 -5.49
CA HIS A 122 18.13 -9.09 -5.75
C HIS A 122 17.82 -10.25 -4.78
N HIS A 123 18.86 -10.97 -4.32
CA HIS A 123 18.73 -12.10 -3.38
C HIS A 123 18.48 -11.66 -1.93
N HIS A 124 18.92 -10.44 -1.54
CA HIS A 124 18.89 -9.81 -0.21
C HIS A 124 19.65 -10.55 0.92
N HIS A 125 19.66 -11.89 0.93
CA HIS A 125 20.13 -12.77 2.00
C HIS A 125 21.47 -13.44 1.67
N GLY A 1 -0.01 16.90 2.81
CA GLY A 1 1.13 16.37 3.60
C GLY A 1 1.05 14.85 3.75
N SER A 2 2.20 14.16 3.66
CA SER A 2 2.27 12.68 3.69
C SER A 2 1.76 12.06 5.00
N GLU A 3 1.77 12.82 6.10
CA GLU A 3 1.26 12.39 7.41
C GLU A 3 -0.24 12.02 7.38
N GLU A 4 -1.02 12.57 6.44
CA GLU A 4 -2.43 12.19 6.22
C GLU A 4 -2.57 10.71 5.83
N ILE A 5 -1.62 10.19 5.03
CA ILE A 5 -1.57 8.77 4.63
C ILE A 5 -1.10 7.90 5.82
N ARG A 6 -0.21 8.44 6.66
CA ARG A 6 0.23 7.80 7.92
C ARG A 6 -0.88 7.72 8.96
N GLU A 7 -1.83 8.67 9.00
CA GLU A 7 -3.07 8.51 9.78
C GLU A 7 -4.01 7.49 9.12
N LEU A 8 -4.24 7.60 7.81
CA LEU A 8 -5.22 6.81 7.06
C LEU A 8 -5.02 5.29 7.28
N VAL A 9 -3.78 4.79 7.18
CA VAL A 9 -3.48 3.37 7.43
C VAL A 9 -3.89 2.92 8.83
N ARG A 10 -3.77 3.77 9.84
CA ARG A 10 -4.14 3.47 11.22
C ARG A 10 -5.66 3.39 11.39
N LYS A 11 -6.41 4.18 10.62
CA LYS A 11 -7.89 4.13 10.57
C LYS A 11 -8.37 2.86 9.86
N ILE A 12 -7.62 2.39 8.85
CA ILE A 12 -7.87 1.10 8.22
C ILE A 12 -7.54 -0.05 9.16
N TYR A 13 -6.36 -0.09 9.77
CA TYR A 13 -5.97 -1.16 10.70
C TYR A 13 -6.94 -1.25 11.90
N GLU A 14 -7.46 -0.11 12.38
CA GLU A 14 -8.53 -0.04 13.38
C GLU A 14 -9.88 -0.57 12.86
N THR A 15 -10.25 -0.28 11.61
CA THR A 15 -11.51 -0.77 10.99
C THR A 15 -11.46 -2.27 10.68
N VAL A 16 -10.34 -2.77 10.14
CA VAL A 16 -10.18 -4.19 9.79
C VAL A 16 -10.06 -5.08 11.03
N ARG A 17 -9.32 -4.67 12.08
CA ARG A 17 -9.20 -5.47 13.31
C ARG A 17 -10.51 -5.56 14.11
N LYS A 18 -11.39 -4.56 13.99
CA LYS A 18 -12.77 -4.59 14.51
C LYS A 18 -13.65 -5.63 13.84
N GLU A 19 -13.32 -6.07 12.62
CA GLU A 19 -14.01 -7.16 11.91
C GLU A 19 -13.29 -8.50 12.09
N ASN A 20 -11.97 -8.54 11.93
CA ASN A 20 -11.10 -9.70 12.19
C ASN A 20 -9.63 -9.22 12.41
N PRO A 21 -8.96 -9.52 13.54
CA PRO A 21 -7.57 -9.12 13.78
C PRO A 21 -6.50 -10.00 13.08
N ASN A 22 -6.89 -11.15 12.50
CA ASN A 22 -5.95 -12.17 12.00
C ASN A 22 -5.41 -11.89 10.58
N VAL A 23 -6.24 -11.28 9.75
CA VAL A 23 -6.05 -10.85 8.35
C VAL A 23 -4.99 -9.75 8.20
N LYS A 24 -4.29 -9.76 7.05
CA LYS A 24 -3.15 -8.90 6.72
C LYS A 24 -3.56 -7.84 5.68
N ILE A 25 -2.88 -6.68 5.68
CA ILE A 25 -3.22 -5.52 4.84
C ILE A 25 -1.97 -4.98 4.14
N LEU A 26 -2.12 -4.63 2.86
CA LEU A 26 -1.13 -3.88 2.05
C LEU A 26 -1.72 -2.52 1.67
N ILE A 27 -0.92 -1.46 1.73
CA ILE A 27 -1.29 -0.14 1.20
C ILE A 27 -0.20 0.30 0.23
N PHE A 28 -0.60 0.71 -0.98
CA PHE A 28 0.28 1.25 -2.02
C PHE A 28 0.21 2.78 -1.98
N ILE A 29 1.38 3.41 -1.99
CA ILE A 29 1.59 4.85 -1.92
C ILE A 29 2.34 5.25 -3.20
N ILE A 30 1.77 6.20 -3.92
CA ILE A 30 2.25 6.63 -5.24
C ILE A 30 2.80 8.05 -5.14
N PHE A 31 3.96 8.29 -5.73
CA PHE A 31 4.58 9.60 -5.88
C PHE A 31 4.72 9.90 -7.38
N THR A 32 3.77 10.65 -7.94
CA THR A 32 3.67 10.88 -9.40
C THR A 32 4.64 11.96 -9.89
N SER A 33 4.89 11.97 -11.21
CA SER A 33 5.73 12.98 -11.89
C SER A 33 5.13 14.41 -11.81
N ASP A 34 3.83 14.54 -11.54
CA ASP A 34 3.13 15.81 -11.34
C ASP A 34 3.07 16.25 -9.86
N GLY A 35 3.64 15.46 -8.94
CA GLY A 35 3.69 15.73 -7.49
C GLY A 35 2.43 15.32 -6.70
N THR A 36 1.42 14.73 -7.36
CA THR A 36 0.21 14.17 -6.72
C THR A 36 0.53 12.86 -6.00
N ILE A 37 -0.12 12.62 -4.86
CA ILE A 37 -0.07 11.35 -4.11
C ILE A 37 -1.36 10.55 -4.32
N LYS A 38 -1.24 9.23 -4.50
CA LYS A 38 -2.35 8.27 -4.61
C LYS A 38 -2.20 7.12 -3.62
N VAL A 39 -3.34 6.52 -3.24
CA VAL A 39 -3.48 5.47 -2.21
C VAL A 39 -4.40 4.34 -2.68
N ILE A 40 -3.90 3.10 -2.64
CA ILE A 40 -4.66 1.85 -2.94
C ILE A 40 -4.54 0.90 -1.75
N ILE A 41 -5.62 0.21 -1.35
CA ILE A 41 -5.59 -0.71 -0.20
C ILE A 41 -5.98 -2.13 -0.60
N VAL A 42 -5.28 -3.12 -0.07
CA VAL A 42 -5.46 -4.54 -0.42
C VAL A 42 -5.58 -5.38 0.84
N ILE A 43 -6.56 -6.26 0.88
CA ILE A 43 -6.80 -7.18 1.99
C ILE A 43 -6.32 -8.59 1.60
N ILE A 44 -5.44 -9.16 2.43
CA ILE A 44 -4.89 -10.50 2.30
C ILE A 44 -5.32 -11.27 3.57
N ALA A 45 -6.49 -11.93 3.50
CA ALA A 45 -7.03 -12.71 4.63
C ALA A 45 -6.64 -14.19 4.51
N ASP A 46 -6.74 -14.91 5.63
CA ASP A 46 -6.41 -16.34 5.71
C ASP A 46 -7.48 -17.25 5.04
N ASP A 47 -8.63 -16.68 4.67
CA ASP A 47 -9.66 -17.28 3.82
C ASP A 47 -10.22 -16.23 2.83
N PRO A 48 -10.33 -16.53 1.52
CA PRO A 48 -10.76 -15.55 0.52
C PRO A 48 -12.23 -15.12 0.64
N ASN A 49 -13.08 -15.86 1.37
CA ASN A 49 -14.45 -15.46 1.69
C ASN A 49 -14.50 -14.37 2.79
N ASP A 50 -13.52 -14.36 3.70
CA ASP A 50 -13.41 -13.33 4.74
C ASP A 50 -12.83 -12.04 4.17
N ALA A 51 -11.84 -12.11 3.27
CA ALA A 51 -11.24 -10.93 2.65
C ALA A 51 -12.31 -10.02 2.04
N LYS A 52 -13.30 -10.60 1.34
CA LYS A 52 -14.48 -9.91 0.79
C LYS A 52 -15.24 -9.09 1.84
N ARG A 53 -15.47 -9.66 3.03
CA ARG A 53 -16.16 -9.01 4.17
C ARG A 53 -15.39 -7.82 4.73
N ILE A 54 -14.06 -7.91 4.78
CA ILE A 54 -13.18 -6.82 5.22
C ILE A 54 -13.08 -5.72 4.16
N VAL A 55 -12.87 -6.09 2.89
CA VAL A 55 -12.81 -5.18 1.72
C VAL A 55 -14.11 -4.35 1.65
N LYS A 56 -15.26 -5.01 1.78
CA LYS A 56 -16.59 -4.36 1.83
C LYS A 56 -16.67 -3.28 2.92
N LYS A 57 -16.05 -3.49 4.08
CA LYS A 57 -16.04 -2.51 5.18
C LYS A 57 -15.15 -1.29 4.88
N ILE A 58 -13.99 -1.48 4.24
CA ILE A 58 -13.14 -0.37 3.77
C ILE A 58 -13.79 0.38 2.60
N GLN A 59 -14.54 -0.32 1.75
CA GLN A 59 -15.29 0.29 0.64
C GLN A 59 -16.44 1.19 1.16
N GLU A 60 -17.10 0.79 2.24
CA GLU A 60 -18.13 1.61 2.92
C GLU A 60 -17.53 2.80 3.69
N ARG A 61 -16.37 2.61 4.35
CA ARG A 61 -15.73 3.65 5.18
C ARG A 61 -14.96 4.69 4.37
N PHE A 62 -14.32 4.27 3.27
CA PHE A 62 -13.49 5.10 2.39
C PHE A 62 -13.87 4.93 0.90
N PRO A 63 -15.09 5.30 0.47
CA PRO A 63 -15.57 5.09 -0.91
C PRO A 63 -14.80 5.89 -1.97
N LYS A 64 -14.07 6.94 -1.57
CA LYS A 64 -13.20 7.76 -2.44
C LYS A 64 -11.88 7.05 -2.82
N LEU A 65 -11.46 6.06 -2.04
CA LEU A 65 -10.23 5.28 -2.24
C LEU A 65 -10.53 3.96 -2.99
N THR A 66 -9.65 3.60 -3.94
CA THR A 66 -9.75 2.32 -4.69
C THR A 66 -9.05 1.19 -3.95
N ILE A 67 -9.69 0.02 -3.87
CA ILE A 67 -9.21 -1.14 -3.09
C ILE A 67 -9.30 -2.46 -3.88
N LYS A 68 -8.47 -3.44 -3.48
CA LYS A 68 -8.38 -4.80 -4.06
C LYS A 68 -8.48 -5.89 -2.97
N GLN A 69 -8.64 -7.15 -3.39
CA GLN A 69 -8.52 -8.35 -2.54
C GLN A 69 -7.36 -9.25 -3.01
N SER A 70 -6.90 -10.17 -2.16
CA SER A 70 -5.95 -11.24 -2.52
C SER A 70 -6.36 -12.62 -1.99
N ARG A 71 -5.96 -13.67 -2.72
CA ARG A 71 -6.12 -15.08 -2.33
C ARG A 71 -4.95 -15.54 -1.45
N ASN A 72 -4.99 -15.14 -0.18
CA ASN A 72 -4.11 -15.56 0.93
C ASN A 72 -2.61 -15.20 0.82
N GLU A 73 -2.14 -14.56 -0.24
CA GLU A 73 -0.71 -14.26 -0.47
C GLU A 73 -0.41 -12.76 -0.63
N GLU A 74 0.74 -12.31 -0.11
CA GLU A 74 1.24 -10.93 -0.27
C GLU A 74 1.91 -10.68 -1.65
N GLU A 75 1.88 -11.66 -2.55
CA GLU A 75 2.31 -11.56 -3.97
C GLU A 75 1.61 -10.41 -4.73
N ALA A 76 0.46 -9.94 -4.21
CA ALA A 76 -0.23 -8.72 -4.63
C ALA A 76 0.70 -7.51 -4.71
N GLU A 77 1.78 -7.46 -3.91
CA GLU A 77 2.86 -6.45 -4.03
C GLU A 77 3.35 -6.31 -5.47
N LYS A 78 3.77 -7.40 -6.12
CA LYS A 78 4.36 -7.35 -7.46
C LYS A 78 3.31 -7.35 -8.57
N ARG A 79 2.20 -8.06 -8.37
CA ARG A 79 1.06 -8.11 -9.30
C ARG A 79 0.34 -6.77 -9.43
N ILE A 80 0.18 -6.02 -8.33
CA ILE A 80 -0.44 -4.69 -8.36
C ILE A 80 0.60 -3.62 -8.73
N GLN A 81 1.89 -3.79 -8.42
CA GLN A 81 2.95 -2.89 -8.94
C GLN A 81 2.89 -2.79 -10.47
N LYS A 82 2.76 -3.92 -11.16
CA LYS A 82 2.74 -3.95 -12.63
C LYS A 82 1.53 -3.22 -13.21
N GLU A 83 0.36 -3.35 -12.57
CA GLU A 83 -0.86 -2.60 -12.92
C GLU A 83 -0.71 -1.10 -12.64
N LEU A 84 -0.14 -0.74 -11.49
CA LEU A 84 0.07 0.65 -11.08
C LEU A 84 1.07 1.39 -11.95
N GLU A 85 2.12 0.71 -12.45
CA GLU A 85 3.14 1.31 -13.33
C GLU A 85 2.56 1.70 -14.71
N GLU A 86 1.57 0.96 -15.20
CA GLU A 86 0.88 1.24 -16.48
C GLU A 86 -0.08 2.44 -16.40
N ARG A 87 -0.65 2.72 -15.20
CA ARG A 87 -1.68 3.75 -14.97
C ARG A 87 -1.23 5.02 -14.22
N ASN A 88 0.07 5.12 -13.88
CA ASN A 88 0.69 6.27 -13.24
C ASN A 88 1.96 6.73 -14.01
N PRO A 89 1.86 7.75 -14.88
CA PRO A 89 2.96 8.29 -15.67
C PRO A 89 4.20 8.71 -14.87
N ASN A 90 5.36 8.14 -15.22
CA ASN A 90 6.68 8.42 -14.62
C ASN A 90 6.68 8.47 -13.07
N ALA A 91 5.84 7.63 -12.45
CA ALA A 91 5.56 7.61 -11.02
C ALA A 91 6.42 6.57 -10.26
N GLU A 92 6.55 6.75 -8.95
CA GLU A 92 7.17 5.78 -8.04
C GLU A 92 6.09 5.14 -7.14
N ILE A 93 6.13 3.81 -6.99
CA ILE A 93 5.16 3.00 -6.25
C ILE A 93 5.88 2.34 -5.07
N GLN A 94 5.37 2.55 -3.87
CA GLN A 94 5.85 1.89 -2.65
C GLN A 94 4.68 1.16 -1.99
N VAL A 95 4.88 -0.06 -1.48
CA VAL A 95 3.86 -0.80 -0.72
C VAL A 95 4.32 -1.03 0.73
N VAL A 96 3.43 -0.78 1.68
CA VAL A 96 3.64 -0.90 3.13
C VAL A 96 2.78 -2.00 3.73
N ARG A 97 3.42 -2.83 4.58
CA ARG A 97 2.88 -4.00 5.29
C ARG A 97 2.89 -3.83 6.82
N SER A 98 3.62 -2.82 7.33
CA SER A 98 3.67 -2.39 8.74
C SER A 98 3.96 -0.89 8.85
N GLU A 99 3.47 -0.20 9.89
CA GLU A 99 3.66 1.25 10.07
C GLU A 99 5.13 1.71 10.05
N ASP A 100 6.06 0.84 10.46
CA ASP A 100 7.50 1.13 10.46
C ASP A 100 8.11 1.15 9.05
N GLU A 101 7.50 0.49 8.06
CA GLU A 101 7.88 0.61 6.65
C GLU A 101 7.37 1.95 6.05
N LEU A 102 6.25 2.50 6.53
CA LEU A 102 5.76 3.84 6.14
C LEU A 102 6.72 4.94 6.59
N LYS A 103 7.24 4.79 7.80
CA LYS A 103 8.32 5.62 8.37
C LYS A 103 9.61 5.53 7.54
N GLU A 104 9.92 4.35 6.98
CA GLU A 104 11.02 4.18 6.01
C GLU A 104 10.71 4.78 4.63
N ILE A 105 9.47 4.73 4.13
CA ILE A 105 9.04 5.45 2.91
C ILE A 105 9.26 6.97 3.08
N LEU A 106 9.01 7.52 4.28
CA LEU A 106 9.32 8.91 4.62
C LEU A 106 10.84 9.19 4.56
N ASP A 107 11.68 8.23 4.95
CA ASP A 107 13.15 8.34 4.84
C ASP A 107 13.62 8.22 3.37
N LYS A 108 12.94 7.40 2.56
CA LYS A 108 13.16 7.23 1.12
C LYS A 108 12.70 8.44 0.29
N LEU A 109 11.83 9.30 0.84
CA LEU A 109 11.53 10.62 0.28
C LEU A 109 12.67 11.61 0.59
N ASP A 110 13.20 11.59 1.83
CA ASP A 110 14.24 12.52 2.29
C ASP A 110 15.66 12.19 1.78
N GLU A 111 15.99 10.92 1.53
CA GLU A 111 17.33 10.50 1.10
C GLU A 111 17.77 11.18 -0.21
N LYS A 112 16.80 11.53 -1.06
CA LYS A 112 16.99 12.21 -2.36
C LYS A 112 17.56 13.63 -2.23
N LYS A 113 17.31 14.31 -1.11
CA LYS A 113 17.94 15.59 -0.71
C LYS A 113 19.05 15.44 0.33
N GLY A 114 19.02 14.38 1.13
CA GLY A 114 19.95 14.17 2.26
C GLY A 114 21.28 13.47 1.94
N SER A 115 21.33 12.57 0.94
CA SER A 115 22.48 11.70 0.68
C SER A 115 22.60 11.23 -0.79
N TRP A 116 23.76 10.65 -1.14
CA TRP A 116 24.07 10.05 -2.45
C TRP A 116 24.95 8.80 -2.28
N SER A 117 24.75 7.80 -3.13
CA SER A 117 25.52 6.54 -3.15
C SER A 117 25.59 5.79 -1.80
N LEU A 118 24.48 5.78 -1.06
CA LEU A 118 24.35 5.11 0.24
C LEU A 118 24.42 3.57 0.12
N GLU A 119 25.00 2.90 1.12
CA GLU A 119 25.20 1.44 1.18
C GLU A 119 24.68 0.83 2.50
N HIS A 120 24.47 -0.48 2.51
CA HIS A 120 24.03 -1.28 3.67
C HIS A 120 24.74 -2.64 3.71
N HIS A 121 24.87 -3.23 4.91
CA HIS A 121 25.60 -4.49 5.14
C HIS A 121 24.65 -5.69 5.35
N HIS A 122 25.11 -6.90 5.03
CA HIS A 122 24.33 -8.12 5.16
C HIS A 122 24.09 -8.52 6.63
N HIS A 123 22.87 -8.94 6.95
CA HIS A 123 22.42 -9.39 8.28
C HIS A 123 21.62 -10.70 8.15
N HIS A 124 21.72 -11.57 9.17
CA HIS A 124 21.19 -12.94 9.15
C HIS A 124 20.47 -13.32 10.46
N HIS A 125 19.54 -14.29 10.37
CA HIS A 125 18.73 -14.80 11.50
C HIS A 125 18.49 -16.32 11.36
N GLY A 1 0.30 16.51 2.73
CA GLY A 1 1.50 16.00 3.43
C GLY A 1 1.36 14.51 3.75
N SER A 2 2.48 13.78 3.78
CA SER A 2 2.52 12.32 3.99
C SER A 2 2.01 11.84 5.37
N GLU A 3 2.05 12.70 6.39
CA GLU A 3 1.42 12.44 7.70
C GLU A 3 -0.10 12.22 7.61
N GLU A 4 -0.77 12.86 6.64
CA GLU A 4 -2.21 12.66 6.37
C GLU A 4 -2.53 11.27 5.80
N ILE A 5 -1.51 10.54 5.32
CA ILE A 5 -1.60 9.14 4.88
C ILE A 5 -1.09 8.17 5.95
N ARG A 6 -0.09 8.58 6.74
CA ARG A 6 0.32 7.83 7.95
C ARG A 6 -0.85 7.72 8.95
N GLU A 7 -1.74 8.70 9.02
CA GLU A 7 -2.96 8.59 9.83
C GLU A 7 -4.03 7.66 9.25
N LEU A 8 -4.09 7.53 7.92
CA LEU A 8 -5.17 6.81 7.22
C LEU A 8 -5.04 5.30 7.47
N VAL A 9 -3.82 4.76 7.37
CA VAL A 9 -3.55 3.34 7.65
C VAL A 9 -3.97 2.91 9.06
N ARG A 10 -3.91 3.81 10.06
CA ARG A 10 -4.33 3.57 11.45
C ARG A 10 -5.82 3.29 11.53
N LYS A 11 -6.62 4.06 10.77
CA LYS A 11 -8.07 3.88 10.68
C LYS A 11 -8.41 2.54 10.04
N ILE A 12 -7.64 2.13 9.03
CA ILE A 12 -7.83 0.84 8.36
C ILE A 12 -7.47 -0.31 9.29
N TYR A 13 -6.29 -0.31 9.90
CA TYR A 13 -5.85 -1.40 10.79
C TYR A 13 -6.77 -1.57 12.02
N GLU A 14 -7.37 -0.49 12.52
CA GLU A 14 -8.42 -0.56 13.54
C GLU A 14 -9.73 -1.13 12.98
N THR A 15 -10.16 -0.69 11.80
CA THR A 15 -11.44 -1.14 11.18
C THR A 15 -11.39 -2.60 10.76
N VAL A 16 -10.28 -3.09 10.22
CA VAL A 16 -10.11 -4.47 9.79
C VAL A 16 -10.01 -5.44 10.98
N ARG A 17 -9.30 -5.08 12.06
CA ARG A 17 -9.20 -5.94 13.26
C ARG A 17 -10.49 -6.03 14.06
N LYS A 18 -11.35 -5.00 14.00
CA LYS A 18 -12.73 -5.03 14.53
C LYS A 18 -13.62 -6.06 13.83
N GLU A 19 -13.35 -6.40 12.57
CA GLU A 19 -14.04 -7.47 11.85
C GLU A 19 -13.33 -8.84 12.02
N ASN A 20 -12.01 -8.89 11.87
CA ASN A 20 -11.16 -10.07 12.11
C ASN A 20 -9.70 -9.65 12.41
N PRO A 21 -9.11 -9.95 13.59
CA PRO A 21 -7.72 -9.59 13.92
C PRO A 21 -6.62 -10.34 13.14
N ASN A 22 -6.92 -11.47 12.49
CA ASN A 22 -5.92 -12.40 11.93
C ASN A 22 -5.36 -12.00 10.55
N VAL A 23 -6.23 -11.44 9.71
CA VAL A 23 -6.03 -11.05 8.30
C VAL A 23 -4.95 -9.96 8.13
N LYS A 24 -4.20 -10.05 7.01
CA LYS A 24 -3.10 -9.15 6.63
C LYS A 24 -3.56 -8.08 5.63
N ILE A 25 -2.92 -6.91 5.67
CA ILE A 25 -3.23 -5.75 4.82
C ILE A 25 -1.96 -5.22 4.17
N LEU A 26 -2.07 -4.85 2.90
CA LEU A 26 -1.07 -4.13 2.10
C LEU A 26 -1.60 -2.74 1.73
N ILE A 27 -0.76 -1.72 1.80
CA ILE A 27 -1.07 -0.37 1.29
C ILE A 27 0.02 0.06 0.30
N PHE A 28 -0.40 0.60 -0.84
CA PHE A 28 0.45 1.14 -1.89
C PHE A 28 0.35 2.67 -1.87
N ILE A 29 1.51 3.34 -1.87
CA ILE A 29 1.66 4.79 -1.88
C ILE A 29 2.34 5.18 -3.20
N ILE A 30 1.74 6.09 -3.95
CA ILE A 30 2.19 6.51 -5.29
C ILE A 30 2.65 7.96 -5.25
N PHE A 31 3.80 8.25 -5.83
CA PHE A 31 4.37 9.61 -5.96
C PHE A 31 4.54 9.93 -7.44
N THR A 32 3.85 10.95 -7.95
CA THR A 32 3.89 11.37 -9.37
C THR A 32 4.78 12.59 -9.60
N SER A 33 5.26 12.79 -10.83
CA SER A 33 5.97 14.01 -11.26
C SER A 33 5.11 15.28 -11.21
N ASP A 34 3.77 15.13 -11.25
CA ASP A 34 2.80 16.23 -11.13
C ASP A 34 2.54 16.65 -9.67
N GLY A 35 3.09 15.93 -8.68
CA GLY A 35 2.92 16.19 -7.25
C GLY A 35 1.63 15.62 -6.64
N THR A 36 0.85 14.84 -7.42
CA THR A 36 -0.31 14.07 -6.94
C THR A 36 0.17 12.82 -6.19
N ILE A 37 -0.52 12.46 -5.09
CA ILE A 37 -0.30 11.23 -4.34
C ILE A 37 -1.57 10.35 -4.41
N LYS A 38 -1.39 9.04 -4.59
CA LYS A 38 -2.46 8.03 -4.56
C LYS A 38 -2.20 6.95 -3.52
N VAL A 39 -3.30 6.36 -3.05
CA VAL A 39 -3.38 5.35 -1.97
C VAL A 39 -4.28 4.19 -2.38
N ILE A 40 -3.72 2.98 -2.49
CA ILE A 40 -4.46 1.74 -2.81
C ILE A 40 -4.34 0.79 -1.63
N ILE A 41 -5.43 0.11 -1.22
CA ILE A 41 -5.43 -0.83 -0.08
C ILE A 41 -5.84 -2.22 -0.54
N VAL A 42 -5.15 -3.25 -0.08
CA VAL A 42 -5.39 -4.65 -0.45
C VAL A 42 -5.49 -5.52 0.81
N ILE A 43 -6.57 -6.29 0.91
CA ILE A 43 -6.78 -7.23 2.02
C ILE A 43 -6.42 -8.66 1.58
N ILE A 44 -5.62 -9.35 2.41
CA ILE A 44 -5.26 -10.76 2.26
C ILE A 44 -5.63 -11.53 3.54
N ALA A 45 -6.79 -12.18 3.52
CA ALA A 45 -7.30 -13.02 4.61
C ALA A 45 -7.05 -14.51 4.34
N ASP A 46 -7.30 -15.35 5.36
CA ASP A 46 -7.13 -16.81 5.29
C ASP A 46 -8.11 -17.49 4.31
N ASP A 47 -9.26 -16.86 4.05
CA ASP A 47 -10.30 -17.32 3.13
C ASP A 47 -10.89 -16.12 2.34
N PRO A 48 -11.12 -16.23 1.01
CA PRO A 48 -11.66 -15.12 0.21
C PRO A 48 -13.07 -14.66 0.66
N ASN A 49 -13.89 -15.52 1.26
CA ASN A 49 -15.21 -15.14 1.78
C ASN A 49 -15.09 -14.22 3.01
N ASP A 50 -14.03 -14.36 3.81
CA ASP A 50 -13.72 -13.42 4.87
C ASP A 50 -13.12 -12.13 4.29
N ALA A 51 -12.17 -12.23 3.36
CA ALA A 51 -11.53 -11.07 2.74
C ALA A 51 -12.56 -10.09 2.15
N LYS A 52 -13.57 -10.61 1.44
CA LYS A 52 -14.67 -9.83 0.86
C LYS A 52 -15.45 -9.00 1.89
N ARG A 53 -15.69 -9.53 3.10
CA ARG A 53 -16.30 -8.80 4.24
C ARG A 53 -15.43 -7.63 4.69
N ILE A 54 -14.12 -7.86 4.83
CA ILE A 54 -13.16 -6.83 5.24
C ILE A 54 -13.04 -5.74 4.18
N VAL A 55 -12.87 -6.11 2.91
CA VAL A 55 -12.76 -5.21 1.76
C VAL A 55 -13.99 -4.32 1.68
N LYS A 56 -15.20 -4.90 1.78
CA LYS A 56 -16.46 -4.15 1.79
C LYS A 56 -16.52 -3.14 2.95
N LYS A 57 -15.98 -3.46 4.14
CA LYS A 57 -15.96 -2.53 5.27
C LYS A 57 -15.08 -1.30 4.99
N ILE A 58 -13.95 -1.47 4.30
CA ILE A 58 -13.10 -0.36 3.83
C ILE A 58 -13.76 0.39 2.66
N GLN A 59 -14.42 -0.32 1.74
CA GLN A 59 -15.03 0.26 0.53
C GLN A 59 -16.14 1.27 0.85
N GLU A 60 -17.04 0.95 1.80
CA GLU A 60 -18.13 1.85 2.18
C GLU A 60 -17.66 3.00 3.10
N ARG A 61 -16.59 2.80 3.88
CA ARG A 61 -16.00 3.81 4.76
C ARG A 61 -15.11 4.82 4.03
N PHE A 62 -14.43 4.39 2.96
CA PHE A 62 -13.51 5.19 2.16
C PHE A 62 -13.82 5.07 0.64
N PRO A 63 -15.00 5.53 0.18
CA PRO A 63 -15.47 5.32 -1.21
C PRO A 63 -14.62 6.05 -2.27
N LYS A 64 -13.87 7.09 -1.87
CA LYS A 64 -12.98 7.88 -2.72
C LYS A 64 -11.56 7.29 -2.85
N LEU A 65 -11.23 6.25 -2.07
CA LEU A 65 -10.02 5.43 -2.22
C LEU A 65 -10.35 4.17 -3.03
N THR A 66 -9.43 3.75 -3.91
CA THR A 66 -9.55 2.48 -4.65
C THR A 66 -8.88 1.35 -3.87
N ILE A 67 -9.56 0.21 -3.74
CA ILE A 67 -9.08 -0.96 -2.99
C ILE A 67 -9.25 -2.26 -3.80
N LYS A 68 -8.43 -3.27 -3.52
CA LYS A 68 -8.41 -4.58 -4.16
C LYS A 68 -8.30 -5.71 -3.12
N GLN A 69 -8.20 -6.96 -3.57
CA GLN A 69 -8.11 -8.15 -2.69
C GLN A 69 -7.16 -9.23 -3.21
N SER A 70 -6.75 -10.14 -2.33
CA SER A 70 -6.10 -11.41 -2.70
C SER A 70 -6.70 -12.58 -1.92
N ARG A 71 -6.80 -13.75 -2.57
CA ARG A 71 -7.52 -14.94 -2.06
C ARG A 71 -6.94 -15.46 -0.74
N ASN A 72 -5.63 -15.68 -0.71
CA ASN A 72 -4.84 -16.12 0.45
C ASN A 72 -3.33 -15.84 0.19
N GLU A 73 -2.90 -15.93 -1.07
CA GLU A 73 -1.52 -15.71 -1.50
C GLU A 73 -1.05 -14.25 -1.32
N GLU A 74 0.19 -14.08 -0.86
CA GLU A 74 0.78 -12.78 -0.53
C GLU A 74 1.45 -12.06 -1.73
N GLU A 75 1.41 -12.64 -2.93
CA GLU A 75 2.08 -12.13 -4.14
C GLU A 75 1.59 -10.75 -4.61
N ALA A 76 0.42 -10.29 -4.12
CA ALA A 76 -0.22 -9.04 -4.50
C ALA A 76 0.70 -7.81 -4.42
N GLU A 77 1.62 -7.74 -3.45
CA GLU A 77 2.55 -6.61 -3.32
C GLU A 77 3.43 -6.39 -4.55
N LYS A 78 3.83 -7.47 -5.26
CA LYS A 78 4.62 -7.39 -6.49
C LYS A 78 3.78 -7.50 -7.76
N ARG A 79 2.69 -8.28 -7.71
CA ARG A 79 1.72 -8.45 -8.81
C ARG A 79 0.92 -7.19 -9.10
N ILE A 80 0.53 -6.43 -8.07
CA ILE A 80 -0.15 -5.13 -8.22
C ILE A 80 0.86 -4.01 -8.47
N GLN A 81 2.10 -4.10 -7.98
CA GLN A 81 3.17 -3.15 -8.36
C GLN A 81 3.33 -3.05 -9.87
N LYS A 82 3.37 -4.20 -10.55
CA LYS A 82 3.51 -4.26 -12.01
C LYS A 82 2.35 -3.56 -12.72
N GLU A 83 1.12 -3.83 -12.27
CA GLU A 83 -0.11 -3.22 -12.79
C GLU A 83 -0.18 -1.70 -12.53
N LEU A 84 0.26 -1.26 -11.35
CA LEU A 84 0.37 0.15 -10.99
C LEU A 84 1.43 0.88 -11.83
N GLU A 85 2.56 0.24 -12.14
CA GLU A 85 3.61 0.79 -13.01
C GLU A 85 3.15 0.89 -14.48
N GLU A 86 2.34 -0.06 -14.95
CA GLU A 86 1.75 -0.01 -16.30
C GLU A 86 0.71 1.12 -16.47
N ARG A 87 -0.05 1.48 -15.42
CA ARG A 87 -1.08 2.54 -15.50
C ARG A 87 -0.63 3.94 -15.07
N ASN A 88 0.45 4.07 -14.28
CA ASN A 88 0.99 5.38 -13.85
C ASN A 88 2.33 5.70 -14.54
N PRO A 89 2.33 6.48 -15.64
CA PRO A 89 3.56 7.02 -16.22
C PRO A 89 4.15 8.12 -15.32
N ASN A 90 5.48 8.25 -15.31
CA ASN A 90 6.23 9.23 -14.50
C ASN A 90 5.87 9.21 -13.00
N ALA A 91 5.81 7.99 -12.43
CA ALA A 91 5.47 7.73 -11.03
C ALA A 91 6.41 6.71 -10.37
N GLU A 92 6.49 6.76 -9.04
CA GLU A 92 7.12 5.76 -8.18
C GLU A 92 6.07 5.17 -7.23
N ILE A 93 6.18 3.87 -6.98
CA ILE A 93 5.26 3.07 -6.16
C ILE A 93 6.03 2.51 -4.97
N GLN A 94 5.46 2.62 -3.77
CA GLN A 94 6.01 2.07 -2.53
C GLN A 94 4.95 1.24 -1.79
N VAL A 95 5.32 0.05 -1.32
CA VAL A 95 4.43 -0.85 -0.56
C VAL A 95 4.80 -0.80 0.93
N VAL A 96 3.78 -0.66 1.78
CA VAL A 96 3.88 -0.70 3.24
C VAL A 96 2.91 -1.73 3.84
N ARG A 97 3.44 -2.54 4.78
CA ARG A 97 2.72 -3.46 5.67
C ARG A 97 3.05 -3.25 7.17
N SER A 98 3.93 -2.30 7.51
CA SER A 98 4.26 -1.90 8.89
C SER A 98 4.55 -0.39 9.03
N GLU A 99 4.30 0.19 10.19
CA GLU A 99 4.52 1.62 10.48
C GLU A 99 5.99 2.05 10.26
N ASP A 100 6.94 1.16 10.52
CA ASP A 100 8.37 1.42 10.30
C ASP A 100 8.71 1.59 8.81
N GLU A 101 7.97 0.93 7.92
CA GLU A 101 8.13 1.08 6.47
C GLU A 101 7.52 2.39 5.97
N LEU A 102 6.40 2.84 6.56
CA LEU A 102 5.81 4.16 6.29
C LEU A 102 6.75 5.30 6.74
N LYS A 103 7.45 5.09 7.87
CA LYS A 103 8.55 5.97 8.34
C LYS A 103 9.72 5.97 7.36
N GLU A 104 10.16 4.81 6.90
CA GLU A 104 11.24 4.67 5.91
C GLU A 104 10.93 5.33 4.57
N ILE A 105 9.70 5.19 4.04
CA ILE A 105 9.27 5.86 2.80
C ILE A 105 9.45 7.39 2.91
N LEU A 106 9.22 7.97 4.10
CA LEU A 106 9.43 9.40 4.36
C LEU A 106 10.94 9.79 4.35
N ASP A 107 11.84 8.91 4.80
CA ASP A 107 13.29 9.11 4.67
C ASP A 107 13.76 8.91 3.22
N LYS A 108 13.15 7.97 2.49
CA LYS A 108 13.42 7.70 1.07
C LYS A 108 12.99 8.86 0.16
N LEU A 109 11.91 9.57 0.48
CA LEU A 109 11.53 10.83 -0.20
C LEU A 109 12.64 11.90 -0.09
N ASP A 110 13.29 12.02 1.07
CA ASP A 110 14.41 12.95 1.27
C ASP A 110 15.70 12.47 0.58
N GLU A 111 15.98 11.16 0.60
CA GLU A 111 17.13 10.56 -0.09
C GLU A 111 17.02 10.70 -1.62
N LYS A 112 15.82 10.54 -2.19
CA LYS A 112 15.51 10.75 -3.61
C LYS A 112 15.73 12.21 -4.05
N LYS A 113 15.51 13.18 -3.16
CA LYS A 113 15.81 14.61 -3.40
C LYS A 113 17.29 14.95 -3.21
N GLY A 114 17.99 14.21 -2.34
CA GLY A 114 19.43 14.32 -2.11
C GLY A 114 20.27 13.77 -3.27
N SER A 115 20.40 12.44 -3.35
CA SER A 115 21.05 11.70 -4.45
C SER A 115 20.62 10.22 -4.44
N TRP A 116 20.27 9.69 -5.61
CA TRP A 116 19.79 8.30 -5.79
C TRP A 116 20.44 7.55 -6.97
N SER A 117 21.27 8.23 -7.78
CA SER A 117 21.87 7.73 -9.03
C SER A 117 20.85 7.25 -10.08
N LEU A 118 21.37 6.73 -11.19
CA LEU A 118 20.66 6.02 -12.26
C LEU A 118 21.28 4.63 -12.50
N GLU A 119 22.61 4.50 -12.35
CA GLU A 119 23.38 3.27 -12.62
C GLU A 119 23.95 2.60 -11.36
N HIS A 120 24.14 3.32 -10.25
CA HIS A 120 24.65 2.75 -9.00
C HIS A 120 23.59 1.91 -8.26
N HIS A 121 24.01 0.80 -7.65
CA HIS A 121 23.14 -0.11 -6.88
C HIS A 121 23.89 -0.81 -5.73
N HIS A 122 25.06 -1.42 -6.03
CA HIS A 122 25.93 -2.10 -5.06
C HIS A 122 25.19 -3.09 -4.13
N HIS A 123 24.31 -3.90 -4.71
CA HIS A 123 23.47 -4.90 -4.02
C HIS A 123 22.66 -4.32 -2.83
N HIS A 124 21.97 -3.19 -3.05
CA HIS A 124 21.06 -2.58 -2.08
C HIS A 124 19.92 -3.55 -1.68
N HIS A 125 19.68 -3.70 -0.38
CA HIS A 125 18.74 -4.66 0.22
C HIS A 125 18.12 -4.10 1.52
N GLY A 1 -0.30 16.47 3.37
CA GLY A 1 1.06 16.00 3.73
C GLY A 1 1.07 14.53 4.12
N SER A 2 2.24 13.89 4.09
CA SER A 2 2.40 12.43 4.29
C SER A 2 1.96 11.92 5.68
N GLU A 3 1.97 12.79 6.70
CA GLU A 3 1.44 12.47 8.04
C GLU A 3 -0.05 12.07 8.00
N GLU A 4 -0.84 12.61 7.07
CA GLU A 4 -2.24 12.22 6.85
C GLU A 4 -2.36 10.77 6.32
N ILE A 5 -1.37 10.31 5.55
CA ILE A 5 -1.27 8.92 5.04
C ILE A 5 -0.91 7.97 6.20
N ARG A 6 -0.02 8.41 7.10
CA ARG A 6 0.32 7.69 8.34
C ARG A 6 -0.85 7.62 9.33
N GLU A 7 -1.72 8.63 9.36
CA GLU A 7 -2.99 8.56 10.10
C GLU A 7 -4.04 7.67 9.42
N LEU A 8 -4.16 7.70 8.08
CA LEU A 8 -5.14 6.91 7.32
C LEU A 8 -4.99 5.40 7.60
N VAL A 9 -3.77 4.87 7.55
CA VAL A 9 -3.48 3.45 7.79
C VAL A 9 -3.87 3.00 9.21
N ARG A 10 -3.75 3.89 10.21
CA ARG A 10 -4.18 3.63 11.60
C ARG A 10 -5.68 3.41 11.69
N LYS A 11 -6.47 4.24 10.99
CA LYS A 11 -7.93 4.10 10.93
C LYS A 11 -8.33 2.76 10.30
N ILE A 12 -7.56 2.30 9.31
CA ILE A 12 -7.82 1.03 8.63
C ILE A 12 -7.46 -0.14 9.53
N TYR A 13 -6.25 -0.17 10.11
CA TYR A 13 -5.80 -1.26 10.99
C TYR A 13 -6.72 -1.41 12.21
N GLU A 14 -7.20 -0.31 12.79
CA GLU A 14 -8.25 -0.35 13.82
C GLU A 14 -9.56 -0.94 13.29
N THR A 15 -10.03 -0.53 12.10
CA THR A 15 -11.32 -1.00 11.55
C THR A 15 -11.29 -2.49 11.19
N VAL A 16 -10.20 -2.97 10.59
CA VAL A 16 -10.04 -4.38 10.16
C VAL A 16 -9.81 -5.31 11.36
N ARG A 17 -9.03 -4.92 12.37
CA ARG A 17 -8.78 -5.73 13.59
C ARG A 17 -9.99 -5.79 14.52
N LYS A 18 -10.86 -4.76 14.51
CA LYS A 18 -12.14 -4.75 15.26
C LYS A 18 -13.09 -5.86 14.83
N GLU A 19 -13.00 -6.34 13.60
CA GLU A 19 -13.88 -7.40 13.07
C GLU A 19 -13.17 -8.76 12.89
N ASN A 20 -11.96 -8.81 12.31
CA ASN A 20 -11.24 -10.05 12.03
C ASN A 20 -9.70 -9.88 12.20
N PRO A 21 -9.14 -10.12 13.40
CA PRO A 21 -7.69 -9.97 13.68
C PRO A 21 -6.74 -10.86 12.83
N ASN A 22 -7.25 -11.96 12.26
CA ASN A 22 -6.49 -12.90 11.42
C ASN A 22 -6.00 -12.27 10.10
N VAL A 23 -6.80 -11.36 9.53
CA VAL A 23 -6.59 -10.72 8.22
C VAL A 23 -5.37 -9.77 8.22
N LYS A 24 -4.56 -9.84 7.16
CA LYS A 24 -3.37 -9.01 6.89
C LYS A 24 -3.68 -7.92 5.85
N ILE A 25 -2.97 -6.80 5.91
CA ILE A 25 -3.21 -5.61 5.06
C ILE A 25 -1.91 -5.14 4.40
N LEU A 26 -2.00 -4.73 3.14
CA LEU A 26 -0.96 -4.01 2.39
C LEU A 26 -1.51 -2.65 1.97
N ILE A 27 -0.66 -1.61 1.95
CA ILE A 27 -0.98 -0.32 1.35
C ILE A 27 0.09 0.03 0.31
N PHE A 28 -0.35 0.46 -0.87
CA PHE A 28 0.47 0.92 -1.98
C PHE A 28 0.38 2.44 -2.03
N ILE A 29 1.52 3.12 -2.06
CA ILE A 29 1.65 4.58 -2.08
C ILE A 29 2.31 4.97 -3.40
N ILE A 30 1.66 5.87 -4.13
CA ILE A 30 2.03 6.26 -5.49
C ILE A 30 2.44 7.73 -5.49
N PHE A 31 3.63 8.05 -6.01
CA PHE A 31 4.09 9.42 -6.22
C PHE A 31 4.30 9.67 -7.72
N THR A 32 3.52 10.56 -8.32
CA THR A 32 3.58 10.86 -9.77
C THR A 32 4.53 12.01 -10.10
N SER A 33 4.99 12.06 -11.35
CA SER A 33 5.79 13.18 -11.89
C SER A 33 5.04 14.53 -11.88
N ASP A 34 3.70 14.49 -11.89
CA ASP A 34 2.82 15.67 -11.75
C ASP A 34 2.60 16.10 -10.28
N GLY A 35 3.15 15.35 -9.32
CA GLY A 35 3.09 15.65 -7.87
C GLY A 35 1.84 15.13 -7.15
N THR A 36 1.04 14.27 -7.78
CA THR A 36 -0.14 13.62 -7.17
C THR A 36 0.28 12.46 -6.27
N ILE A 37 -0.44 12.27 -5.17
CA ILE A 37 -0.36 11.07 -4.31
C ILE A 37 -1.62 10.24 -4.48
N LYS A 38 -1.45 8.93 -4.73
CA LYS A 38 -2.52 7.93 -4.65
C LYS A 38 -2.18 6.90 -3.57
N VAL A 39 -3.22 6.37 -2.91
CA VAL A 39 -3.09 5.32 -1.89
C VAL A 39 -4.10 4.20 -2.16
N ILE A 40 -3.60 2.97 -2.36
CA ILE A 40 -4.40 1.78 -2.71
C ILE A 40 -4.28 0.77 -1.57
N ILE A 41 -5.42 0.32 -1.01
CA ILE A 41 -5.43 -0.58 0.16
C ILE A 41 -5.84 -1.99 -0.26
N VAL A 42 -5.09 -2.99 0.19
CA VAL A 42 -5.26 -4.39 -0.23
C VAL A 42 -5.38 -5.30 0.98
N ILE A 43 -6.41 -6.15 0.98
CA ILE A 43 -6.72 -7.08 2.07
C ILE A 43 -6.31 -8.50 1.69
N ILE A 44 -5.52 -9.15 2.56
CA ILE A 44 -4.95 -10.49 2.41
C ILE A 44 -5.51 -11.37 3.54
N ALA A 45 -6.30 -12.40 3.22
CA ALA A 45 -6.79 -13.40 4.18
C ALA A 45 -6.61 -14.84 3.64
N ASP A 46 -6.75 -15.84 4.52
CA ASP A 46 -6.57 -17.27 4.19
C ASP A 46 -7.62 -17.81 3.19
N ASP A 47 -8.75 -17.11 3.05
CA ASP A 47 -9.75 -17.33 2.01
C ASP A 47 -10.21 -15.96 1.44
N PRO A 48 -10.26 -15.76 0.11
CA PRO A 48 -10.61 -14.47 -0.48
C PRO A 48 -12.04 -14.02 -0.17
N ASN A 49 -12.97 -14.92 0.14
CA ASN A 49 -14.36 -14.54 0.43
C ASN A 49 -14.51 -13.82 1.77
N ASP A 50 -13.63 -14.11 2.73
CA ASP A 50 -13.51 -13.33 3.96
C ASP A 50 -12.87 -11.96 3.68
N ALA A 51 -11.84 -11.91 2.81
CA ALA A 51 -11.22 -10.65 2.40
C ALA A 51 -12.21 -9.71 1.70
N LYS A 52 -13.06 -10.21 0.80
CA LYS A 52 -14.12 -9.43 0.11
C LYS A 52 -15.00 -8.65 1.10
N ARG A 53 -15.38 -9.27 2.23
CA ARG A 53 -16.21 -8.65 3.28
C ARG A 53 -15.50 -7.47 3.95
N ILE A 54 -14.21 -7.61 4.25
CA ILE A 54 -13.37 -6.55 4.83
C ILE A 54 -13.18 -5.41 3.81
N VAL A 55 -12.85 -5.75 2.56
CA VAL A 55 -12.68 -4.78 1.47
C VAL A 55 -13.94 -3.93 1.32
N LYS A 56 -15.12 -4.55 1.28
CA LYS A 56 -16.42 -3.84 1.24
C LYS A 56 -16.55 -2.85 2.42
N LYS A 57 -16.13 -3.22 3.63
CA LYS A 57 -16.16 -2.32 4.80
C LYS A 57 -15.22 -1.12 4.64
N ILE A 58 -13.99 -1.31 4.13
CA ILE A 58 -13.08 -0.20 3.82
C ILE A 58 -13.63 0.67 2.67
N GLN A 59 -14.37 0.08 1.73
CA GLN A 59 -15.04 0.81 0.65
C GLN A 59 -16.16 1.73 1.18
N GLU A 60 -16.90 1.30 2.21
CA GLU A 60 -17.89 2.13 2.91
C GLU A 60 -17.25 3.14 3.88
N ARG A 61 -16.06 2.83 4.42
CA ARG A 61 -15.28 3.70 5.32
C ARG A 61 -14.60 4.85 4.56
N PHE A 62 -14.06 4.57 3.37
CA PHE A 62 -13.32 5.50 2.50
C PHE A 62 -13.78 5.38 1.02
N PRO A 63 -15.00 5.79 0.66
CA PRO A 63 -15.55 5.65 -0.69
C PRO A 63 -14.81 6.46 -1.78
N LYS A 64 -13.96 7.41 -1.39
CA LYS A 64 -13.07 8.19 -2.29
C LYS A 64 -11.72 7.52 -2.57
N LEU A 65 -11.36 6.44 -1.86
CA LEU A 65 -10.14 5.66 -2.09
C LEU A 65 -10.39 4.40 -2.92
N THR A 66 -9.41 3.99 -3.73
CA THR A 66 -9.44 2.73 -4.50
C THR A 66 -8.77 1.61 -3.70
N ILE A 67 -9.38 0.43 -3.67
CA ILE A 67 -8.95 -0.72 -2.85
C ILE A 67 -9.08 -2.06 -3.62
N LYS A 68 -8.42 -3.12 -3.13
CA LYS A 68 -8.34 -4.43 -3.79
C LYS A 68 -8.36 -5.62 -2.81
N GLN A 69 -8.66 -6.83 -3.31
CA GLN A 69 -8.66 -8.09 -2.53
C GLN A 69 -7.58 -9.08 -3.00
N SER A 70 -7.03 -9.88 -2.09
CA SER A 70 -6.10 -10.98 -2.39
C SER A 70 -6.59 -12.34 -1.90
N ARG A 71 -6.20 -13.41 -2.60
CA ARG A 71 -6.37 -14.83 -2.22
C ARG A 71 -5.09 -15.50 -1.68
N ASN A 72 -3.93 -14.86 -1.86
CA ASN A 72 -2.60 -15.44 -1.58
C ASN A 72 -1.76 -14.52 -0.66
N GLU A 73 -0.92 -15.12 0.17
CA GLU A 73 -0.05 -14.41 1.13
C GLU A 73 1.18 -13.80 0.43
N GLU A 74 1.48 -12.53 0.72
CA GLU A 74 2.55 -11.67 0.15
C GLU A 74 2.59 -11.47 -1.38
N GLU A 75 1.98 -12.35 -2.19
CA GLU A 75 2.05 -12.31 -3.66
C GLU A 75 1.44 -11.03 -4.27
N ALA A 76 0.46 -10.43 -3.60
CA ALA A 76 -0.15 -9.17 -4.02
C ALA A 76 0.87 -8.02 -4.16
N GLU A 77 1.93 -8.00 -3.36
CA GLU A 77 2.99 -6.97 -3.40
C GLU A 77 3.63 -6.85 -4.78
N LYS A 78 3.99 -7.98 -5.42
CA LYS A 78 4.56 -8.02 -6.78
C LYS A 78 3.53 -8.13 -7.90
N ARG A 79 2.38 -8.78 -7.64
CA ARG A 79 1.29 -8.91 -8.63
C ARG A 79 0.61 -7.57 -8.92
N ILE A 80 0.27 -6.81 -7.88
CA ILE A 80 -0.40 -5.50 -8.03
C ILE A 80 0.59 -4.43 -8.47
N GLN A 81 1.89 -4.53 -8.12
CA GLN A 81 2.93 -3.64 -8.66
C GLN A 81 2.92 -3.60 -10.18
N LYS A 82 2.78 -4.75 -10.85
CA LYS A 82 2.76 -4.82 -12.31
C LYS A 82 1.53 -4.10 -12.86
N GLU A 83 0.36 -4.40 -12.29
CA GLU A 83 -0.93 -3.77 -12.64
C GLU A 83 -0.94 -2.25 -12.39
N LEU A 84 -0.20 -1.77 -11.39
CA LEU A 84 0.00 -0.35 -11.14
C LEU A 84 0.98 0.29 -12.12
N GLU A 85 2.16 -0.27 -12.36
CA GLU A 85 3.14 0.26 -13.32
C GLU A 85 2.55 0.34 -14.75
N GLU A 86 1.67 -0.60 -15.10
CA GLU A 86 0.87 -0.64 -16.32
C GLU A 86 -0.04 0.60 -16.52
N ARG A 87 -0.60 1.16 -15.43
CA ARG A 87 -1.51 2.34 -15.46
C ARG A 87 -0.92 3.63 -14.91
N ASN A 88 0.24 3.56 -14.25
CA ASN A 88 1.04 4.67 -13.73
C ASN A 88 2.45 4.66 -14.37
N PRO A 89 2.61 5.08 -15.63
CA PRO A 89 3.88 5.02 -16.36
C PRO A 89 4.91 6.06 -15.87
N ASN A 90 4.44 7.21 -15.36
CA ASN A 90 5.25 8.36 -14.93
C ASN A 90 5.20 8.53 -13.40
N ALA A 91 5.28 7.43 -12.66
CA ALA A 91 5.16 7.39 -11.20
C ALA A 91 6.14 6.40 -10.53
N GLU A 92 6.26 6.51 -9.21
CA GLU A 92 6.94 5.57 -8.33
C GLU A 92 5.91 4.93 -7.38
N ILE A 93 5.87 3.60 -7.34
CA ILE A 93 5.00 2.80 -6.45
C ILE A 93 5.85 2.24 -5.31
N GLN A 94 5.37 2.41 -4.07
CA GLN A 94 6.00 1.90 -2.85
C GLN A 94 4.97 1.09 -2.06
N VAL A 95 5.39 -0.01 -1.42
CA VAL A 95 4.51 -0.90 -0.65
C VAL A 95 4.90 -0.90 0.83
N VAL A 96 3.92 -0.74 1.71
CA VAL A 96 4.06 -0.62 3.16
C VAL A 96 3.19 -1.65 3.90
N ARG A 97 3.78 -2.24 4.95
CA ARG A 97 3.21 -3.33 5.77
C ARG A 97 2.94 -2.91 7.23
N SER A 98 3.45 -1.74 7.63
CA SER A 98 3.34 -1.17 8.99
C SER A 98 3.40 0.37 8.96
N GLU A 99 2.81 1.04 9.95
CA GLU A 99 2.98 2.49 10.16
C GLU A 99 4.46 2.92 10.28
N ASP A 100 5.33 2.04 10.78
CA ASP A 100 6.77 2.26 10.89
C ASP A 100 7.48 2.22 9.51
N GLU A 101 7.01 1.37 8.60
CA GLU A 101 7.48 1.34 7.20
C GLU A 101 6.95 2.55 6.41
N LEU A 102 5.77 3.07 6.75
CA LEU A 102 5.25 4.33 6.20
C LEU A 102 6.11 5.53 6.63
N LYS A 103 6.58 5.54 7.90
CA LYS A 103 7.57 6.50 8.40
C LYS A 103 8.89 6.40 7.64
N GLU A 104 9.37 5.18 7.34
CA GLU A 104 10.56 5.01 6.50
C GLU A 104 10.37 5.50 5.07
N ILE A 105 9.21 5.30 4.44
CA ILE A 105 8.92 5.88 3.10
C ILE A 105 9.08 7.41 3.13
N LEU A 106 8.63 8.07 4.20
CA LEU A 106 8.80 9.51 4.39
C LEU A 106 10.29 9.93 4.45
N ASP A 107 11.18 9.11 5.02
CA ASP A 107 12.63 9.35 5.02
C ASP A 107 13.25 9.08 3.64
N LYS A 108 12.81 8.00 2.98
CA LYS A 108 13.28 7.58 1.64
C LYS A 108 12.93 8.60 0.55
N LEU A 109 11.81 9.31 0.66
CA LEU A 109 11.43 10.41 -0.23
C LEU A 109 12.44 11.57 -0.18
N ASP A 110 12.98 11.91 0.99
CA ASP A 110 14.05 12.92 1.13
C ASP A 110 15.43 12.39 0.71
N GLU A 111 15.67 11.08 0.80
CA GLU A 111 16.90 10.42 0.31
C GLU A 111 16.92 10.27 -1.23
N LYS A 112 15.75 10.23 -1.89
CA LYS A 112 15.56 9.91 -3.32
C LYS A 112 16.36 10.82 -4.27
N LYS A 113 16.53 12.10 -3.91
CA LYS A 113 17.30 13.12 -4.65
C LYS A 113 18.82 13.02 -4.47
N GLY A 114 19.28 12.44 -3.35
CA GLY A 114 20.70 12.24 -3.02
C GLY A 114 21.25 10.86 -3.42
N SER A 115 20.40 9.82 -3.42
CA SER A 115 20.76 8.44 -3.76
C SER A 115 21.03 8.22 -5.26
N TRP A 116 21.78 7.17 -5.59
CA TRP A 116 22.10 6.75 -6.95
C TRP A 116 22.18 5.21 -7.08
N SER A 117 21.74 4.68 -8.22
CA SER A 117 21.71 3.25 -8.55
C SER A 117 22.06 2.99 -10.03
N LEU A 118 22.55 1.78 -10.33
CA LEU A 118 22.86 1.30 -11.68
C LEU A 118 21.98 0.10 -12.09
N GLU A 119 21.90 -0.17 -13.40
CA GLU A 119 21.10 -1.26 -13.96
C GLU A 119 21.69 -2.65 -13.67
N HIS A 120 20.83 -3.68 -13.67
CA HIS A 120 21.18 -5.08 -13.40
C HIS A 120 20.35 -6.06 -14.28
N HIS A 121 20.84 -7.29 -14.45
CA HIS A 121 20.23 -8.34 -15.29
C HIS A 121 20.33 -9.73 -14.64
N HIS A 122 19.48 -10.66 -15.09
CA HIS A 122 19.39 -12.02 -14.54
C HIS A 122 20.64 -12.88 -14.84
N HIS A 123 20.93 -13.86 -13.97
CA HIS A 123 22.04 -14.80 -14.14
C HIS A 123 21.81 -15.80 -15.30
N HIS A 124 20.55 -16.22 -15.50
CA HIS A 124 20.14 -17.10 -16.61
C HIS A 124 18.67 -16.88 -17.01
N HIS A 125 17.75 -16.92 -16.03
CA HIS A 125 16.29 -16.95 -16.21
C HIS A 125 15.84 -18.03 -17.22
N GLY A 1 -1.46 16.24 2.66
CA GLY A 1 -0.03 15.85 2.84
C GLY A 1 0.10 14.40 3.26
N SER A 2 1.31 13.83 3.14
CA SER A 2 1.62 12.42 3.44
C SER A 2 1.37 11.99 4.89
N GLU A 3 1.38 12.93 5.84
CA GLU A 3 1.01 12.68 7.24
C GLU A 3 -0.43 12.18 7.40
N GLU A 4 -1.35 12.58 6.52
CA GLU A 4 -2.74 12.09 6.50
C GLU A 4 -2.81 10.62 6.06
N ILE A 5 -1.96 10.20 5.12
CA ILE A 5 -1.83 8.80 4.66
C ILE A 5 -1.17 7.94 5.75
N ARG A 6 -0.22 8.52 6.50
CA ARG A 6 0.44 7.90 7.66
C ARG A 6 -0.52 7.72 8.84
N GLU A 7 -1.50 8.61 9.00
CA GLU A 7 -2.63 8.42 9.94
C GLU A 7 -3.66 7.40 9.40
N LEU A 8 -4.02 7.44 8.12
CA LEU A 8 -5.04 6.61 7.47
C LEU A 8 -4.82 5.11 7.72
N VAL A 9 -3.59 4.62 7.55
CA VAL A 9 -3.26 3.19 7.77
C VAL A 9 -3.62 2.72 9.18
N ARG A 10 -3.47 3.57 10.20
CA ARG A 10 -3.77 3.25 11.60
C ARG A 10 -5.27 3.06 11.81
N LYS A 11 -6.08 3.84 11.11
CA LYS A 11 -7.55 3.75 11.14
C LYS A 11 -8.01 2.46 10.47
N ILE A 12 -7.33 2.03 9.40
CA ILE A 12 -7.62 0.76 8.73
C ILE A 12 -7.20 -0.42 9.61
N TYR A 13 -5.99 -0.45 10.14
CA TYR A 13 -5.48 -1.55 10.98
C TYR A 13 -6.30 -1.71 12.28
N GLU A 14 -6.86 -0.62 12.83
CA GLU A 14 -7.83 -0.69 13.92
C GLU A 14 -9.18 -1.24 13.44
N THR A 15 -9.71 -0.75 12.32
CA THR A 15 -11.04 -1.16 11.79
C THR A 15 -11.06 -2.65 11.43
N VAL A 16 -10.03 -3.13 10.74
CA VAL A 16 -9.95 -4.52 10.27
C VAL A 16 -9.87 -5.51 11.44
N ARG A 17 -9.05 -5.25 12.47
CA ARG A 17 -8.98 -6.14 13.65
C ARG A 17 -10.22 -6.08 14.55
N LYS A 18 -10.90 -4.92 14.62
CA LYS A 18 -12.17 -4.75 15.35
C LYS A 18 -13.29 -5.59 14.74
N GLU A 19 -13.33 -5.71 13.41
CA GLU A 19 -14.41 -6.40 12.70
C GLU A 19 -14.08 -7.85 12.30
N ASN A 20 -12.82 -8.19 12.00
CA ASN A 20 -12.36 -9.58 11.78
C ASN A 20 -10.82 -9.73 11.97
N PRO A 21 -10.34 -10.38 13.06
CA PRO A 21 -8.91 -10.62 13.28
C PRO A 21 -8.32 -11.65 12.29
N ASN A 22 -7.02 -11.97 12.43
CA ASN A 22 -6.19 -12.84 11.57
C ASN A 22 -5.89 -12.28 10.16
N VAL A 23 -6.87 -11.66 9.52
CA VAL A 23 -6.77 -10.93 8.24
C VAL A 23 -5.64 -9.88 8.27
N LYS A 24 -4.84 -9.81 7.20
CA LYS A 24 -3.65 -8.95 7.06
C LYS A 24 -3.83 -7.92 5.93
N ILE A 25 -3.05 -6.83 5.96
CA ILE A 25 -3.25 -5.62 5.14
C ILE A 25 -1.95 -5.15 4.48
N LEU A 26 -2.05 -4.63 3.26
CA LEU A 26 -1.01 -3.89 2.53
C LEU A 26 -1.58 -2.56 2.05
N ILE A 27 -0.77 -1.49 2.00
CA ILE A 27 -1.14 -0.22 1.36
C ILE A 27 -0.03 0.22 0.41
N PHE A 28 -0.39 0.57 -0.82
CA PHE A 28 0.50 1.09 -1.86
C PHE A 28 0.38 2.60 -1.91
N ILE A 29 1.52 3.28 -1.95
CA ILE A 29 1.69 4.74 -1.93
C ILE A 29 2.43 5.15 -3.20
N ILE A 30 1.85 6.09 -3.94
CA ILE A 30 2.30 6.50 -5.28
C ILE A 30 2.64 7.99 -5.24
N PHE A 31 3.80 8.36 -5.80
CA PHE A 31 4.21 9.75 -6.02
C PHE A 31 4.44 9.98 -7.51
N THR A 32 3.71 10.92 -8.12
CA THR A 32 3.82 11.24 -9.55
C THR A 32 4.81 12.38 -9.83
N SER A 33 5.29 12.49 -11.08
CA SER A 33 6.12 13.60 -11.55
C SER A 33 5.44 14.98 -11.47
N ASP A 34 4.10 15.03 -11.38
CA ASP A 34 3.31 16.25 -11.17
C ASP A 34 3.07 16.58 -9.68
N GLY A 35 3.59 15.75 -8.77
CA GLY A 35 3.46 15.91 -7.31
C GLY A 35 2.15 15.38 -6.71
N THR A 36 1.35 14.62 -7.48
CA THR A 36 0.11 13.98 -7.01
C THR A 36 0.45 12.74 -6.16
N ILE A 37 -0.38 12.48 -5.14
CA ILE A 37 -0.27 11.28 -4.29
C ILE A 37 -1.51 10.39 -4.49
N LYS A 38 -1.29 9.07 -4.63
CA LYS A 38 -2.34 8.04 -4.71
C LYS A 38 -2.10 6.93 -3.68
N VAL A 39 -3.21 6.31 -3.25
CA VAL A 39 -3.26 5.24 -2.23
C VAL A 39 -4.15 4.08 -2.67
N ILE A 40 -3.63 2.85 -2.62
CA ILE A 40 -4.40 1.60 -2.86
C ILE A 40 -4.33 0.70 -1.62
N ILE A 41 -5.47 0.24 -1.08
CA ILE A 41 -5.51 -0.59 0.14
C ILE A 41 -5.84 -2.03 -0.26
N VAL A 42 -5.12 -3.01 0.27
CA VAL A 42 -5.27 -4.43 -0.09
C VAL A 42 -5.46 -5.29 1.15
N ILE A 43 -6.50 -6.12 1.14
CA ILE A 43 -6.83 -7.06 2.22
C ILE A 43 -6.43 -8.48 1.81
N ILE A 44 -5.58 -9.12 2.60
CA ILE A 44 -5.11 -10.50 2.45
C ILE A 44 -5.76 -11.34 3.56
N ALA A 45 -6.60 -12.32 3.19
CA ALA A 45 -7.13 -13.32 4.11
C ALA A 45 -6.90 -14.76 3.61
N ASP A 46 -7.00 -15.73 4.52
CA ASP A 46 -6.83 -17.17 4.24
C ASP A 46 -7.97 -17.78 3.40
N ASP A 47 -9.12 -17.10 3.32
CA ASP A 47 -10.26 -17.43 2.48
C ASP A 47 -10.85 -16.16 1.82
N PRO A 48 -11.10 -16.14 0.49
CA PRO A 48 -11.61 -14.95 -0.20
C PRO A 48 -12.99 -14.49 0.30
N ASN A 49 -13.83 -15.38 0.86
CA ASN A 49 -15.14 -15.00 1.40
C ASN A 49 -15.03 -14.12 2.65
N ASP A 50 -13.97 -14.30 3.45
CA ASP A 50 -13.65 -13.40 4.56
C ASP A 50 -13.14 -12.06 4.03
N ALA A 51 -12.19 -12.07 3.08
CA ALA A 51 -11.61 -10.84 2.52
C ALA A 51 -12.67 -9.95 1.83
N LYS A 52 -13.60 -10.53 1.05
CA LYS A 52 -14.69 -9.80 0.39
C LYS A 52 -15.49 -8.91 1.34
N ARG A 53 -15.82 -9.42 2.53
CA ARG A 53 -16.57 -8.67 3.57
C ARG A 53 -15.77 -7.48 4.09
N ILE A 54 -14.46 -7.64 4.31
CA ILE A 54 -13.57 -6.59 4.81
C ILE A 54 -13.35 -5.52 3.74
N VAL A 55 -13.01 -5.93 2.51
CA VAL A 55 -12.81 -5.02 1.37
C VAL A 55 -14.04 -4.14 1.18
N LYS A 56 -15.24 -4.74 1.12
CA LYS A 56 -16.50 -4.00 1.03
C LYS A 56 -16.65 -3.00 2.18
N LYS A 57 -16.25 -3.36 3.41
CA LYS A 57 -16.37 -2.48 4.57
C LYS A 57 -15.35 -1.33 4.58
N ILE A 58 -14.13 -1.50 4.03
CA ILE A 58 -13.18 -0.41 3.78
C ILE A 58 -13.70 0.49 2.65
N GLN A 59 -14.36 -0.08 1.63
CA GLN A 59 -15.04 0.68 0.57
C GLN A 59 -16.14 1.59 1.15
N GLU A 60 -16.86 1.13 2.19
CA GLU A 60 -17.86 1.93 2.90
C GLU A 60 -17.28 3.00 3.84
N ARG A 61 -16.10 2.77 4.45
CA ARG A 61 -15.40 3.82 5.24
C ARG A 61 -14.76 4.89 4.35
N PHE A 62 -14.14 4.47 3.25
CA PHE A 62 -13.28 5.29 2.39
C PHE A 62 -13.63 5.18 0.89
N PRO A 63 -14.83 5.62 0.47
CA PRO A 63 -15.29 5.49 -0.93
C PRO A 63 -14.46 6.29 -1.96
N LYS A 64 -13.67 7.28 -1.51
CA LYS A 64 -12.72 8.05 -2.34
C LYS A 64 -11.45 7.27 -2.71
N LEU A 65 -11.10 6.22 -1.96
CA LEU A 65 -9.90 5.39 -2.13
C LEU A 65 -10.20 4.13 -2.94
N THR A 66 -9.29 3.76 -3.84
CA THR A 66 -9.34 2.50 -4.59
C THR A 66 -8.73 1.37 -3.78
N ILE A 67 -9.35 0.20 -3.77
CA ILE A 67 -8.94 -0.96 -2.94
C ILE A 67 -8.97 -2.28 -3.73
N LYS A 68 -8.32 -3.32 -3.18
CA LYS A 68 -8.15 -4.66 -3.78
C LYS A 68 -8.34 -5.78 -2.75
N GLN A 69 -8.58 -7.01 -3.23
CA GLN A 69 -8.60 -8.24 -2.43
C GLN A 69 -7.45 -9.18 -2.83
N SER A 70 -6.95 -9.98 -1.89
CA SER A 70 -5.87 -10.96 -2.10
C SER A 70 -6.02 -12.22 -1.24
N ARG A 71 -5.40 -13.32 -1.70
CA ARG A 71 -5.61 -14.69 -1.17
C ARG A 71 -4.34 -15.38 -0.66
N ASN A 72 -3.18 -14.74 -0.79
CA ASN A 72 -1.88 -15.22 -0.28
C ASN A 72 -1.03 -14.03 0.20
N GLU A 73 -0.21 -14.24 1.23
CA GLU A 73 0.69 -13.22 1.81
C GLU A 73 1.94 -12.96 0.95
N GLU A 74 2.41 -11.71 0.91
CA GLU A 74 3.49 -11.18 0.05
C GLU A 74 3.24 -11.26 -1.47
N GLU A 75 2.39 -12.17 -1.94
CA GLU A 75 2.03 -12.41 -3.34
C GLU A 75 1.56 -11.14 -4.06
N ALA A 76 0.77 -10.31 -3.35
CA ALA A 76 0.18 -9.09 -3.85
C ALA A 76 1.19 -7.97 -4.12
N GLU A 77 2.36 -7.96 -3.47
CA GLU A 77 3.35 -6.88 -3.62
C GLU A 77 3.89 -6.79 -5.05
N LYS A 78 4.40 -7.88 -5.63
CA LYS A 78 4.87 -7.90 -7.02
C LYS A 78 3.73 -7.85 -8.05
N ARG A 79 2.60 -8.49 -7.74
CA ARG A 79 1.44 -8.60 -8.63
C ARG A 79 0.71 -7.27 -8.81
N ILE A 80 0.55 -6.50 -7.73
CA ILE A 80 -0.10 -5.18 -7.80
C ILE A 80 0.91 -4.09 -8.21
N GLN A 81 2.21 -4.23 -7.89
CA GLN A 81 3.25 -3.35 -8.44
C GLN A 81 3.19 -3.29 -9.97
N LYS A 82 3.06 -4.45 -10.62
CA LYS A 82 3.03 -4.53 -12.08
C LYS A 82 1.82 -3.79 -12.67
N GLU A 83 0.64 -3.94 -12.04
CA GLU A 83 -0.59 -3.24 -12.44
C GLU A 83 -0.49 -1.73 -12.20
N LEU A 84 0.06 -1.31 -11.07
CA LEU A 84 0.27 0.09 -10.72
C LEU A 84 1.30 0.80 -11.62
N GLU A 85 2.37 0.11 -12.03
CA GLU A 85 3.35 0.64 -12.97
C GLU A 85 2.78 0.74 -14.39
N GLU A 86 1.94 -0.23 -14.79
CA GLU A 86 1.24 -0.22 -16.09
C GLU A 86 0.22 0.93 -16.19
N ARG A 87 -0.46 1.28 -15.08
CA ARG A 87 -1.48 2.36 -15.03
C ARG A 87 -0.96 3.72 -14.54
N ASN A 88 0.27 3.83 -14.03
CA ASN A 88 0.94 5.10 -13.70
C ASN A 88 2.35 5.15 -14.35
N PRO A 89 2.49 5.70 -15.57
CA PRO A 89 3.76 5.69 -16.32
C PRO A 89 4.78 6.74 -15.84
N ASN A 90 4.31 7.79 -15.16
CA ASN A 90 5.09 8.94 -14.67
C ASN A 90 5.11 8.98 -13.12
N ALA A 91 5.30 7.81 -12.49
CA ALA A 91 5.15 7.63 -11.05
C ALA A 91 6.15 6.66 -10.41
N GLU A 92 6.31 6.78 -9.08
CA GLU A 92 7.04 5.85 -8.21
C GLU A 92 6.05 5.15 -7.27
N ILE A 93 6.22 3.84 -7.07
CA ILE A 93 5.36 2.99 -6.23
C ILE A 93 6.18 2.48 -5.04
N GLN A 94 5.60 2.53 -3.84
CA GLN A 94 6.12 1.87 -2.63
C GLN A 94 4.95 1.21 -1.89
N VAL A 95 5.19 0.07 -1.24
CA VAL A 95 4.19 -0.61 -0.41
C VAL A 95 4.63 -0.64 1.06
N VAL A 96 3.72 -0.27 1.95
CA VAL A 96 3.89 -0.35 3.41
C VAL A 96 3.29 -1.67 3.91
N ARG A 97 4.08 -2.35 4.76
CA ARG A 97 3.70 -3.61 5.44
C ARG A 97 3.49 -3.41 6.96
N SER A 98 4.11 -2.39 7.56
CA SER A 98 4.03 -2.02 8.98
C SER A 98 4.30 -0.52 9.19
N GLU A 99 4.01 0.00 10.39
CA GLU A 99 4.18 1.42 10.80
C GLU A 99 5.60 1.98 10.52
N ASP A 100 6.64 1.15 10.65
CA ASP A 100 8.03 1.52 10.38
C ASP A 100 8.33 1.65 8.87
N GLU A 101 7.64 0.87 8.02
CA GLU A 101 7.84 0.91 6.57
C GLU A 101 7.31 2.21 5.96
N LEU A 102 6.16 2.72 6.47
CA LEU A 102 5.61 4.01 6.06
C LEU A 102 6.53 5.19 6.45
N LYS A 103 7.14 5.12 7.65
CA LYS A 103 8.19 6.06 8.07
C LYS A 103 9.35 6.04 7.08
N GLU A 104 9.86 4.86 6.72
CA GLU A 104 10.99 4.75 5.78
C GLU A 104 10.65 5.27 4.36
N ILE A 105 9.42 5.07 3.87
CA ILE A 105 8.94 5.72 2.62
C ILE A 105 9.01 7.25 2.74
N LEU A 106 8.59 7.81 3.88
CA LEU A 106 8.70 9.26 4.15
C LEU A 106 10.18 9.72 4.25
N ASP A 107 11.08 8.83 4.66
CA ASP A 107 12.53 9.09 4.73
C ASP A 107 13.19 9.08 3.33
N LYS A 108 12.81 8.09 2.51
CA LYS A 108 13.23 7.92 1.10
C LYS A 108 12.89 9.13 0.25
N LEU A 109 11.73 9.76 0.47
CA LEU A 109 11.29 10.96 -0.26
C LEU A 109 12.23 12.17 -0.12
N ASP A 110 13.08 12.23 0.92
CA ASP A 110 14.16 13.23 1.01
C ASP A 110 15.36 12.86 0.10
N GLU A 111 15.81 11.60 0.16
CA GLU A 111 16.95 11.11 -0.63
C GLU A 111 16.67 11.08 -2.15
N LYS A 112 15.41 10.88 -2.54
CA LYS A 112 14.92 10.93 -3.93
C LYS A 112 15.12 12.28 -4.63
N LYS A 113 15.23 13.39 -3.87
CA LYS A 113 15.58 14.74 -4.36
C LYS A 113 16.97 15.23 -3.93
N GLY A 114 17.50 14.73 -2.81
CA GLY A 114 18.88 15.00 -2.37
C GLY A 114 19.96 14.28 -3.19
N SER A 115 19.60 13.18 -3.86
CA SER A 115 20.44 12.37 -4.76
C SER A 115 19.62 11.83 -5.95
N TRP A 116 20.26 11.08 -6.85
CA TRP A 116 19.63 10.47 -8.03
C TRP A 116 20.23 9.09 -8.36
N SER A 117 19.42 8.21 -8.98
CA SER A 117 19.80 6.83 -9.37
C SER A 117 20.38 5.99 -8.21
N LEU A 118 19.82 6.15 -7.01
CA LEU A 118 20.27 5.48 -5.78
C LEU A 118 20.01 3.96 -5.76
N GLU A 119 19.10 3.46 -6.60
CA GLU A 119 18.87 2.03 -6.87
C GLU A 119 18.33 1.84 -8.31
N HIS A 120 18.61 0.68 -8.92
CA HIS A 120 18.21 0.35 -10.30
C HIS A 120 17.93 -1.15 -10.51
N HIS A 121 17.21 -1.49 -11.58
CA HIS A 121 16.87 -2.86 -12.02
C HIS A 121 16.26 -3.73 -10.88
N HIS A 122 15.07 -3.33 -10.43
CA HIS A 122 14.30 -4.02 -9.37
C HIS A 122 13.75 -5.39 -9.84
N HIS A 123 13.35 -6.23 -8.87
CA HIS A 123 12.81 -7.59 -9.10
C HIS A 123 13.78 -8.49 -9.90
N HIS A 124 13.26 -9.52 -10.59
CA HIS A 124 14.02 -10.52 -11.38
C HIS A 124 15.06 -11.32 -10.55
N HIS A 125 14.80 -11.52 -9.26
CA HIS A 125 15.60 -12.31 -8.31
C HIS A 125 14.70 -13.00 -7.26
N GLY A 1 0.44 15.68 2.53
CA GLY A 1 1.73 15.01 2.82
C GLY A 1 1.53 13.62 3.42
N SER A 2 2.61 12.84 3.50
CA SER A 2 2.61 11.44 3.96
C SER A 2 2.06 11.23 5.39
N GLU A 3 2.10 12.27 6.24
CA GLU A 3 1.52 12.25 7.59
C GLU A 3 -0.01 12.02 7.59
N GLU A 4 -0.73 12.46 6.54
CA GLU A 4 -2.16 12.18 6.38
C GLU A 4 -2.40 10.71 6.01
N ILE A 5 -1.47 10.11 5.26
CA ILE A 5 -1.50 8.68 4.90
C ILE A 5 -1.15 7.80 6.11
N ARG A 6 -0.23 8.29 6.97
CA ARG A 6 0.09 7.72 8.30
C ARG A 6 -1.08 7.79 9.28
N GLU A 7 -1.96 8.80 9.18
CA GLU A 7 -3.23 8.81 9.93
C GLU A 7 -4.24 7.80 9.36
N LEU A 8 -4.40 7.76 8.02
CA LEU A 8 -5.38 6.92 7.33
C LEU A 8 -5.17 5.43 7.64
N VAL A 9 -3.94 4.92 7.55
CA VAL A 9 -3.63 3.49 7.74
C VAL A 9 -4.04 2.97 9.12
N ARG A 10 -3.91 3.78 10.17
CA ARG A 10 -4.29 3.37 11.54
C ARG A 10 -5.80 3.24 11.71
N LYS A 11 -6.58 4.08 11.01
CA LYS A 11 -8.04 3.97 10.96
C LYS A 11 -8.48 2.67 10.28
N ILE A 12 -7.76 2.24 9.24
CA ILE A 12 -8.01 0.96 8.58
C ILE A 12 -7.62 -0.21 9.48
N TYR A 13 -6.41 -0.21 10.04
CA TYR A 13 -5.92 -1.31 10.88
C TYR A 13 -6.78 -1.51 12.14
N GLU A 14 -7.36 -0.43 12.70
CA GLU A 14 -8.38 -0.54 13.76
C GLU A 14 -9.70 -1.12 13.24
N THR A 15 -10.18 -0.69 12.08
CA THR A 15 -11.46 -1.16 11.50
C THR A 15 -11.43 -2.63 11.11
N VAL A 16 -10.32 -3.12 10.55
CA VAL A 16 -10.15 -4.51 10.11
C VAL A 16 -9.95 -5.48 11.29
N ARG A 17 -9.15 -5.11 12.31
CA ARG A 17 -8.94 -5.95 13.50
C ARG A 17 -10.17 -6.05 14.41
N LYS A 18 -11.07 -5.05 14.37
CA LYS A 18 -12.38 -5.08 15.03
C LYS A 18 -13.27 -6.23 14.55
N GLU A 19 -13.10 -6.68 13.31
CA GLU A 19 -13.78 -7.88 12.81
C GLU A 19 -12.95 -9.16 13.04
N ASN A 20 -11.69 -9.18 12.57
CA ASN A 20 -10.80 -10.35 12.69
C ASN A 20 -9.31 -9.92 12.75
N PRO A 21 -8.50 -10.44 13.70
CA PRO A 21 -7.05 -10.18 13.76
C PRO A 21 -6.22 -11.06 12.80
N ASN A 22 -6.81 -12.12 12.25
CA ASN A 22 -6.17 -13.10 11.36
C ASN A 22 -5.75 -12.51 9.99
N VAL A 23 -6.60 -11.64 9.42
CA VAL A 23 -6.45 -11.00 8.12
C VAL A 23 -5.37 -9.91 8.13
N LYS A 24 -4.56 -9.86 7.06
CA LYS A 24 -3.39 -9.00 6.86
C LYS A 24 -3.66 -7.94 5.79
N ILE A 25 -3.01 -6.78 5.89
CA ILE A 25 -3.29 -5.59 5.05
C ILE A 25 -2.01 -5.03 4.45
N LEU A 26 -2.08 -4.62 3.18
CA LEU A 26 -1.05 -3.88 2.44
C LEU A 26 -1.63 -2.53 1.98
N ILE A 27 -0.84 -1.46 2.01
CA ILE A 27 -1.18 -0.18 1.39
C ILE A 27 -0.08 0.20 0.40
N PHE A 28 -0.47 0.53 -0.84
CA PHE A 28 0.42 1.01 -1.89
C PHE A 28 0.31 2.53 -1.96
N ILE A 29 1.45 3.21 -1.93
CA ILE A 29 1.59 4.67 -1.91
C ILE A 29 2.33 5.07 -3.19
N ILE A 30 1.74 5.99 -3.95
CA ILE A 30 2.16 6.40 -5.29
C ILE A 30 2.48 7.90 -5.27
N PHE A 31 3.63 8.28 -5.80
CA PHE A 31 4.00 9.69 -6.02
C PHE A 31 4.20 9.93 -7.52
N THR A 32 3.44 10.87 -8.09
CA THR A 32 3.46 11.15 -9.53
C THR A 32 4.45 12.26 -9.91
N SER A 33 4.77 12.37 -11.21
CA SER A 33 5.59 13.47 -11.77
C SER A 33 4.94 14.85 -11.61
N ASP A 34 3.63 14.91 -11.38
CA ASP A 34 2.86 16.13 -11.08
C ASP A 34 2.76 16.44 -9.58
N GLY A 35 3.36 15.61 -8.71
CA GLY A 35 3.35 15.78 -7.25
C GLY A 35 2.07 15.32 -6.54
N THR A 36 1.22 14.53 -7.21
CA THR A 36 -0.01 13.95 -6.63
C THR A 36 0.33 12.68 -5.85
N ILE A 37 -0.40 12.43 -4.74
CA ILE A 37 -0.35 11.17 -4.00
C ILE A 37 -1.58 10.33 -4.35
N LYS A 38 -1.36 9.04 -4.66
CA LYS A 38 -2.40 8.01 -4.79
C LYS A 38 -2.18 6.90 -3.77
N VAL A 39 -3.28 6.30 -3.31
CA VAL A 39 -3.30 5.24 -2.30
C VAL A 39 -4.23 4.08 -2.69
N ILE A 40 -3.70 2.85 -2.67
CA ILE A 40 -4.47 1.62 -2.88
C ILE A 40 -4.39 0.75 -1.62
N ILE A 41 -5.51 0.20 -1.14
CA ILE A 41 -5.54 -0.66 0.06
C ILE A 41 -5.91 -2.09 -0.35
N VAL A 42 -5.15 -3.08 0.15
CA VAL A 42 -5.29 -4.48 -0.26
C VAL A 42 -5.44 -5.37 0.98
N ILE A 43 -6.48 -6.20 0.99
CA ILE A 43 -6.78 -7.12 2.10
C ILE A 43 -6.38 -8.55 1.69
N ILE A 44 -5.55 -9.19 2.52
CA ILE A 44 -5.07 -10.58 2.37
C ILE A 44 -5.66 -11.42 3.50
N ALA A 45 -6.57 -12.34 3.18
CA ALA A 45 -7.09 -13.35 4.12
C ALA A 45 -6.99 -14.77 3.54
N ASP A 46 -7.11 -15.79 4.39
CA ASP A 46 -6.95 -17.21 4.01
C ASP A 46 -8.03 -17.73 3.03
N ASP A 47 -9.16 -17.02 2.91
CA ASP A 47 -10.21 -17.25 1.92
C ASP A 47 -10.69 -15.91 1.31
N PRO A 48 -10.78 -15.77 -0.03
CA PRO A 48 -11.18 -14.53 -0.67
C PRO A 48 -12.63 -14.10 -0.35
N ASN A 49 -13.52 -15.01 0.03
CA ASN A 49 -14.90 -14.67 0.42
C ASN A 49 -14.94 -13.92 1.77
N ASP A 50 -14.02 -14.25 2.68
CA ASP A 50 -13.84 -13.49 3.93
C ASP A 50 -13.11 -12.16 3.66
N ALA A 51 -12.12 -12.12 2.77
CA ALA A 51 -11.47 -10.87 2.37
C ALA A 51 -12.45 -9.87 1.75
N LYS A 52 -13.36 -10.31 0.87
CA LYS A 52 -14.43 -9.47 0.29
C LYS A 52 -15.28 -8.77 1.37
N ARG A 53 -15.58 -9.44 2.49
CA ARG A 53 -16.36 -8.86 3.60
C ARG A 53 -15.62 -7.69 4.27
N ILE A 54 -14.31 -7.82 4.46
CA ILE A 54 -13.44 -6.76 4.99
C ILE A 54 -13.30 -5.60 3.99
N VAL A 55 -13.02 -5.93 2.71
CA VAL A 55 -12.87 -4.96 1.62
C VAL A 55 -14.13 -4.10 1.48
N LYS A 56 -15.31 -4.72 1.51
CA LYS A 56 -16.63 -4.05 1.51
C LYS A 56 -16.77 -3.01 2.63
N LYS A 57 -16.20 -3.27 3.81
CA LYS A 57 -16.20 -2.31 4.94
C LYS A 57 -15.36 -1.06 4.61
N ILE A 58 -14.15 -1.27 4.08
CA ILE A 58 -13.24 -0.18 3.68
C ILE A 58 -13.82 0.61 2.49
N GLN A 59 -14.50 -0.05 1.56
CA GLN A 59 -15.11 0.58 0.38
C GLN A 59 -16.18 1.61 0.78
N GLU A 60 -17.03 1.28 1.76
CA GLU A 60 -18.07 2.19 2.26
C GLU A 60 -17.54 3.24 3.26
N ARG A 61 -16.50 2.93 4.03
CA ARG A 61 -15.89 3.87 4.99
C ARG A 61 -14.99 4.91 4.31
N PHE A 62 -14.31 4.54 3.23
CA PHE A 62 -13.36 5.37 2.49
C PHE A 62 -13.66 5.38 0.97
N PRO A 63 -14.82 5.89 0.52
CA PRO A 63 -15.26 5.80 -0.89
C PRO A 63 -14.40 6.60 -1.87
N LYS A 64 -13.58 7.55 -1.38
CA LYS A 64 -12.60 8.32 -2.18
C LYS A 64 -11.34 7.51 -2.54
N LEU A 65 -11.06 6.43 -1.80
CA LEU A 65 -9.90 5.55 -1.99
C LEU A 65 -10.26 4.32 -2.83
N THR A 66 -9.31 3.84 -3.64
CA THR A 66 -9.43 2.61 -4.46
C THR A 66 -8.80 1.43 -3.72
N ILE A 67 -9.44 0.26 -3.75
CA ILE A 67 -9.03 -0.92 -2.96
C ILE A 67 -9.06 -2.21 -3.78
N LYS A 68 -8.38 -3.27 -3.30
CA LYS A 68 -8.27 -4.59 -3.94
C LYS A 68 -8.40 -5.73 -2.92
N GLN A 69 -8.68 -6.96 -3.40
CA GLN A 69 -8.78 -8.18 -2.59
C GLN A 69 -7.73 -9.23 -3.02
N SER A 70 -7.21 -9.98 -2.04
CA SER A 70 -6.15 -10.99 -2.24
C SER A 70 -6.32 -12.20 -1.30
N ARG A 71 -5.77 -13.35 -1.70
CA ARG A 71 -5.86 -14.63 -0.98
C ARG A 71 -4.52 -15.21 -0.48
N ASN A 72 -3.41 -14.52 -0.74
CA ASN A 72 -2.05 -14.95 -0.37
C ASN A 72 -1.12 -13.73 -0.14
N GLU A 73 -0.24 -13.81 0.86
CA GLU A 73 0.72 -12.77 1.21
C GLU A 73 2.01 -12.80 0.36
N GLU A 74 2.73 -11.69 0.30
CA GLU A 74 3.94 -11.45 -0.53
C GLU A 74 3.71 -11.48 -2.06
N GLU A 75 2.81 -12.33 -2.57
CA GLU A 75 2.39 -12.32 -3.98
C GLU A 75 1.80 -10.95 -4.36
N ALA A 76 0.85 -10.42 -3.59
CA ALA A 76 0.19 -9.17 -3.89
C ALA A 76 1.16 -7.97 -3.96
N GLU A 77 2.21 -7.95 -3.14
CA GLU A 77 3.25 -6.92 -3.15
C GLU A 77 3.94 -6.80 -4.53
N LYS A 78 4.38 -7.92 -5.12
CA LYS A 78 5.04 -7.91 -6.45
C LYS A 78 4.05 -7.93 -7.63
N ARG A 79 2.88 -8.55 -7.46
CA ARG A 79 1.80 -8.64 -8.47
C ARG A 79 1.12 -7.28 -8.70
N ILE A 80 0.71 -6.60 -7.61
CA ILE A 80 -0.03 -5.34 -7.72
C ILE A 80 0.92 -4.19 -8.10
N GLN A 81 2.21 -4.25 -7.73
CA GLN A 81 3.24 -3.33 -8.24
C GLN A 81 3.23 -3.24 -9.77
N LYS A 82 3.14 -4.41 -10.46
CA LYS A 82 3.15 -4.46 -11.92
C LYS A 82 1.89 -3.83 -12.51
N GLU A 83 0.72 -4.13 -11.92
CA GLU A 83 -0.57 -3.52 -12.29
C GLU A 83 -0.57 -1.99 -12.08
N LEU A 84 0.06 -1.52 -10.99
CA LEU A 84 0.20 -0.11 -10.66
C LEU A 84 1.16 0.64 -11.60
N GLU A 85 2.29 0.02 -11.96
CA GLU A 85 3.26 0.60 -12.91
C GLU A 85 2.67 0.67 -14.34
N GLU A 86 1.85 -0.30 -14.73
CA GLU A 86 1.16 -0.32 -16.03
C GLU A 86 0.14 0.83 -16.17
N ARG A 87 -0.50 1.25 -15.06
CA ARG A 87 -1.51 2.35 -15.05
C ARG A 87 -1.00 3.71 -14.55
N ASN A 88 0.22 3.79 -14.00
CA ASN A 88 0.87 5.04 -13.59
C ASN A 88 2.30 5.14 -14.20
N PRO A 89 2.47 5.75 -15.39
CA PRO A 89 3.79 5.93 -16.00
C PRO A 89 4.63 6.95 -15.22
N ASN A 90 5.94 6.67 -15.11
CA ASN A 90 6.97 7.48 -14.43
C ASN A 90 6.71 7.76 -12.93
N ALA A 91 5.77 7.03 -12.31
CA ALA A 91 5.38 7.18 -10.91
C ALA A 91 6.23 6.32 -9.96
N GLU A 92 6.27 6.70 -8.67
CA GLU A 92 7.03 6.02 -7.63
C GLU A 92 6.08 5.20 -6.75
N ILE A 93 6.15 3.87 -6.84
CA ILE A 93 5.30 2.95 -6.06
C ILE A 93 6.11 2.40 -4.88
N GLN A 94 5.55 2.48 -3.67
CA GLN A 94 6.06 1.81 -2.46
C GLN A 94 4.89 1.15 -1.74
N VAL A 95 5.10 -0.03 -1.16
CA VAL A 95 4.08 -0.77 -0.38
C VAL A 95 4.48 -0.87 1.09
N VAL A 96 3.53 -0.57 1.97
CA VAL A 96 3.72 -0.38 3.41
C VAL A 96 2.87 -1.36 4.23
N ARG A 97 3.44 -1.88 5.33
CA ARG A 97 2.82 -2.87 6.24
C ARG A 97 2.76 -2.41 7.72
N SER A 98 3.37 -1.26 8.03
CA SER A 98 3.41 -0.61 9.35
C SER A 98 3.56 0.91 9.23
N GLU A 99 3.07 1.68 10.21
CA GLU A 99 3.21 3.14 10.24
C GLU A 99 4.68 3.61 10.29
N ASP A 100 5.58 2.81 10.86
CA ASP A 100 7.02 3.11 10.92
C ASP A 100 7.69 2.98 9.54
N GLU A 101 7.25 2.01 8.72
CA GLU A 101 7.67 1.90 7.33
C GLU A 101 7.13 3.06 6.47
N LEU A 102 5.98 3.62 6.83
CA LEU A 102 5.42 4.83 6.21
C LEU A 102 6.28 6.07 6.49
N LYS A 103 6.84 6.16 7.70
CA LYS A 103 7.86 7.16 8.06
C LYS A 103 9.16 6.92 7.27
N GLU A 104 9.56 5.68 7.02
CA GLU A 104 10.73 5.37 6.17
C GLU A 104 10.50 5.69 4.69
N ILE A 105 9.29 5.56 4.16
CA ILE A 105 8.95 6.01 2.78
C ILE A 105 9.19 7.51 2.61
N LEU A 106 8.91 8.31 3.65
CA LEU A 106 9.21 9.76 3.65
C LEU A 106 10.73 10.03 3.57
N ASP A 107 11.57 9.18 4.18
CA ASP A 107 13.04 9.27 4.06
C ASP A 107 13.55 8.76 2.70
N LYS A 108 12.95 7.69 2.17
CA LYS A 108 13.25 7.15 0.83
C LYS A 108 13.00 8.18 -0.28
N LEU A 109 11.96 9.00 -0.18
CA LEU A 109 11.70 10.10 -1.10
C LEU A 109 12.88 11.10 -1.15
N ASP A 110 13.39 11.51 0.01
CA ASP A 110 14.47 12.50 0.12
C ASP A 110 15.87 11.92 -0.17
N GLU A 111 16.12 10.66 0.15
CA GLU A 111 17.40 9.98 -0.06
C GLU A 111 17.63 9.55 -1.53
N LYS A 112 16.58 9.06 -2.21
CA LYS A 112 16.68 8.46 -3.56
C LYS A 112 17.05 9.46 -4.66
N LYS A 113 16.72 10.75 -4.48
CA LYS A 113 17.02 11.84 -5.44
C LYS A 113 18.53 12.11 -5.61
N GLY A 114 19.33 11.75 -4.60
CA GLY A 114 20.80 11.84 -4.60
C GLY A 114 21.47 10.57 -5.14
N SER A 115 22.47 10.07 -4.42
CA SER A 115 23.18 8.81 -4.69
C SER A 115 23.56 8.07 -3.39
N TRP A 116 23.80 6.76 -3.47
CA TRP A 116 24.10 5.90 -2.32
C TRP A 116 25.58 5.50 -2.28
N SER A 117 26.27 5.81 -1.17
CA SER A 117 27.66 5.40 -0.93
C SER A 117 27.72 4.00 -0.33
N LEU A 118 28.33 3.04 -1.04
CA LEU A 118 28.31 1.62 -0.66
C LEU A 118 29.20 1.33 0.56
N GLU A 119 30.40 1.90 0.59
CA GLU A 119 31.39 1.70 1.66
C GLU A 119 31.00 2.37 2.99
N HIS A 120 30.20 3.44 2.93
CA HIS A 120 29.68 4.15 4.11
C HIS A 120 28.69 3.29 4.93
N HIS A 121 28.01 2.36 4.25
CA HIS A 121 26.99 1.47 4.82
C HIS A 121 27.45 0.00 4.91
N HIS A 122 28.77 -0.24 4.79
CA HIS A 122 29.41 -1.56 4.81
C HIS A 122 28.87 -2.56 3.76
N HIS A 123 28.35 -2.05 2.64
CA HIS A 123 27.74 -2.87 1.58
C HIS A 123 28.81 -3.45 0.62
N HIS A 124 28.43 -4.53 -0.10
CA HIS A 124 29.29 -5.25 -1.04
C HIS A 124 30.63 -5.74 -0.43
N HIS A 125 30.56 -6.25 0.81
CA HIS A 125 31.69 -6.73 1.62
C HIS A 125 31.37 -8.09 2.27
N GLY A 1 3.05 15.40 2.78
CA GLY A 1 3.98 14.53 3.54
C GLY A 1 3.33 13.23 3.96
N SER A 2 4.11 12.18 4.18
CA SER A 2 3.61 10.82 4.52
C SER A 2 2.83 10.76 5.83
N GLU A 3 3.08 11.68 6.78
CA GLU A 3 2.33 11.85 8.03
C GLU A 3 0.81 12.07 7.78
N GLU A 4 0.44 12.69 6.66
CA GLU A 4 -0.97 12.92 6.28
C GLU A 4 -1.67 11.64 5.77
N ILE A 5 -0.91 10.67 5.24
CA ILE A 5 -1.39 9.34 4.87
C ILE A 5 -1.33 8.35 6.05
N ARG A 6 -0.38 8.53 6.98
CA ARG A 6 -0.25 7.76 8.23
C ARG A 6 -1.51 7.76 9.10
N GLU A 7 -2.31 8.82 9.07
CA GLU A 7 -3.59 8.83 9.79
C GLU A 7 -4.60 7.79 9.27
N LEU A 8 -4.59 7.52 7.96
CA LEU A 8 -5.60 6.71 7.26
C LEU A 8 -5.42 5.22 7.57
N VAL A 9 -4.19 4.69 7.47
CA VAL A 9 -3.88 3.28 7.77
C VAL A 9 -4.27 2.89 9.21
N ARG A 10 -4.18 3.82 10.16
CA ARG A 10 -4.58 3.63 11.57
C ARG A 10 -6.09 3.44 11.71
N LYS A 11 -6.88 4.14 10.91
CA LYS A 11 -8.33 3.93 10.83
C LYS A 11 -8.66 2.57 10.21
N ILE A 12 -7.87 2.13 9.23
CA ILE A 12 -8.11 0.85 8.54
C ILE A 12 -7.77 -0.33 9.45
N TYR A 13 -6.59 -0.34 10.08
CA TYR A 13 -6.17 -1.43 10.96
C TYR A 13 -7.11 -1.63 12.16
N GLU A 14 -7.71 -0.57 12.69
CA GLU A 14 -8.78 -0.68 13.69
C GLU A 14 -10.06 -1.28 13.09
N THR A 15 -10.48 -0.85 11.89
CA THR A 15 -11.72 -1.32 11.25
C THR A 15 -11.65 -2.81 10.88
N VAL A 16 -10.51 -3.25 10.32
CA VAL A 16 -10.30 -4.65 9.88
C VAL A 16 -10.15 -5.62 11.05
N ARG A 17 -9.45 -5.23 12.13
CA ARG A 17 -9.27 -6.08 13.32
C ARG A 17 -10.53 -6.16 14.19
N LYS A 18 -11.42 -5.16 14.13
CA LYS A 18 -12.76 -5.20 14.74
C LYS A 18 -13.64 -6.31 14.14
N GLU A 19 -13.42 -6.68 12.88
CA GLU A 19 -14.11 -7.80 12.22
C GLU A 19 -13.36 -9.13 12.39
N ASN A 20 -12.08 -9.19 11.99
CA ASN A 20 -11.27 -10.41 11.98
C ASN A 20 -9.77 -10.10 12.19
N PRO A 21 -9.20 -10.31 13.40
CA PRO A 21 -7.77 -10.12 13.68
C PRO A 21 -6.80 -11.00 12.87
N ASN A 22 -7.30 -12.11 12.28
CA ASN A 22 -6.54 -13.01 11.40
C ASN A 22 -6.06 -12.35 10.10
N VAL A 23 -6.82 -11.38 9.58
CA VAL A 23 -6.60 -10.70 8.31
C VAL A 23 -5.39 -9.73 8.36
N LYS A 24 -4.55 -9.75 7.33
CA LYS A 24 -3.40 -8.83 7.11
C LYS A 24 -3.73 -7.83 6.00
N ILE A 25 -3.00 -6.70 5.97
CA ILE A 25 -3.30 -5.55 5.09
C ILE A 25 -2.01 -5.03 4.45
N LEU A 26 -2.09 -4.61 3.18
CA LEU A 26 -1.01 -3.97 2.41
C LEU A 26 -1.43 -2.57 2.00
N ILE A 27 -0.53 -1.59 2.17
CA ILE A 27 -0.77 -0.18 1.81
C ILE A 27 0.24 0.23 0.72
N PHE A 28 -0.23 0.69 -0.44
CA PHE A 28 0.61 1.22 -1.52
C PHE A 28 0.52 2.75 -1.54
N ILE A 29 1.66 3.43 -1.70
CA ILE A 29 1.78 4.89 -1.77
C ILE A 29 2.43 5.29 -3.09
N ILE A 30 1.84 6.27 -3.77
CA ILE A 30 2.20 6.70 -5.12
C ILE A 30 2.61 8.17 -5.13
N PHE A 31 3.70 8.48 -5.83
CA PHE A 31 4.14 9.84 -6.14
C PHE A 31 4.19 10.03 -7.65
N THR A 32 3.30 10.86 -8.21
CA THR A 32 3.26 11.12 -9.66
C THR A 32 4.20 12.24 -10.09
N SER A 33 4.47 12.36 -11.39
CA SER A 33 5.25 13.46 -11.99
C SER A 33 4.62 14.85 -11.80
N ASP A 34 3.31 14.91 -11.52
CA ASP A 34 2.56 16.14 -11.19
C ASP A 34 2.54 16.45 -9.68
N GLY A 35 3.14 15.59 -8.84
CA GLY A 35 3.17 15.73 -7.39
C GLY A 35 1.91 15.23 -6.68
N THR A 36 1.02 14.52 -7.38
CA THR A 36 -0.20 13.93 -6.81
C THR A 36 0.14 12.71 -5.95
N ILE A 37 -0.59 12.54 -4.82
CA ILE A 37 -0.51 11.36 -3.96
C ILE A 37 -1.71 10.45 -4.23
N LYS A 38 -1.46 9.14 -4.30
CA LYS A 38 -2.48 8.09 -4.35
C LYS A 38 -2.18 7.00 -3.32
N VAL A 39 -3.24 6.33 -2.85
CA VAL A 39 -3.19 5.25 -1.85
C VAL A 39 -4.06 4.08 -2.29
N ILE A 40 -3.50 2.86 -2.25
CA ILE A 40 -4.24 1.60 -2.48
C ILE A 40 -4.17 0.73 -1.22
N ILE A 41 -5.27 0.05 -0.87
CA ILE A 41 -5.32 -0.90 0.26
C ILE A 41 -5.65 -2.30 -0.26
N VAL A 42 -4.83 -3.29 0.09
CA VAL A 42 -5.06 -4.70 -0.28
C VAL A 42 -5.31 -5.51 0.98
N ILE A 43 -6.40 -6.29 1.00
CA ILE A 43 -6.75 -7.16 2.12
C ILE A 43 -6.28 -8.59 1.82
N ILE A 44 -5.52 -9.16 2.77
CA ILE A 44 -4.93 -10.50 2.70
C ILE A 44 -5.58 -11.40 3.77
N ALA A 45 -6.35 -12.41 3.36
CA ALA A 45 -6.92 -13.42 4.26
C ALA A 45 -6.87 -14.84 3.67
N ASP A 46 -6.98 -15.86 4.54
CA ASP A 46 -6.88 -17.28 4.18
C ASP A 46 -8.03 -17.79 3.27
N ASP A 47 -9.16 -17.07 3.22
CA ASP A 47 -10.33 -17.39 2.39
C ASP A 47 -10.92 -16.11 1.75
N PRO A 48 -11.20 -16.09 0.43
CA PRO A 48 -11.71 -14.90 -0.25
C PRO A 48 -13.11 -14.47 0.20
N ASN A 49 -13.94 -15.37 0.75
CA ASN A 49 -15.29 -15.02 1.23
C ASN A 49 -15.22 -14.15 2.49
N ASP A 50 -14.22 -14.37 3.35
CA ASP A 50 -13.92 -13.50 4.49
C ASP A 50 -13.27 -12.18 4.04
N ALA A 51 -12.36 -12.23 3.06
CA ALA A 51 -11.73 -11.01 2.51
C ALA A 51 -12.76 -10.06 1.86
N LYS A 52 -13.75 -10.58 1.11
CA LYS A 52 -14.85 -9.80 0.52
C LYS A 52 -15.57 -8.92 1.55
N ARG A 53 -15.90 -9.46 2.73
CA ARG A 53 -16.53 -8.73 3.84
C ARG A 53 -15.69 -7.53 4.29
N ILE A 54 -14.38 -7.75 4.47
CA ILE A 54 -13.47 -6.69 4.91
C ILE A 54 -13.31 -5.62 3.84
N VAL A 55 -13.01 -6.02 2.59
CA VAL A 55 -12.85 -5.11 1.45
C VAL A 55 -14.11 -4.25 1.28
N LYS A 56 -15.30 -4.84 1.27
CA LYS A 56 -16.58 -4.12 1.21
C LYS A 56 -16.72 -3.11 2.34
N LYS A 57 -16.29 -3.45 3.57
CA LYS A 57 -16.39 -2.55 4.72
C LYS A 57 -15.43 -1.36 4.63
N ILE A 58 -14.22 -1.54 4.07
CA ILE A 58 -13.33 -0.42 3.72
C ILE A 58 -13.90 0.40 2.55
N GLN A 59 -14.52 -0.25 1.56
CA GLN A 59 -15.03 0.43 0.36
C GLN A 59 -16.17 1.42 0.65
N GLU A 60 -17.10 1.08 1.54
CA GLU A 60 -18.19 1.99 1.96
C GLU A 60 -17.70 3.11 2.89
N ARG A 61 -16.59 2.90 3.59
CA ARG A 61 -16.01 3.79 4.61
C ARG A 61 -14.97 4.76 4.05
N PHE A 62 -14.23 4.35 3.02
CA PHE A 62 -13.24 5.14 2.28
C PHE A 62 -13.46 5.00 0.75
N PRO A 63 -14.60 5.46 0.20
CA PRO A 63 -14.96 5.31 -1.21
C PRO A 63 -14.04 6.07 -2.17
N LYS A 64 -13.34 7.10 -1.66
CA LYS A 64 -12.42 7.97 -2.40
C LYS A 64 -11.06 7.32 -2.70
N LEU A 65 -10.69 6.25 -1.98
CA LEU A 65 -9.46 5.47 -2.21
C LEU A 65 -9.79 4.13 -2.90
N THR A 66 -8.92 3.68 -3.80
CA THR A 66 -9.06 2.39 -4.51
C THR A 66 -8.51 1.24 -3.67
N ILE A 67 -9.17 0.08 -3.65
CA ILE A 67 -8.79 -1.08 -2.83
C ILE A 67 -8.90 -2.41 -3.61
N LYS A 68 -8.20 -3.45 -3.15
CA LYS A 68 -8.12 -4.79 -3.75
C LYS A 68 -8.20 -5.94 -2.72
N GLN A 69 -8.37 -7.16 -3.20
CA GLN A 69 -8.30 -8.41 -2.42
C GLN A 69 -7.12 -9.32 -2.85
N SER A 70 -6.67 -10.18 -1.94
CA SER A 70 -5.73 -11.29 -2.22
C SER A 70 -5.82 -12.40 -1.15
N ARG A 71 -5.27 -13.58 -1.46
CA ARG A 71 -5.05 -14.68 -0.52
C ARG A 71 -3.56 -14.89 -0.16
N ASN A 72 -2.65 -14.22 -0.88
CA ASN A 72 -1.20 -14.45 -0.79
C ASN A 72 -0.49 -13.20 -0.21
N GLU A 73 0.27 -13.39 0.87
CA GLU A 73 1.00 -12.32 1.56
C GLU A 73 2.31 -11.95 0.85
N GLU A 74 2.63 -10.65 0.80
CA GLU A 74 3.78 -10.01 0.16
C GLU A 74 3.88 -10.19 -1.38
N GLU A 75 3.38 -11.28 -1.97
CA GLU A 75 3.30 -11.48 -3.43
C GLU A 75 2.44 -10.41 -4.13
N ALA A 76 1.43 -9.89 -3.43
CA ALA A 76 0.63 -8.75 -3.86
C ALA A 76 1.47 -7.49 -4.16
N GLU A 77 2.64 -7.31 -3.54
CA GLU A 77 3.54 -6.18 -3.82
C GLU A 77 3.85 -6.10 -5.32
N LYS A 78 4.40 -7.18 -5.88
CA LYS A 78 4.84 -7.22 -7.28
C LYS A 78 3.69 -7.39 -8.27
N ARG A 79 2.64 -8.13 -7.86
CA ARG A 79 1.41 -8.32 -8.65
C ARG A 79 0.63 -7.03 -8.84
N ILE A 80 0.46 -6.25 -7.77
CA ILE A 80 -0.27 -4.98 -7.83
C ILE A 80 0.61 -3.86 -8.40
N GLN A 81 1.93 -3.89 -8.18
CA GLN A 81 2.88 -2.97 -8.85
C GLN A 81 2.69 -2.97 -10.36
N LYS A 82 2.48 -4.14 -10.96
CA LYS A 82 2.33 -4.28 -12.41
C LYS A 82 1.05 -3.58 -12.92
N GLU A 83 -0.03 -3.59 -12.13
CA GLU A 83 -1.23 -2.78 -12.40
C GLU A 83 -0.98 -1.29 -12.15
N LEU A 84 -0.37 -0.94 -11.02
CA LEU A 84 -0.12 0.43 -10.60
C LEU A 84 0.81 1.20 -11.56
N GLU A 85 1.78 0.53 -12.19
CA GLU A 85 2.63 1.11 -13.23
C GLU A 85 1.85 1.36 -14.55
N GLU A 86 0.82 0.55 -14.84
CA GLU A 86 -0.04 0.72 -16.01
C GLU A 86 -1.04 1.87 -15.83
N ARG A 87 -1.62 2.04 -14.64
CA ARG A 87 -2.52 3.17 -14.31
C ARG A 87 -1.81 4.45 -13.82
N ASN A 88 -0.52 4.36 -13.44
CA ASN A 88 0.35 5.50 -13.13
C ASN A 88 1.69 5.40 -13.90
N PRO A 89 1.72 5.75 -15.21
CA PRO A 89 2.94 5.67 -16.00
C PRO A 89 4.01 6.66 -15.49
N ASN A 90 5.25 6.17 -15.34
CA ASN A 90 6.43 6.90 -14.85
C ASN A 90 6.31 7.49 -13.42
N ALA A 91 5.36 7.00 -12.61
CA ALA A 91 5.20 7.33 -11.20
C ALA A 91 6.07 6.43 -10.29
N GLU A 92 6.23 6.83 -9.02
CA GLU A 92 6.87 6.00 -7.99
C GLU A 92 5.81 5.25 -7.19
N ILE A 93 6.11 4.01 -6.81
CA ILE A 93 5.26 3.11 -6.03
C ILE A 93 6.09 2.55 -4.87
N GLN A 94 5.57 2.63 -3.65
CA GLN A 94 6.16 2.02 -2.45
C GLN A 94 5.10 1.30 -1.61
N VAL A 95 5.50 0.24 -0.90
CA VAL A 95 4.61 -0.65 -0.12
C VAL A 95 4.92 -0.61 1.38
N VAL A 96 3.85 -0.53 2.17
CA VAL A 96 3.82 -0.34 3.63
C VAL A 96 2.97 -1.40 4.32
N ARG A 97 3.50 -1.89 5.45
CA ARG A 97 2.86 -2.81 6.40
C ARG A 97 2.70 -2.22 7.81
N SER A 98 3.54 -1.25 8.16
CA SER A 98 3.60 -0.61 9.49
C SER A 98 3.74 0.91 9.37
N GLU A 99 3.29 1.67 10.37
CA GLU A 99 3.40 3.14 10.35
C GLU A 99 4.85 3.65 10.29
N ASP A 100 5.82 2.87 10.78
CA ASP A 100 7.26 3.16 10.63
C ASP A 100 7.76 2.90 9.19
N GLU A 101 7.22 1.92 8.47
CA GLU A 101 7.50 1.75 7.02
C GLU A 101 6.92 2.94 6.22
N LEU A 102 5.78 3.48 6.66
CA LEU A 102 5.15 4.69 6.13
C LEU A 102 5.98 5.96 6.42
N LYS A 103 6.59 6.05 7.60
CA LYS A 103 7.54 7.11 8.00
C LYS A 103 8.83 7.07 7.18
N GLU A 104 9.36 5.87 6.93
CA GLU A 104 10.59 5.64 6.15
C GLU A 104 10.47 6.00 4.67
N ILE A 105 9.26 6.06 4.13
CA ILE A 105 9.01 6.62 2.78
C ILE A 105 9.50 8.07 2.67
N LEU A 106 9.51 8.84 3.76
CA LEU A 106 10.08 10.20 3.77
C LEU A 106 11.63 10.18 3.66
N ASP A 107 12.28 9.16 4.22
CA ASP A 107 13.73 8.94 4.07
C ASP A 107 14.08 8.41 2.67
N LYS A 108 13.20 7.58 2.08
CA LYS A 108 13.31 7.10 0.70
C LYS A 108 13.14 8.25 -0.32
N LEU A 109 12.27 9.23 -0.06
CA LEU A 109 12.18 10.45 -0.87
C LEU A 109 13.46 11.30 -0.81
N ASP A 110 14.16 11.34 0.33
CA ASP A 110 15.47 11.98 0.44
C ASP A 110 16.58 11.19 -0.30
N GLU A 111 16.50 9.85 -0.30
CA GLU A 111 17.39 8.99 -1.10
C GLU A 111 17.13 9.15 -2.62
N LYS A 112 15.88 9.34 -3.05
CA LYS A 112 15.52 9.69 -4.44
C LYS A 112 16.14 11.03 -4.85
N LYS A 113 16.12 12.03 -3.96
CA LYS A 113 16.79 13.33 -4.20
C LYS A 113 18.32 13.23 -4.24
N GLY A 114 18.91 12.37 -3.39
CA GLY A 114 20.37 12.21 -3.26
C GLY A 114 21.03 11.27 -4.28
N SER A 115 20.32 10.25 -4.77
CA SER A 115 20.87 9.15 -5.58
C SER A 115 20.07 8.84 -6.87
N TRP A 116 18.77 9.16 -6.89
CA TRP A 116 17.84 8.89 -8.00
C TRP A 116 17.75 7.39 -8.41
N SER A 117 17.09 7.09 -9.54
CA SER A 117 16.82 5.75 -10.07
C SER A 117 16.05 4.84 -9.09
N LEU A 118 16.09 3.51 -9.30
CA LEU A 118 15.51 2.48 -8.44
C LEU A 118 16.62 1.66 -7.76
N GLU A 119 17.25 0.74 -8.51
CA GLU A 119 18.31 -0.17 -8.04
C GLU A 119 19.13 -0.76 -9.20
N HIS A 120 20.24 -1.43 -8.88
CA HIS A 120 21.03 -2.26 -9.81
C HIS A 120 21.33 -3.63 -9.18
N HIS A 121 21.23 -4.70 -9.96
CA HIS A 121 21.47 -6.09 -9.54
C HIS A 121 21.96 -6.98 -10.69
N HIS A 122 22.81 -7.96 -10.35
CA HIS A 122 23.24 -9.06 -11.22
C HIS A 122 23.56 -10.32 -10.39
N HIS A 123 23.43 -11.50 -11.00
CA HIS A 123 23.79 -12.79 -10.41
C HIS A 123 24.56 -13.66 -11.42
N HIS A 124 25.45 -14.53 -10.92
CA HIS A 124 26.34 -15.37 -11.73
C HIS A 124 26.32 -16.83 -11.25
N HIS A 125 26.27 -17.77 -12.21
CA HIS A 125 26.16 -19.22 -12.01
C HIS A 125 25.03 -19.62 -11.01
N GLY A 1 -0.26 16.42 3.16
CA GLY A 1 1.01 16.10 3.86
C GLY A 1 1.11 14.63 4.21
N SER A 2 2.32 14.08 4.22
CA SER A 2 2.58 12.63 4.38
C SER A 2 2.09 12.03 5.72
N GLU A 3 1.97 12.84 6.76
CA GLU A 3 1.34 12.45 8.04
C GLU A 3 -0.10 11.96 7.85
N GLU A 4 -0.85 12.48 6.88
CA GLU A 4 -2.22 12.03 6.59
C GLU A 4 -2.25 10.59 6.05
N ILE A 5 -1.23 10.20 5.27
CA ILE A 5 -1.06 8.82 4.76
C ILE A 5 -0.71 7.87 5.91
N ARG A 6 0.18 8.31 6.81
CA ARG A 6 0.59 7.58 8.02
C ARG A 6 -0.52 7.45 9.06
N GLU A 7 -1.45 8.40 9.14
CA GLU A 7 -2.65 8.29 9.99
C GLU A 7 -3.76 7.43 9.36
N LEU A 8 -4.00 7.54 8.05
CA LEU A 8 -5.06 6.82 7.32
C LEU A 8 -4.98 5.31 7.58
N VAL A 9 -3.79 4.72 7.43
CA VAL A 9 -3.57 3.28 7.64
C VAL A 9 -3.96 2.81 9.04
N ARG A 10 -3.82 3.65 10.08
CA ARG A 10 -4.14 3.31 11.47
C ARG A 10 -5.65 3.17 11.65
N LYS A 11 -6.43 4.04 11.00
CA LYS A 11 -7.90 4.02 11.03
C LYS A 11 -8.42 2.75 10.34
N ILE A 12 -7.75 2.33 9.27
CA ILE A 12 -8.03 1.06 8.57
C ILE A 12 -7.66 -0.13 9.45
N TYR A 13 -6.48 -0.18 10.05
CA TYR A 13 -6.03 -1.29 10.90
C TYR A 13 -6.96 -1.50 12.12
N GLU A 14 -7.58 -0.43 12.65
CA GLU A 14 -8.65 -0.54 13.66
C GLU A 14 -9.97 -1.06 13.09
N THR A 15 -10.36 -0.66 11.87
CA THR A 15 -11.62 -1.09 11.23
C THR A 15 -11.56 -2.57 10.80
N VAL A 16 -10.43 -3.02 10.24
CA VAL A 16 -10.25 -4.40 9.76
C VAL A 16 -10.17 -5.41 10.91
N ARG A 17 -9.48 -5.09 12.02
CA ARG A 17 -9.38 -5.99 13.19
C ARG A 17 -10.70 -6.13 13.97
N LYS A 18 -11.55 -5.10 13.93
CA LYS A 18 -12.94 -5.15 14.44
C LYS A 18 -13.82 -6.14 13.68
N GLU A 19 -13.55 -6.38 12.40
CA GLU A 19 -14.24 -7.39 11.58
C GLU A 19 -13.58 -8.78 11.68
N ASN A 20 -12.25 -8.86 11.55
CA ASN A 20 -11.46 -10.08 11.82
C ASN A 20 -9.97 -9.75 12.10
N PRO A 21 -9.41 -10.06 13.29
CA PRO A 21 -8.01 -9.78 13.64
C PRO A 21 -6.98 -10.71 12.97
N ASN A 22 -7.39 -11.83 12.36
CA ASN A 22 -6.50 -12.74 11.63
C ASN A 22 -5.95 -12.14 10.32
N VAL A 23 -6.78 -11.32 9.64
CA VAL A 23 -6.51 -10.66 8.36
C VAL A 23 -5.33 -9.68 8.43
N LYS A 24 -4.53 -9.62 7.35
CA LYS A 24 -3.40 -8.70 7.14
C LYS A 24 -3.71 -7.71 6.01
N ILE A 25 -3.00 -6.59 5.97
CA ILE A 25 -3.26 -5.47 5.05
C ILE A 25 -1.97 -5.03 4.36
N LEU A 26 -2.07 -4.69 3.06
CA LEU A 26 -1.03 -4.05 2.27
C LEU A 26 -1.51 -2.65 1.85
N ILE A 27 -0.66 -1.65 2.02
CA ILE A 27 -0.85 -0.28 1.51
C ILE A 27 0.15 -0.06 0.38
N PHE A 28 -0.32 0.43 -0.77
CA PHE A 28 0.49 0.88 -1.89
C PHE A 28 0.44 2.41 -1.95
N ILE A 29 1.61 3.05 -2.02
CA ILE A 29 1.79 4.52 -2.02
C ILE A 29 2.46 4.92 -3.33
N ILE A 30 1.86 5.87 -4.04
CA ILE A 30 2.29 6.29 -5.39
C ILE A 30 2.73 7.76 -5.36
N PHE A 31 3.86 8.06 -5.99
CA PHE A 31 4.32 9.43 -6.27
C PHE A 31 4.56 9.60 -7.77
N THR A 32 3.82 10.51 -8.42
CA THR A 32 3.94 10.79 -9.86
C THR A 32 4.91 11.94 -10.17
N SER A 33 5.37 12.06 -11.42
CA SER A 33 6.17 13.19 -11.91
C SER A 33 5.42 14.53 -11.90
N ASP A 34 4.09 14.52 -11.86
CA ASP A 34 3.23 15.70 -11.65
C ASP A 34 3.10 16.10 -10.16
N GLY A 35 3.68 15.32 -9.24
CA GLY A 35 3.61 15.54 -7.80
C GLY A 35 2.32 15.03 -7.13
N THR A 36 1.50 14.25 -7.85
CA THR A 36 0.27 13.64 -7.34
C THR A 36 0.58 12.45 -6.42
N ILE A 37 -0.19 12.29 -5.34
CA ILE A 37 -0.14 11.14 -4.44
C ILE A 37 -1.39 10.28 -4.63
N LYS A 38 -1.21 8.95 -4.72
CA LYS A 38 -2.29 7.94 -4.72
C LYS A 38 -2.03 6.85 -3.68
N VAL A 39 -3.11 6.25 -3.19
CA VAL A 39 -3.13 5.21 -2.16
C VAL A 39 -4.08 4.07 -2.55
N ILE A 40 -3.59 2.82 -2.57
CA ILE A 40 -4.39 1.60 -2.76
C ILE A 40 -4.32 0.74 -1.49
N ILE A 41 -5.46 0.22 -1.02
CA ILE A 41 -5.53 -0.62 0.19
C ILE A 41 -5.92 -2.02 -0.25
N VAL A 42 -5.12 -3.02 0.10
CA VAL A 42 -5.31 -4.42 -0.30
C VAL A 42 -5.43 -5.28 0.94
N ILE A 43 -6.52 -6.04 1.03
CA ILE A 43 -6.79 -6.93 2.17
C ILE A 43 -6.31 -8.34 1.82
N ILE A 44 -5.54 -8.94 2.74
CA ILE A 44 -4.88 -10.25 2.59
C ILE A 44 -5.40 -11.19 3.70
N ALA A 45 -6.15 -12.23 3.33
CA ALA A 45 -6.67 -13.23 4.26
C ALA A 45 -6.42 -14.67 3.78
N ASP A 46 -6.53 -15.64 4.70
CA ASP A 46 -6.36 -17.08 4.41
C ASP A 46 -7.47 -17.64 3.51
N ASP A 47 -8.61 -16.96 3.39
CA ASP A 47 -9.68 -17.24 2.43
C ASP A 47 -10.25 -15.94 1.82
N PRO A 48 -10.38 -15.82 0.49
CA PRO A 48 -10.86 -14.59 -0.17
C PRO A 48 -12.31 -14.23 0.17
N ASN A 49 -13.13 -15.19 0.61
CA ASN A 49 -14.51 -14.92 1.04
C ASN A 49 -14.58 -14.11 2.34
N ASP A 50 -13.59 -14.25 3.21
CA ASP A 50 -13.45 -13.38 4.38
C ASP A 50 -12.94 -11.99 3.95
N ALA A 51 -11.93 -11.94 3.06
CA ALA A 51 -11.35 -10.68 2.56
C ALA A 51 -12.42 -9.76 1.94
N LYS A 52 -13.34 -10.31 1.14
CA LYS A 52 -14.47 -9.58 0.53
C LYS A 52 -15.31 -8.80 1.56
N ARG A 53 -15.61 -9.38 2.73
CA ARG A 53 -16.32 -8.71 3.83
C ARG A 53 -15.54 -7.49 4.35
N ILE A 54 -14.25 -7.67 4.58
CA ILE A 54 -13.36 -6.61 5.11
C ILE A 54 -13.26 -5.45 4.10
N VAL A 55 -13.01 -5.77 2.83
CA VAL A 55 -12.88 -4.79 1.74
C VAL A 55 -14.14 -3.95 1.61
N LYS A 56 -15.31 -4.59 1.63
CA LYS A 56 -16.62 -3.91 1.62
C LYS A 56 -16.76 -2.93 2.79
N LYS A 57 -16.22 -3.26 3.98
CA LYS A 57 -16.22 -2.35 5.13
C LYS A 57 -15.33 -1.12 4.92
N ILE A 58 -14.13 -1.29 4.35
CA ILE A 58 -13.25 -0.17 3.98
C ILE A 58 -13.85 0.67 2.86
N GLN A 59 -14.56 0.04 1.92
CA GLN A 59 -15.28 0.73 0.83
C GLN A 59 -16.36 1.70 1.36
N GLU A 60 -17.04 1.34 2.45
CA GLU A 60 -18.04 2.21 3.11
C GLU A 60 -17.40 3.38 3.87
N ARG A 61 -16.25 3.15 4.54
CA ARG A 61 -15.53 4.20 5.29
C ARG A 61 -14.78 5.19 4.39
N PHE A 62 -14.16 4.67 3.33
CA PHE A 62 -13.22 5.38 2.46
C PHE A 62 -13.58 5.21 0.96
N PRO A 63 -14.74 5.70 0.50
CA PRO A 63 -15.23 5.46 -0.87
C PRO A 63 -14.41 6.17 -1.96
N LYS A 64 -13.61 7.19 -1.61
CA LYS A 64 -12.70 7.92 -2.52
C LYS A 64 -11.32 7.26 -2.69
N LEU A 65 -10.99 6.26 -1.85
CA LEU A 65 -9.81 5.40 -2.00
C LEU A 65 -10.18 4.15 -2.80
N THR A 66 -9.33 3.75 -3.75
CA THR A 66 -9.48 2.49 -4.48
C THR A 66 -8.82 1.35 -3.72
N ILE A 67 -9.51 0.21 -3.62
CA ILE A 67 -9.13 -0.92 -2.75
C ILE A 67 -9.32 -2.27 -3.45
N LYS A 68 -8.64 -3.32 -2.95
CA LYS A 68 -8.64 -4.67 -3.52
C LYS A 68 -8.71 -5.78 -2.46
N GLN A 69 -9.09 -7.00 -2.86
CA GLN A 69 -9.03 -8.23 -2.05
C GLN A 69 -8.02 -9.23 -2.65
N SER A 70 -7.27 -9.94 -1.81
CA SER A 70 -6.37 -11.02 -2.24
C SER A 70 -6.08 -12.05 -1.14
N ARG A 71 -5.27 -13.07 -1.48
CA ARG A 71 -4.67 -14.06 -0.57
C ARG A 71 -3.16 -14.16 -0.83
N ASN A 72 -2.38 -14.30 0.26
CA ASN A 72 -0.92 -14.20 0.31
C ASN A 72 -0.35 -12.82 -0.15
N GLU A 73 0.43 -12.17 0.71
CA GLU A 73 1.03 -10.86 0.43
C GLU A 73 2.18 -10.92 -0.60
N GLU A 74 2.80 -12.10 -0.79
CA GLU A 74 3.96 -12.30 -1.66
C GLU A 74 3.59 -12.14 -3.15
N GLU A 75 2.45 -12.70 -3.56
CA GLU A 75 1.94 -12.55 -4.94
C GLU A 75 1.31 -11.17 -5.20
N ALA A 76 0.58 -10.60 -4.24
CA ALA A 76 -0.10 -9.31 -4.43
C ALA A 76 0.87 -8.15 -4.63
N GLU A 77 2.06 -8.16 -4.01
CA GLU A 77 3.08 -7.13 -4.23
C GLU A 77 3.39 -6.99 -5.72
N LYS A 78 3.83 -8.06 -6.39
CA LYS A 78 4.19 -8.04 -7.81
C LYS A 78 2.98 -7.94 -8.75
N ARG A 79 1.90 -8.66 -8.45
CA ARG A 79 0.66 -8.67 -9.26
C ARG A 79 -0.02 -7.30 -9.28
N ILE A 80 -0.06 -6.59 -8.15
CA ILE A 80 -0.64 -5.24 -8.09
C ILE A 80 0.37 -4.19 -8.54
N GLN A 81 1.68 -4.38 -8.33
CA GLN A 81 2.72 -3.53 -8.92
C GLN A 81 2.57 -3.43 -10.44
N LYS A 82 2.37 -4.56 -11.11
CA LYS A 82 2.27 -4.60 -12.58
C LYS A 82 1.03 -3.83 -13.08
N GLU A 83 -0.09 -3.93 -12.36
CA GLU A 83 -1.31 -3.15 -12.65
C GLU A 83 -1.12 -1.66 -12.38
N LEU A 84 -0.49 -1.31 -11.25
CA LEU A 84 -0.21 0.07 -10.88
C LEU A 84 0.77 0.76 -11.84
N GLU A 85 1.77 0.04 -12.35
CA GLU A 85 2.69 0.54 -13.38
C GLU A 85 1.98 0.78 -14.73
N GLU A 86 0.94 -0.02 -15.05
CA GLU A 86 0.14 0.16 -16.26
C GLU A 86 -0.80 1.38 -16.15
N ARG A 87 -1.41 1.63 -14.98
CA ARG A 87 -2.34 2.77 -14.77
C ARG A 87 -1.69 4.07 -14.26
N ASN A 88 -0.40 4.07 -13.92
CA ASN A 88 0.37 5.27 -13.53
C ASN A 88 1.64 5.46 -14.40
N PRO A 89 1.60 6.32 -15.43
CA PRO A 89 2.80 6.71 -16.17
C PRO A 89 3.71 7.61 -15.32
N ASN A 90 5.02 7.50 -15.51
CA ASN A 90 6.07 8.31 -14.84
C ASN A 90 5.88 8.40 -13.31
N ALA A 91 5.70 7.25 -12.64
CA ALA A 91 5.41 7.15 -11.22
C ALA A 91 6.31 6.15 -10.47
N GLU A 92 6.42 6.34 -9.16
CA GLU A 92 7.05 5.39 -8.22
C GLU A 92 5.96 4.70 -7.40
N ILE A 93 6.07 3.39 -7.20
CA ILE A 93 5.16 2.58 -6.39
C ILE A 93 5.94 2.03 -5.20
N GLN A 94 5.42 2.21 -3.99
CA GLN A 94 6.04 1.76 -2.74
C GLN A 94 5.03 0.94 -1.94
N VAL A 95 5.45 -0.17 -1.31
CA VAL A 95 4.57 -1.13 -0.61
C VAL A 95 4.85 -1.19 0.90
N VAL A 96 3.80 -1.15 1.71
CA VAL A 96 3.84 -1.09 3.17
C VAL A 96 2.94 -2.17 3.80
N ARG A 97 3.53 -2.94 4.71
CA ARG A 97 2.89 -3.90 5.64
C ARG A 97 3.29 -3.67 7.10
N SER A 98 4.16 -2.69 7.37
CA SER A 98 4.63 -2.31 8.71
C SER A 98 4.80 -0.80 8.87
N GLU A 99 4.61 -0.28 10.08
CA GLU A 99 4.80 1.13 10.44
C GLU A 99 6.22 1.63 10.09
N ASP A 100 7.23 0.77 10.23
CA ASP A 100 8.63 1.11 9.93
C ASP A 100 8.85 1.37 8.43
N GLU A 101 8.16 0.64 7.54
CA GLU A 101 8.25 0.86 6.09
C GLU A 101 7.61 2.19 5.68
N LEU A 102 6.47 2.55 6.29
CA LEU A 102 5.81 3.84 6.06
C LEU A 102 6.69 5.01 6.54
N LYS A 103 7.33 4.86 7.70
CA LYS A 103 8.29 5.82 8.26
C LYS A 103 9.54 5.95 7.38
N GLU A 104 10.07 4.84 6.87
CA GLU A 104 11.20 4.85 5.94
C GLU A 104 10.87 5.54 4.61
N ILE A 105 9.69 5.31 4.02
CA ILE A 105 9.23 6.05 2.83
C ILE A 105 9.23 7.56 3.11
N LEU A 106 8.76 7.98 4.29
CA LEU A 106 8.77 9.39 4.70
C LEU A 106 10.21 9.98 4.80
N ASP A 107 11.22 9.18 5.17
CA ASP A 107 12.62 9.59 5.15
C ASP A 107 13.21 9.61 3.73
N LYS A 108 12.84 8.61 2.92
CA LYS A 108 13.27 8.47 1.51
C LYS A 108 12.76 9.61 0.63
N LEU A 109 11.58 10.16 0.91
CA LEU A 109 11.08 11.37 0.22
C LEU A 109 12.01 12.59 0.42
N ASP A 110 12.61 12.75 1.60
CA ASP A 110 13.61 13.79 1.88
C ASP A 110 14.99 13.45 1.26
N GLU A 111 15.36 12.17 1.17
CA GLU A 111 16.61 11.72 0.56
C GLU A 111 16.60 11.84 -0.99
N LYS A 112 15.47 11.50 -1.63
CA LYS A 112 15.26 11.58 -3.10
C LYS A 112 15.37 13.01 -3.64
N LYS A 113 15.04 14.01 -2.81
CA LYS A 113 15.18 15.46 -3.05
C LYS A 113 16.65 15.92 -3.02
N GLY A 114 17.51 15.22 -2.30
CA GLY A 114 18.96 15.47 -2.21
C GLY A 114 19.76 14.76 -3.30
N SER A 115 21.06 14.56 -3.06
CA SER A 115 21.96 13.76 -3.90
C SER A 115 22.02 12.30 -3.40
N TRP A 116 21.93 11.34 -4.32
CA TRP A 116 21.90 9.90 -4.04
C TRP A 116 22.42 9.05 -5.20
N SER A 117 23.07 7.93 -4.89
CA SER A 117 23.51 6.88 -5.83
C SER A 117 23.79 5.57 -5.08
N LEU A 118 23.50 4.42 -5.70
CA LEU A 118 23.81 3.08 -5.16
C LEU A 118 23.92 2.03 -6.29
N GLU A 119 22.94 1.99 -7.20
CA GLU A 119 22.92 1.17 -8.43
C GLU A 119 23.14 -0.35 -8.17
N HIS A 120 22.40 -0.92 -7.21
CA HIS A 120 22.42 -2.36 -6.89
C HIS A 120 21.32 -3.16 -7.61
N HIS A 121 21.58 -4.44 -7.87
CA HIS A 121 20.61 -5.42 -8.37
C HIS A 121 21.01 -6.85 -7.94
N HIS A 122 20.05 -7.76 -7.78
CA HIS A 122 20.27 -9.14 -7.34
C HIS A 122 20.57 -10.09 -8.52
N HIS A 123 21.50 -11.03 -8.32
CA HIS A 123 21.95 -11.98 -9.36
C HIS A 123 22.24 -13.37 -8.77
N HIS A 124 21.76 -14.42 -9.46
CA HIS A 124 22.02 -15.85 -9.18
C HIS A 124 22.24 -16.61 -10.50
N HIS A 125 22.97 -17.73 -10.43
CA HIS A 125 23.24 -18.65 -11.56
C HIS A 125 22.27 -19.85 -11.58
N GLY A 1 -0.32 17.24 4.21
CA GLY A 1 0.92 16.70 4.82
C GLY A 1 0.86 15.19 4.94
N SER A 2 2.01 14.50 4.81
CA SER A 2 2.14 13.03 4.78
C SER A 2 1.62 12.32 6.04
N GLU A 3 1.59 13.00 7.19
CA GLU A 3 0.99 12.51 8.43
C GLU A 3 -0.49 12.11 8.28
N GLU A 4 -1.24 12.72 7.35
CA GLU A 4 -2.63 12.33 7.04
C GLU A 4 -2.71 10.89 6.48
N ILE A 5 -1.76 10.50 5.64
CA ILE A 5 -1.65 9.14 5.08
C ILE A 5 -1.21 8.14 6.17
N ARG A 6 -0.33 8.59 7.08
CA ARG A 6 0.14 7.83 8.25
C ARG A 6 -0.97 7.60 9.30
N GLU A 7 -1.91 8.53 9.45
CA GLU A 7 -3.13 8.34 10.24
C GLU A 7 -4.19 7.50 9.53
N LEU A 8 -4.37 7.67 8.21
CA LEU A 8 -5.34 6.93 7.40
C LEU A 8 -5.18 5.41 7.57
N VAL A 9 -3.95 4.89 7.49
CA VAL A 9 -3.66 3.46 7.68
C VAL A 9 -4.09 2.95 9.07
N ARG A 10 -4.00 3.79 10.12
CA ARG A 10 -4.42 3.42 11.48
C ARG A 10 -5.93 3.28 11.59
N LYS A 11 -6.69 4.15 10.90
CA LYS A 11 -8.15 4.06 10.87
C LYS A 11 -8.59 2.77 10.17
N ILE A 12 -7.85 2.34 9.15
CA ILE A 12 -8.07 1.07 8.45
C ILE A 12 -7.73 -0.12 9.35
N TYR A 13 -6.55 -0.14 9.98
CA TYR A 13 -6.13 -1.25 10.85
C TYR A 13 -7.06 -1.45 12.05
N GLU A 14 -7.65 -0.38 12.61
CA GLU A 14 -8.72 -0.49 13.62
C GLU A 14 -10.04 -1.01 13.03
N THR A 15 -10.43 -0.59 11.82
CA THR A 15 -11.68 -1.05 11.18
C THR A 15 -11.62 -2.53 10.76
N VAL A 16 -10.50 -2.97 10.17
CA VAL A 16 -10.33 -4.35 9.70
C VAL A 16 -10.23 -5.35 10.85
N ARG A 17 -9.51 -5.03 11.94
CA ARG A 17 -9.38 -5.93 13.10
C ARG A 17 -10.69 -6.09 13.90
N LYS A 18 -11.56 -5.08 13.86
CA LYS A 18 -12.94 -5.13 14.39
C LYS A 18 -13.83 -6.11 13.61
N GLU A 19 -13.56 -6.34 12.33
CA GLU A 19 -14.25 -7.37 11.52
C GLU A 19 -13.60 -8.75 11.65
N ASN A 20 -12.27 -8.84 11.55
CA ASN A 20 -11.46 -10.04 11.77
C ASN A 20 -10.00 -9.68 12.13
N PRO A 21 -9.42 -10.12 13.26
CA PRO A 21 -8.04 -9.80 13.65
C PRO A 21 -6.94 -10.62 12.94
N ASN A 22 -7.29 -11.68 12.20
CA ASN A 22 -6.32 -12.62 11.59
C ASN A 22 -5.69 -12.10 10.28
N VAL A 23 -6.51 -11.40 9.49
CA VAL A 23 -6.22 -10.86 8.14
C VAL A 23 -5.19 -9.73 8.15
N LYS A 24 -4.30 -9.71 7.14
CA LYS A 24 -3.24 -8.70 6.95
C LYS A 24 -3.63 -7.69 5.85
N ILE A 25 -3.00 -6.51 5.88
CA ILE A 25 -3.29 -5.37 5.01
C ILE A 25 -1.99 -4.83 4.41
N LEU A 26 -2.03 -4.48 3.12
CA LEU A 26 -0.99 -3.76 2.40
C LEU A 26 -1.50 -2.37 1.97
N ILE A 27 -0.69 -1.33 2.18
CA ILE A 27 -0.91 0.01 1.64
C ILE A 27 0.17 0.28 0.59
N PHE A 28 -0.26 0.74 -0.60
CA PHE A 28 0.60 1.16 -1.71
C PHE A 28 0.55 2.68 -1.79
N ILE A 29 1.70 3.34 -1.73
CA ILE A 29 1.87 4.79 -1.69
C ILE A 29 2.53 5.23 -3.00
N ILE A 30 1.84 6.09 -3.75
CA ILE A 30 2.20 6.46 -5.12
C ILE A 30 2.58 7.93 -5.14
N PHE A 31 3.77 8.23 -5.66
CA PHE A 31 4.25 9.59 -5.90
C PHE A 31 4.41 9.81 -7.40
N THR A 32 3.67 10.77 -7.97
CA THR A 32 3.65 11.05 -9.42
C THR A 32 4.65 12.12 -9.84
N SER A 33 5.02 12.15 -11.12
CA SER A 33 5.84 13.23 -11.71
C SER A 33 5.15 14.61 -11.65
N ASP A 34 3.83 14.65 -11.45
CA ASP A 34 3.02 15.86 -11.29
C ASP A 34 2.89 16.33 -9.82
N GLY A 35 3.46 15.59 -8.86
CA GLY A 35 3.41 15.89 -7.42
C GLY A 35 2.12 15.45 -6.70
N THR A 36 1.20 14.78 -7.39
CA THR A 36 0.03 14.12 -6.78
C THR A 36 0.46 12.88 -5.99
N ILE A 37 -0.15 12.68 -4.81
CA ILE A 37 -0.01 11.46 -3.98
C ILE A 37 -1.27 10.61 -4.09
N LYS A 38 -1.11 9.28 -4.15
CA LYS A 38 -2.20 8.29 -4.17
C LYS A 38 -1.97 7.17 -3.18
N VAL A 39 -3.06 6.56 -2.72
CA VAL A 39 -3.06 5.39 -1.83
C VAL A 39 -4.05 4.31 -2.29
N ILE A 40 -3.57 3.07 -2.39
CA ILE A 40 -4.36 1.85 -2.67
C ILE A 40 -4.27 0.93 -1.45
N ILE A 41 -5.37 0.27 -1.09
CA ILE A 41 -5.43 -0.62 0.10
C ILE A 41 -5.78 -2.04 -0.35
N VAL A 42 -5.02 -3.03 0.11
CA VAL A 42 -5.17 -4.43 -0.30
C VAL A 42 -5.29 -5.33 0.92
N ILE A 43 -6.29 -6.21 0.92
CA ILE A 43 -6.62 -7.12 2.03
C ILE A 43 -6.14 -8.54 1.68
N ILE A 44 -5.30 -9.14 2.55
CA ILE A 44 -4.73 -10.49 2.42
C ILE A 44 -5.30 -11.35 3.56
N ALA A 45 -6.30 -12.18 3.28
CA ALA A 45 -6.91 -13.13 4.23
C ALA A 45 -6.70 -14.60 3.81
N ASP A 46 -6.87 -15.54 4.75
CA ASP A 46 -6.70 -16.98 4.49
C ASP A 46 -7.75 -17.56 3.52
N ASP A 47 -8.90 -16.91 3.37
CA ASP A 47 -9.98 -17.27 2.45
C ASP A 47 -10.58 -16.00 1.78
N PRO A 48 -10.76 -15.96 0.44
CA PRO A 48 -11.30 -14.78 -0.24
C PRO A 48 -12.74 -14.44 0.17
N ASN A 49 -13.52 -15.42 0.65
CA ASN A 49 -14.88 -15.16 1.15
C ASN A 49 -14.87 -14.30 2.42
N ASP A 50 -13.80 -14.34 3.21
CA ASP A 50 -13.58 -13.40 4.32
C ASP A 50 -13.05 -12.06 3.81
N ALA A 51 -12.02 -12.08 2.94
CA ALA A 51 -11.35 -10.87 2.45
C ALA A 51 -12.34 -9.89 1.81
N LYS A 52 -13.28 -10.40 1.00
CA LYS A 52 -14.36 -9.64 0.37
C LYS A 52 -15.15 -8.81 1.38
N ARG A 53 -15.47 -9.34 2.57
CA ARG A 53 -16.23 -8.62 3.64
C ARG A 53 -15.43 -7.46 4.21
N ILE A 54 -14.13 -7.67 4.44
CA ILE A 54 -13.22 -6.64 4.96
C ILE A 54 -13.08 -5.51 3.94
N VAL A 55 -12.84 -5.86 2.66
CA VAL A 55 -12.76 -4.90 1.55
C VAL A 55 -14.06 -4.10 1.44
N LYS A 56 -15.22 -4.77 1.55
CA LYS A 56 -16.54 -4.12 1.56
C LYS A 56 -16.65 -3.05 2.66
N LYS A 57 -16.09 -3.30 3.85
CA LYS A 57 -16.09 -2.33 4.96
C LYS A 57 -15.22 -1.11 4.68
N ILE A 58 -14.01 -1.31 4.13
CA ILE A 58 -13.13 -0.20 3.74
C ILE A 58 -13.71 0.59 2.55
N GLN A 59 -14.42 -0.08 1.64
CA GLN A 59 -15.13 0.59 0.54
C GLN A 59 -16.25 1.53 1.04
N GLU A 60 -16.95 1.16 2.12
CA GLU A 60 -18.01 1.95 2.76
C GLU A 60 -17.45 3.13 3.59
N ARG A 61 -16.30 2.96 4.25
CA ARG A 61 -15.63 4.03 5.02
C ARG A 61 -14.84 5.01 4.15
N PHE A 62 -14.16 4.48 3.14
CA PHE A 62 -13.16 5.16 2.30
C PHE A 62 -13.45 4.94 0.80
N PRO A 63 -14.61 5.41 0.29
CA PRO A 63 -15.02 5.20 -1.10
C PRO A 63 -14.16 5.97 -2.13
N LYS A 64 -13.43 6.99 -1.67
CA LYS A 64 -12.56 7.85 -2.48
C LYS A 64 -11.21 7.22 -2.85
N LEU A 65 -10.76 6.18 -2.14
CA LEU A 65 -9.59 5.37 -2.53
C LEU A 65 -10.03 4.08 -3.24
N THR A 66 -9.23 3.62 -4.21
CA THR A 66 -9.38 2.31 -4.85
C THR A 66 -8.72 1.23 -3.99
N ILE A 67 -9.36 0.06 -3.85
CA ILE A 67 -8.95 -1.04 -2.97
C ILE A 67 -9.10 -2.41 -3.66
N LYS A 68 -8.32 -3.41 -3.22
CA LYS A 68 -8.31 -4.77 -3.81
C LYS A 68 -8.26 -5.91 -2.78
N GLN A 69 -8.54 -7.14 -3.23
CA GLN A 69 -8.51 -8.38 -2.43
C GLN A 69 -7.44 -9.38 -2.89
N SER A 70 -6.87 -10.14 -1.95
CA SER A 70 -5.95 -11.24 -2.20
C SER A 70 -6.08 -12.38 -1.17
N ARG A 71 -5.58 -13.56 -1.53
CA ARG A 71 -5.41 -14.73 -0.63
C ARG A 71 -3.92 -15.09 -0.40
N ASN A 72 -3.01 -14.61 -1.23
CA ASN A 72 -1.61 -15.06 -1.26
C ASN A 72 -0.73 -14.20 -0.35
N GLU A 73 0.13 -14.84 0.44
CA GLU A 73 0.98 -14.20 1.45
C GLU A 73 2.08 -13.34 0.79
N GLU A 74 2.02 -12.02 1.02
CA GLU A 74 2.87 -10.94 0.50
C GLU A 74 2.97 -10.81 -1.05
N GLU A 75 2.57 -11.81 -1.82
CA GLU A 75 2.65 -11.84 -3.30
C GLU A 75 1.83 -10.73 -3.99
N ALA A 76 0.80 -10.21 -3.29
CA ALA A 76 0.07 -9.02 -3.69
C ALA A 76 0.99 -7.80 -3.95
N GLU A 77 2.16 -7.71 -3.31
CA GLU A 77 3.14 -6.65 -3.58
C GLU A 77 3.52 -6.58 -5.07
N LYS A 78 3.99 -7.68 -5.66
CA LYS A 78 4.43 -7.71 -7.07
C LYS A 78 3.25 -7.76 -8.06
N ARG A 79 2.17 -8.46 -7.69
CA ARG A 79 0.91 -8.51 -8.46
C ARG A 79 0.33 -7.10 -8.64
N ILE A 80 0.16 -6.37 -7.53
CA ILE A 80 -0.46 -5.05 -7.54
C ILE A 80 0.53 -3.99 -8.04
N GLN A 81 1.85 -4.13 -7.81
CA GLN A 81 2.87 -3.27 -8.46
C GLN A 81 2.71 -3.28 -9.97
N LYS A 82 2.56 -4.46 -10.58
CA LYS A 82 2.41 -4.58 -12.03
C LYS A 82 1.12 -3.89 -12.49
N GLU A 83 0.02 -4.14 -11.79
CA GLU A 83 -1.28 -3.49 -12.03
C GLU A 83 -1.19 -1.96 -11.93
N LEU A 84 -0.46 -1.44 -10.94
CA LEU A 84 -0.26 -0.02 -10.71
C LEU A 84 0.63 0.64 -11.75
N GLU A 85 1.66 -0.04 -12.25
CA GLU A 85 2.49 0.43 -13.36
C GLU A 85 1.70 0.47 -14.69
N GLU A 86 0.74 -0.45 -14.89
CA GLU A 86 -0.16 -0.45 -16.06
C GLU A 86 -1.14 0.74 -16.09
N ARG A 87 -1.46 1.37 -14.95
CA ARG A 87 -2.29 2.59 -14.89
C ARG A 87 -1.54 3.90 -14.58
N ASN A 88 -0.34 3.86 -13.98
CA ASN A 88 0.50 5.03 -13.74
C ASN A 88 1.81 4.98 -14.58
N PRO A 89 1.88 5.68 -15.73
CA PRO A 89 3.10 5.74 -16.57
C PRO A 89 4.21 6.65 -15.99
N ASN A 90 3.84 7.60 -15.12
CA ASN A 90 4.71 8.65 -14.58
C ASN A 90 4.61 8.70 -13.04
N ALA A 91 4.88 7.55 -12.39
CA ALA A 91 4.79 7.41 -10.94
C ALA A 91 5.77 6.39 -10.33
N GLU A 92 5.97 6.51 -9.03
CA GLU A 92 6.80 5.66 -8.19
C GLU A 92 5.92 5.00 -7.11
N ILE A 93 5.96 3.66 -7.02
CA ILE A 93 5.09 2.85 -6.16
C ILE A 93 5.93 2.29 -5.00
N GLN A 94 5.49 2.55 -3.77
CA GLN A 94 6.13 2.11 -2.55
C GLN A 94 5.14 1.31 -1.70
N VAL A 95 5.58 0.23 -1.05
CA VAL A 95 4.73 -0.66 -0.23
C VAL A 95 5.15 -0.66 1.23
N VAL A 96 4.16 -0.50 2.11
CA VAL A 96 4.29 -0.68 3.56
C VAL A 96 3.60 -1.99 3.98
N ARG A 97 4.33 -2.80 4.76
CA ARG A 97 3.90 -4.06 5.38
C ARG A 97 3.94 -3.99 6.93
N SER A 98 4.74 -3.08 7.50
CA SER A 98 4.90 -2.79 8.93
C SER A 98 4.99 -1.28 9.19
N GLU A 99 4.58 -0.80 10.37
CA GLU A 99 4.46 0.63 10.71
C GLU A 99 5.75 1.44 10.57
N ASP A 100 6.92 0.80 10.74
CA ASP A 100 8.23 1.40 10.54
C ASP A 100 8.52 1.73 9.07
N GLU A 101 8.02 0.91 8.13
CA GLU A 101 8.27 1.08 6.70
C GLU A 101 7.58 2.30 6.11
N LEU A 102 6.43 2.72 6.66
CA LEU A 102 5.74 3.95 6.29
C LEU A 102 6.59 5.20 6.59
N LYS A 103 7.28 5.20 7.74
CA LYS A 103 8.26 6.23 8.11
C LYS A 103 9.54 6.14 7.28
N GLU A 104 9.98 4.93 6.91
CA GLU A 104 11.13 4.75 6.01
C GLU A 104 10.87 5.26 4.59
N ILE A 105 9.67 5.05 4.03
CA ILE A 105 9.29 5.61 2.72
C ILE A 105 9.41 7.14 2.73
N LEU A 106 9.02 7.80 3.83
CA LEU A 106 9.17 9.25 4.00
C LEU A 106 10.64 9.71 3.97
N ASP A 107 11.58 8.89 4.44
CA ASP A 107 13.03 9.15 4.34
C ASP A 107 13.59 8.87 2.93
N LYS A 108 13.15 7.76 2.31
CA LYS A 108 13.49 7.35 0.93
C LYS A 108 13.02 8.36 -0.11
N LEU A 109 11.90 9.02 0.13
CA LEU A 109 11.38 10.13 -0.67
C LEU A 109 12.30 11.35 -0.68
N ASP A 110 13.09 11.59 0.38
CA ASP A 110 14.10 12.65 0.38
C ASP A 110 15.34 12.28 -0.46
N GLU A 111 15.73 11.00 -0.53
CA GLU A 111 16.78 10.54 -1.45
C GLU A 111 16.39 10.72 -2.92
N LYS A 112 15.09 10.63 -3.24
CA LYS A 112 14.54 10.81 -4.59
C LYS A 112 14.57 12.26 -5.09
N LYS A 113 14.49 13.27 -4.19
CA LYS A 113 14.68 14.70 -4.51
C LYS A 113 16.11 15.22 -4.29
N GLY A 114 16.85 14.59 -3.38
CA GLY A 114 18.28 14.83 -3.11
C GLY A 114 19.18 13.86 -3.87
N SER A 115 20.08 13.19 -3.15
CA SER A 115 20.99 12.14 -3.67
C SER A 115 20.68 10.78 -3.05
N TRP A 116 20.87 9.70 -3.82
CA TRP A 116 20.63 8.32 -3.41
C TRP A 116 21.90 7.62 -2.88
N SER A 117 21.74 6.78 -1.85
CA SER A 117 22.84 6.12 -1.13
C SER A 117 23.57 5.07 -1.99
N LEU A 118 24.90 5.01 -1.85
CA LEU A 118 25.78 4.00 -2.46
C LEU A 118 25.68 2.65 -1.71
N GLU A 119 25.99 1.55 -2.39
CA GLU A 119 26.01 0.18 -1.84
C GLU A 119 24.64 -0.24 -1.22
N HIS A 120 23.57 -0.09 -2.01
CA HIS A 120 22.22 -0.49 -1.62
C HIS A 120 22.10 -2.01 -1.39
N HIS A 121 21.43 -2.42 -0.31
CA HIS A 121 21.37 -3.81 0.14
C HIS A 121 20.25 -4.61 -0.56
N HIS A 122 20.51 -5.90 -0.83
CA HIS A 122 19.60 -6.83 -1.52
C HIS A 122 19.65 -8.24 -0.89
N HIS A 123 18.60 -9.03 -1.12
CA HIS A 123 18.35 -10.37 -0.57
C HIS A 123 18.19 -10.43 0.97
N HIS A 124 17.52 -11.48 1.47
CA HIS A 124 17.16 -11.69 2.87
C HIS A 124 18.28 -12.39 3.68
N HIS A 125 19.45 -11.73 3.73
CA HIS A 125 20.67 -12.14 4.47
C HIS A 125 21.15 -13.57 4.15
N GLY A 1 -0.21 15.99 1.84
CA GLY A 1 1.11 15.63 2.40
C GLY A 1 1.13 14.21 2.94
N SER A 2 2.30 13.58 2.99
CA SER A 2 2.48 12.15 3.35
C SER A 2 1.98 11.79 4.75
N GLU A 3 1.98 12.74 5.69
CA GLU A 3 1.44 12.57 7.05
C GLU A 3 -0.07 12.20 7.03
N GLU A 4 -0.82 12.72 6.08
CA GLU A 4 -2.26 12.42 5.92
C GLU A 4 -2.47 10.97 5.48
N ILE A 5 -1.57 10.43 4.63
CA ILE A 5 -1.61 9.03 4.18
C ILE A 5 -1.17 8.09 5.33
N ARG A 6 -0.16 8.51 6.10
CA ARG A 6 0.31 7.81 7.31
C ARG A 6 -0.75 7.75 8.41
N GLU A 7 -1.63 8.75 8.51
CA GLU A 7 -2.82 8.68 9.37
C GLU A 7 -3.97 7.84 8.77
N LEU A 8 -4.24 7.95 7.46
CA LEU A 8 -5.32 7.23 6.76
C LEU A 8 -5.21 5.72 6.97
N VAL A 9 -4.02 5.14 6.80
CA VAL A 9 -3.79 3.71 7.03
C VAL A 9 -4.11 3.26 8.46
N ARG A 10 -3.93 4.11 9.49
CA ARG A 10 -4.23 3.75 10.88
C ARG A 10 -5.74 3.59 11.10
N LYS A 11 -6.53 4.40 10.40
CA LYS A 11 -8.00 4.32 10.42
C LYS A 11 -8.45 2.99 9.81
N ILE A 12 -7.81 2.56 8.72
CA ILE A 12 -8.04 1.26 8.09
C ILE A 12 -7.60 0.12 9.00
N TYR A 13 -6.38 0.14 9.54
CA TYR A 13 -5.84 -0.96 10.36
C TYR A 13 -6.66 -1.18 11.64
N GLU A 14 -7.23 -0.13 12.25
CA GLU A 14 -8.20 -0.28 13.35
C GLU A 14 -9.56 -0.81 12.85
N THR A 15 -10.06 -0.33 11.71
CA THR A 15 -11.36 -0.77 11.17
C THR A 15 -11.34 -2.25 10.76
N VAL A 16 -10.24 -2.73 10.16
CA VAL A 16 -10.08 -4.13 9.74
C VAL A 16 -9.86 -5.08 10.92
N ARG A 17 -9.05 -4.69 11.93
CA ARG A 17 -8.84 -5.53 13.13
C ARG A 17 -10.07 -5.64 14.03
N LYS A 18 -10.99 -4.66 13.95
CA LYS A 18 -12.33 -4.70 14.57
C LYS A 18 -13.25 -5.75 13.94
N GLU A 19 -13.03 -6.10 12.66
CA GLU A 19 -13.77 -7.17 11.98
C GLU A 19 -13.06 -8.54 12.09
N ASN A 20 -11.74 -8.58 11.84
CA ASN A 20 -10.87 -9.75 12.10
C ASN A 20 -9.40 -9.30 12.27
N PRO A 21 -8.74 -9.52 13.43
CA PRO A 21 -7.36 -9.10 13.68
C PRO A 21 -6.29 -9.97 13.00
N ASN A 22 -6.63 -11.16 12.49
CA ASN A 22 -5.65 -12.10 11.92
C ASN A 22 -5.23 -11.75 10.47
N VAL A 23 -6.19 -11.25 9.69
CA VAL A 23 -6.04 -10.70 8.32
C VAL A 23 -4.92 -9.65 8.21
N LYS A 24 -4.21 -9.64 7.08
CA LYS A 24 -3.17 -8.68 6.72
C LYS A 24 -3.63 -7.73 5.61
N ILE A 25 -3.00 -6.56 5.53
CA ILE A 25 -3.38 -5.46 4.63
C ILE A 25 -2.16 -4.96 3.86
N LEU A 26 -2.36 -4.59 2.59
CA LEU A 26 -1.38 -3.96 1.73
C LEU A 26 -1.85 -2.54 1.40
N ILE A 27 -0.97 -1.56 1.59
CA ILE A 27 -1.13 -0.17 1.15
C ILE A 27 -0.09 0.07 0.04
N PHE A 28 -0.54 0.61 -1.09
CA PHE A 28 0.33 1.11 -2.15
C PHE A 28 0.38 2.64 -2.09
N ILE A 29 1.58 3.20 -2.05
CA ILE A 29 1.84 4.64 -1.93
C ILE A 29 2.47 5.12 -3.24
N ILE A 30 1.83 6.09 -3.89
CA ILE A 30 2.21 6.56 -5.24
C ILE A 30 2.70 8.00 -5.17
N PHE A 31 3.88 8.26 -5.71
CA PHE A 31 4.50 9.58 -5.79
C PHE A 31 4.67 9.97 -7.26
N THR A 32 3.81 10.85 -7.78
CA THR A 32 3.90 11.36 -9.16
C THR A 32 4.89 12.54 -9.24
N SER A 33 5.44 12.80 -10.44
CA SER A 33 6.30 13.97 -10.67
C SER A 33 5.55 15.31 -10.55
N ASP A 34 4.23 15.30 -10.73
CA ASP A 34 3.34 16.47 -10.57
C ASP A 34 2.96 16.77 -9.11
N GLY A 35 3.36 15.92 -8.15
CA GLY A 35 3.07 16.07 -6.73
C GLY A 35 1.69 15.54 -6.28
N THR A 36 0.94 14.90 -7.16
CA THR A 36 -0.29 14.16 -6.83
C THR A 36 0.07 12.84 -6.14
N ILE A 37 -0.70 12.45 -5.11
CA ILE A 37 -0.50 11.25 -4.30
C ILE A 37 -1.72 10.32 -4.42
N LYS A 38 -1.48 9.00 -4.47
CA LYS A 38 -2.53 7.96 -4.46
C LYS A 38 -2.25 6.83 -3.48
N VAL A 39 -3.36 6.21 -3.08
CA VAL A 39 -3.46 5.20 -2.05
C VAL A 39 -4.37 4.08 -2.52
N ILE A 40 -3.83 2.86 -2.66
CA ILE A 40 -4.61 1.65 -3.03
C ILE A 40 -4.54 0.66 -1.87
N ILE A 41 -5.67 0.08 -1.44
CA ILE A 41 -5.72 -0.81 -0.25
C ILE A 41 -6.11 -2.23 -0.66
N VAL A 42 -5.41 -3.24 -0.14
CA VAL A 42 -5.63 -4.65 -0.48
C VAL A 42 -5.75 -5.49 0.78
N ILE A 43 -6.71 -6.41 0.82
CA ILE A 43 -6.94 -7.31 1.95
C ILE A 43 -6.43 -8.72 1.60
N ILE A 44 -5.51 -9.25 2.42
CA ILE A 44 -4.88 -10.57 2.28
C ILE A 44 -5.27 -11.38 3.53
N ALA A 45 -6.20 -12.34 3.41
CA ALA A 45 -6.72 -13.14 4.52
C ALA A 45 -6.41 -14.65 4.37
N ASP A 46 -6.48 -15.38 5.48
CA ASP A 46 -6.21 -16.82 5.54
C ASP A 46 -7.21 -17.66 4.70
N ASP A 47 -8.42 -17.12 4.48
CA ASP A 47 -9.42 -17.61 3.54
C ASP A 47 -10.07 -16.41 2.81
N PRO A 48 -10.19 -16.43 1.46
CA PRO A 48 -10.73 -15.29 0.70
C PRO A 48 -12.20 -14.96 1.01
N ASN A 49 -12.99 -15.91 1.54
CA ASN A 49 -14.38 -15.66 1.96
C ASN A 49 -14.46 -14.70 3.16
N ASP A 50 -13.43 -14.65 4.01
CA ASP A 50 -13.32 -13.67 5.09
C ASP A 50 -12.89 -12.29 4.58
N ALA A 51 -11.96 -12.24 3.61
CA ALA A 51 -11.50 -11.00 3.01
C ALA A 51 -12.65 -10.17 2.41
N LYS A 52 -13.67 -10.84 1.84
CA LYS A 52 -14.89 -10.21 1.31
C LYS A 52 -15.55 -9.25 2.33
N ARG A 53 -15.74 -9.71 3.57
CA ARG A 53 -16.33 -8.92 4.67
C ARG A 53 -15.50 -7.66 4.99
N ILE A 54 -14.18 -7.82 5.03
CA ILE A 54 -13.25 -6.73 5.36
C ILE A 54 -13.24 -5.67 4.24
N VAL A 55 -13.10 -6.10 2.99
CA VAL A 55 -13.07 -5.23 1.80
C VAL A 55 -14.35 -4.41 1.73
N LYS A 56 -15.52 -5.03 1.93
CA LYS A 56 -16.83 -4.34 1.95
C LYS A 56 -16.86 -3.22 2.99
N LYS A 57 -16.23 -3.40 4.16
CA LYS A 57 -16.16 -2.36 5.20
C LYS A 57 -15.36 -1.15 4.72
N ILE A 58 -14.19 -1.36 4.12
CA ILE A 58 -13.32 -0.29 3.62
C ILE A 58 -13.95 0.40 2.40
N GLN A 59 -14.67 -0.34 1.54
CA GLN A 59 -15.35 0.23 0.37
C GLN A 59 -16.46 1.23 0.76
N GLU A 60 -17.19 0.95 1.85
CA GLU A 60 -18.20 1.87 2.41
C GLU A 60 -17.59 3.03 3.21
N ARG A 61 -16.53 2.78 3.99
CA ARG A 61 -15.92 3.76 4.91
C ARG A 61 -14.93 4.72 4.24
N PHE A 62 -14.23 4.27 3.20
CA PHE A 62 -13.20 5.00 2.46
C PHE A 62 -13.45 4.95 0.93
N PRO A 63 -14.61 5.45 0.45
CA PRO A 63 -15.04 5.32 -0.94
C PRO A 63 -14.17 6.09 -1.95
N LYS A 64 -13.44 7.12 -1.47
CA LYS A 64 -12.56 7.98 -2.27
C LYS A 64 -11.19 7.35 -2.60
N LEU A 65 -10.81 6.27 -1.91
CA LEU A 65 -9.63 5.45 -2.25
C LEU A 65 -10.08 4.15 -2.96
N THR A 66 -9.29 3.68 -3.93
CA THR A 66 -9.57 2.43 -4.67
C THR A 66 -8.99 1.23 -3.92
N ILE A 67 -9.73 0.12 -3.85
CA ILE A 67 -9.33 -1.08 -3.09
C ILE A 67 -9.49 -2.38 -3.88
N LYS A 68 -8.74 -3.41 -3.47
CA LYS A 68 -8.69 -4.77 -4.05
C LYS A 68 -8.68 -5.86 -2.98
N GLN A 69 -8.76 -7.12 -3.42
CA GLN A 69 -8.68 -8.32 -2.57
C GLN A 69 -7.55 -9.26 -2.99
N SER A 70 -7.17 -10.20 -2.12
CA SER A 70 -6.30 -11.33 -2.44
C SER A 70 -6.65 -12.57 -1.61
N ARG A 71 -6.00 -13.70 -1.93
CA ARG A 71 -6.08 -14.96 -1.19
C ARG A 71 -5.12 -14.92 0.02
N ASN A 72 -4.58 -16.08 0.44
CA ASN A 72 -3.57 -16.19 1.50
C ASN A 72 -2.21 -15.61 1.10
N GLU A 73 -1.89 -15.64 -0.20
CA GLU A 73 -0.59 -15.26 -0.76
C GLU A 73 -0.38 -13.74 -0.90
N GLU A 74 0.84 -13.28 -0.62
CA GLU A 74 1.27 -11.88 -0.70
C GLU A 74 1.59 -11.40 -2.13
N GLU A 75 1.37 -12.25 -3.14
CA GLU A 75 1.67 -11.99 -4.56
C GLU A 75 0.97 -10.77 -5.16
N ALA A 76 -0.06 -10.26 -4.48
CA ALA A 76 -0.71 -8.97 -4.77
C ALA A 76 0.31 -7.81 -4.86
N GLU A 77 1.44 -7.86 -4.15
CA GLU A 77 2.53 -6.88 -4.27
C GLU A 77 2.96 -6.70 -5.72
N LYS A 78 3.52 -7.75 -6.34
CA LYS A 78 4.07 -7.68 -7.71
C LYS A 78 2.95 -7.67 -8.77
N ARG A 79 1.82 -8.35 -8.50
CA ARG A 79 0.64 -8.30 -9.37
C ARG A 79 0.14 -6.88 -9.55
N ILE A 80 -0.13 -6.19 -8.43
CA ILE A 80 -0.76 -4.88 -8.49
C ILE A 80 0.29 -3.82 -8.89
N GLN A 81 1.57 -4.00 -8.52
CA GLN A 81 2.68 -3.18 -9.04
C GLN A 81 2.67 -3.11 -10.57
N LYS A 82 2.49 -4.25 -11.25
CA LYS A 82 2.50 -4.29 -12.71
C LYS A 82 1.32 -3.50 -13.29
N GLU A 83 0.12 -3.65 -12.69
CA GLU A 83 -1.07 -2.87 -13.04
C GLU A 83 -0.84 -1.37 -12.86
N LEU A 84 -0.31 -0.97 -11.69
CA LEU A 84 -0.04 0.42 -11.34
C LEU A 84 0.97 1.07 -12.27
N GLU A 85 2.03 0.35 -12.65
CA GLU A 85 3.00 0.82 -13.65
C GLU A 85 2.36 1.05 -15.03
N GLU A 86 1.35 0.26 -15.41
CA GLU A 86 0.63 0.41 -16.68
C GLU A 86 -0.33 1.62 -16.71
N ARG A 87 -0.79 2.12 -15.54
CA ARG A 87 -1.68 3.29 -15.43
C ARG A 87 -1.04 4.58 -14.90
N ASN A 88 0.12 4.49 -14.24
CA ASN A 88 0.99 5.61 -13.86
C ASN A 88 2.32 5.57 -14.65
N PRO A 89 2.46 6.34 -15.74
CA PRO A 89 3.66 6.35 -16.59
C PRO A 89 4.85 7.14 -16.01
N ASN A 90 4.60 8.06 -15.06
CA ASN A 90 5.59 9.04 -14.57
C ASN A 90 5.52 9.21 -13.03
N ALA A 91 5.48 8.07 -12.32
CA ALA A 91 5.40 7.99 -10.86
C ALA A 91 6.28 6.84 -10.30
N GLU A 92 6.50 6.85 -8.97
CA GLU A 92 7.08 5.73 -8.24
C GLU A 92 6.03 5.10 -7.30
N ILE A 93 6.05 3.77 -7.19
CA ILE A 93 5.13 2.94 -6.40
C ILE A 93 5.90 2.27 -5.27
N GLN A 94 5.38 2.32 -4.05
CA GLN A 94 5.93 1.64 -2.87
C GLN A 94 4.84 0.85 -2.12
N VAL A 95 5.19 -0.26 -1.48
CA VAL A 95 4.26 -1.17 -0.79
C VAL A 95 4.53 -1.24 0.72
N VAL A 96 3.47 -1.15 1.52
CA VAL A 96 3.46 -1.16 2.99
C VAL A 96 2.46 -2.17 3.53
N ARG A 97 2.89 -2.99 4.50
CA ARG A 97 2.07 -3.88 5.34
C ARG A 97 2.35 -3.72 6.85
N SER A 98 3.46 -3.09 7.22
CA SER A 98 3.80 -2.70 8.59
C SER A 98 4.16 -1.21 8.67
N GLU A 99 3.81 -0.54 9.78
CA GLU A 99 3.95 0.93 9.90
C GLU A 99 5.42 1.41 9.86
N ASP A 100 6.37 0.53 10.18
CA ASP A 100 7.81 0.78 10.04
C ASP A 100 8.23 0.99 8.58
N GLU A 101 7.56 0.35 7.62
CA GLU A 101 7.81 0.53 6.19
C GLU A 101 7.35 1.91 5.71
N LEU A 102 6.25 2.44 6.28
CA LEU A 102 5.79 3.81 6.06
C LEU A 102 6.82 4.82 6.61
N LYS A 103 7.36 4.57 7.82
CA LYS A 103 8.44 5.36 8.43
C LYS A 103 9.73 5.33 7.59
N GLU A 104 10.05 4.19 7.00
CA GLU A 104 11.17 4.06 6.07
C GLU A 104 10.97 4.83 4.76
N ILE A 105 9.79 4.74 4.12
CA ILE A 105 9.47 5.51 2.91
C ILE A 105 9.57 7.03 3.20
N LEU A 106 9.14 7.47 4.38
CA LEU A 106 9.27 8.87 4.83
C LEU A 106 10.75 9.29 4.96
N ASP A 107 11.62 8.39 5.43
CA ASP A 107 13.07 8.65 5.50
C ASP A 107 13.74 8.62 4.12
N LYS A 108 13.26 7.76 3.22
CA LYS A 108 13.72 7.66 1.81
C LYS A 108 13.32 8.88 0.98
N LEU A 109 12.15 9.47 1.22
CA LEU A 109 11.76 10.77 0.66
C LEU A 109 12.73 11.88 1.10
N ASP A 110 13.11 11.90 2.39
CA ASP A 110 14.05 12.88 2.94
C ASP A 110 15.52 12.65 2.51
N GLU A 111 15.90 11.42 2.19
CA GLU A 111 17.21 11.11 1.58
C GLU A 111 17.27 11.56 0.12
N LYS A 112 16.24 11.27 -0.69
CA LYS A 112 16.14 11.68 -2.10
C LYS A 112 16.01 13.20 -2.31
N LYS A 113 15.71 13.96 -1.24
CA LYS A 113 15.76 15.42 -1.19
C LYS A 113 17.17 15.99 -1.39
N GLY A 114 18.24 15.23 -1.09
CA GLY A 114 19.63 15.70 -1.13
C GLY A 114 20.71 14.69 -1.56
N SER A 115 20.38 13.41 -1.77
CA SER A 115 21.32 12.34 -2.14
C SER A 115 20.71 11.33 -3.13
N TRP A 116 21.57 10.67 -3.91
CA TRP A 116 21.20 9.74 -4.99
C TRP A 116 22.15 8.52 -5.07
N SER A 117 21.71 7.45 -5.73
CA SER A 117 22.47 6.21 -5.97
C SER A 117 22.22 5.65 -7.37
N LEU A 118 23.08 4.73 -7.82
CA LEU A 118 23.09 4.14 -9.17
C LEU A 118 23.04 2.60 -9.11
N GLU A 119 22.67 1.97 -10.23
CA GLU A 119 22.50 0.51 -10.44
C GLU A 119 21.48 -0.23 -9.53
N HIS A 120 21.00 0.39 -8.44
CA HIS A 120 20.06 -0.22 -7.50
C HIS A 120 18.61 -0.21 -8.04
N HIS A 121 17.98 -1.39 -8.08
CA HIS A 121 16.56 -1.59 -8.35
C HIS A 121 16.07 -2.80 -7.54
N HIS A 122 15.24 -2.56 -6.51
CA HIS A 122 14.85 -3.55 -5.49
C HIS A 122 16.08 -4.33 -4.96
N HIS A 123 17.15 -3.58 -4.64
CA HIS A 123 18.51 -4.02 -4.37
C HIS A 123 19.17 -4.77 -5.55
N HIS A 124 18.71 -5.97 -5.87
CA HIS A 124 19.26 -6.84 -6.93
C HIS A 124 18.22 -7.78 -7.57
N HIS A 125 17.13 -8.13 -6.87
CA HIS A 125 16.15 -9.16 -7.27
C HIS A 125 14.70 -8.72 -7.02
N GLY A 1 0.98 16.50 2.13
CA GLY A 1 1.49 16.06 3.45
C GLY A 1 1.31 14.57 3.64
N SER A 2 2.40 13.82 3.82
CA SER A 2 2.41 12.35 3.97
C SER A 2 1.72 11.85 5.26
N GLU A 3 1.64 12.68 6.30
CA GLU A 3 1.01 12.32 7.57
C GLU A 3 -0.50 12.03 7.44
N GLU A 4 -1.20 12.58 6.45
CA GLU A 4 -2.58 12.23 6.15
C GLU A 4 -2.72 10.74 5.75
N ILE A 5 -1.73 10.19 5.05
CA ILE A 5 -1.65 8.78 4.67
C ILE A 5 -1.21 7.91 5.86
N ARG A 6 -0.33 8.43 6.72
CA ARG A 6 0.06 7.80 7.99
C ARG A 6 -1.10 7.72 8.99
N GLU A 7 -2.02 8.68 8.98
CA GLU A 7 -3.29 8.60 9.71
C GLU A 7 -4.26 7.60 9.07
N LEU A 8 -4.44 7.64 7.75
CA LEU A 8 -5.40 6.82 7.00
C LEU A 8 -5.20 5.32 7.27
N VAL A 9 -3.96 4.82 7.21
CA VAL A 9 -3.66 3.40 7.45
C VAL A 9 -4.07 2.94 8.84
N ARG A 10 -3.97 3.80 9.87
CA ARG A 10 -4.36 3.48 11.25
C ARG A 10 -5.88 3.33 11.40
N LYS A 11 -6.65 4.11 10.65
CA LYS A 11 -8.13 4.00 10.63
C LYS A 11 -8.56 2.69 9.96
N ILE A 12 -7.82 2.27 8.93
CA ILE A 12 -8.04 0.97 8.27
C ILE A 12 -7.69 -0.18 9.21
N TYR A 13 -6.51 -0.17 9.82
CA TYR A 13 -6.05 -1.24 10.71
C TYR A 13 -6.97 -1.42 11.92
N GLU A 14 -7.62 -0.35 12.42
CA GLU A 14 -8.68 -0.45 13.42
C GLU A 14 -10.01 -1.01 12.85
N THR A 15 -10.41 -0.60 11.65
CA THR A 15 -11.66 -1.07 11.02
C THR A 15 -11.60 -2.56 10.63
N VAL A 16 -10.44 -3.04 10.16
CA VAL A 16 -10.25 -4.45 9.76
C VAL A 16 -10.19 -5.38 10.98
N ARG A 17 -9.43 -5.03 12.04
CA ARG A 17 -9.31 -5.86 13.26
C ARG A 17 -10.61 -5.97 14.06
N LYS A 18 -11.50 -4.97 13.93
CA LYS A 18 -12.86 -4.99 14.50
C LYS A 18 -13.72 -6.13 13.96
N GLU A 19 -13.49 -6.59 12.73
CA GLU A 19 -14.16 -7.77 12.16
C GLU A 19 -13.31 -9.05 12.27
N ASN A 20 -12.01 -8.99 11.92
CA ASN A 20 -11.08 -10.11 12.03
C ASN A 20 -9.62 -9.60 12.19
N PRO A 21 -8.89 -9.94 13.29
CA PRO A 21 -7.51 -9.52 13.51
C PRO A 21 -6.45 -10.39 12.81
N ASN A 22 -6.81 -11.56 12.27
CA ASN A 22 -5.86 -12.54 11.75
C ASN A 22 -5.33 -12.22 10.33
N VAL A 23 -6.25 -11.79 9.48
CA VAL A 23 -6.08 -11.25 8.12
C VAL A 23 -5.07 -10.09 8.08
N LYS A 24 -4.26 -10.04 7.00
CA LYS A 24 -3.19 -9.06 6.77
C LYS A 24 -3.62 -8.00 5.74
N ILE A 25 -3.01 -6.82 5.80
CA ILE A 25 -3.31 -5.66 4.95
C ILE A 25 -2.06 -5.17 4.23
N LEU A 26 -2.23 -4.76 2.97
CA LEU A 26 -1.23 -4.14 2.11
C LEU A 26 -1.70 -2.75 1.73
N ILE A 27 -0.81 -1.77 1.81
CA ILE A 27 -1.06 -0.37 1.45
C ILE A 27 -0.02 0.06 0.41
N PHE A 28 -0.46 0.62 -0.71
CA PHE A 28 0.40 1.15 -1.76
C PHE A 28 0.33 2.67 -1.74
N ILE A 29 1.49 3.31 -1.71
CA ILE A 29 1.69 4.76 -1.68
C ILE A 29 2.37 5.16 -2.99
N ILE A 30 1.81 6.15 -3.68
CA ILE A 30 2.24 6.61 -5.00
C ILE A 30 2.64 8.08 -4.94
N PHE A 31 3.78 8.43 -5.52
CA PHE A 31 4.22 9.81 -5.73
C PHE A 31 4.41 10.05 -7.23
N THR A 32 3.57 10.88 -7.85
CA THR A 32 3.68 11.21 -9.29
C THR A 32 4.65 12.38 -9.53
N SER A 33 5.12 12.54 -10.77
CA SER A 33 5.95 13.69 -11.20
C SER A 33 5.20 15.04 -11.06
N ASP A 34 3.87 15.03 -11.07
CA ASP A 34 3.02 16.19 -10.80
C ASP A 34 2.80 16.49 -9.30
N GLY A 35 3.35 15.64 -8.41
CA GLY A 35 3.21 15.74 -6.96
C GLY A 35 1.89 15.19 -6.39
N THR A 36 1.11 14.46 -7.20
CA THR A 36 -0.16 13.83 -6.81
C THR A 36 0.10 12.55 -6.01
N ILE A 37 -0.77 12.25 -5.06
CA ILE A 37 -0.72 11.03 -4.21
C ILE A 37 -1.90 10.11 -4.51
N LYS A 38 -1.65 8.80 -4.54
CA LYS A 38 -2.68 7.74 -4.54
C LYS A 38 -2.44 6.78 -3.37
N VAL A 39 -3.52 6.19 -2.90
CA VAL A 39 -3.58 5.25 -1.77
C VAL A 39 -4.46 4.04 -2.17
N ILE A 40 -3.83 2.89 -2.36
CA ILE A 40 -4.50 1.62 -2.73
C ILE A 40 -4.40 0.65 -1.55
N ILE A 41 -5.49 -0.02 -1.19
CA ILE A 41 -5.53 -0.94 -0.03
C ILE A 41 -5.97 -2.34 -0.46
N VAL A 42 -5.25 -3.36 0.00
CA VAL A 42 -5.46 -4.77 -0.36
C VAL A 42 -5.53 -5.63 0.89
N ILE A 43 -6.53 -6.52 0.95
CA ILE A 43 -6.77 -7.42 2.08
C ILE A 43 -6.36 -8.86 1.72
N ILE A 44 -5.44 -9.44 2.49
CA ILE A 44 -4.87 -10.79 2.29
C ILE A 44 -5.34 -11.65 3.48
N ALA A 45 -6.37 -12.48 3.27
CA ALA A 45 -7.05 -13.26 4.32
C ALA A 45 -6.92 -14.77 4.11
N ASP A 46 -7.15 -15.55 5.18
CA ASP A 46 -7.06 -17.02 5.18
C ASP A 46 -8.03 -17.68 4.17
N ASP A 47 -9.15 -17.01 3.86
CA ASP A 47 -10.08 -17.34 2.79
C ASP A 47 -10.55 -16.04 2.09
N PRO A 48 -10.53 -15.95 0.74
CA PRO A 48 -10.94 -14.75 0.02
C PRO A 48 -12.41 -14.34 0.25
N ASN A 49 -13.28 -15.26 0.68
CA ASN A 49 -14.67 -14.92 1.06
C ASN A 49 -14.71 -14.06 2.34
N ASP A 50 -13.72 -14.20 3.24
CA ASP A 50 -13.57 -13.28 4.37
C ASP A 50 -12.94 -11.96 3.91
N ALA A 51 -11.96 -11.99 3.00
CA ALA A 51 -11.36 -10.78 2.44
C ALA A 51 -12.43 -9.86 1.84
N LYS A 52 -13.37 -10.39 1.06
CA LYS A 52 -14.54 -9.64 0.53
C LYS A 52 -15.33 -8.89 1.62
N ARG A 53 -15.56 -9.52 2.78
CA ARG A 53 -16.23 -8.91 3.95
C ARG A 53 -15.47 -7.69 4.48
N ILE A 54 -14.15 -7.83 4.65
CA ILE A 54 -13.27 -6.76 5.15
C ILE A 54 -13.17 -5.62 4.13
N VAL A 55 -12.91 -5.96 2.86
CA VAL A 55 -12.74 -5.01 1.76
C VAL A 55 -13.99 -4.13 1.62
N LYS A 56 -15.17 -4.75 1.63
CA LYS A 56 -16.46 -4.03 1.61
C LYS A 56 -16.57 -3.00 2.75
N LYS A 57 -16.08 -3.31 3.95
CA LYS A 57 -16.10 -2.36 5.08
C LYS A 57 -15.19 -1.15 4.84
N ILE A 58 -14.01 -1.36 4.25
CA ILE A 58 -13.10 -0.26 3.85
C ILE A 58 -13.69 0.54 2.68
N GLN A 59 -14.42 -0.11 1.77
CA GLN A 59 -15.12 0.56 0.67
C GLN A 59 -16.25 1.49 1.17
N GLU A 60 -16.97 1.07 2.21
CA GLU A 60 -18.00 1.90 2.89
C GLU A 60 -17.38 3.02 3.75
N ARG A 61 -16.21 2.78 4.36
CA ARG A 61 -15.47 3.78 5.16
C ARG A 61 -14.81 4.86 4.29
N PHE A 62 -14.22 4.46 3.16
CA PHE A 62 -13.45 5.31 2.24
C PHE A 62 -13.88 5.13 0.78
N PRO A 63 -15.10 5.58 0.38
CA PRO A 63 -15.62 5.43 -0.98
C PRO A 63 -14.82 6.19 -2.06
N LYS A 64 -14.01 7.17 -1.65
CA LYS A 64 -13.10 7.95 -2.51
C LYS A 64 -11.77 7.24 -2.83
N LEU A 65 -11.43 6.16 -2.10
CA LEU A 65 -10.20 5.37 -2.30
C LEU A 65 -10.50 4.11 -3.10
N THR A 66 -9.55 3.70 -3.96
CA THR A 66 -9.62 2.43 -4.71
C THR A 66 -8.94 1.31 -3.92
N ILE A 67 -9.61 0.18 -3.75
CA ILE A 67 -9.16 -0.97 -2.95
C ILE A 67 -9.37 -2.30 -3.69
N LYS A 68 -8.72 -3.37 -3.22
CA LYS A 68 -8.75 -4.71 -3.83
C LYS A 68 -8.81 -5.84 -2.80
N GLN A 69 -9.16 -7.05 -3.25
CA GLN A 69 -9.21 -8.28 -2.44
C GLN A 69 -8.15 -9.29 -2.90
N SER A 70 -7.61 -10.07 -1.97
CA SER A 70 -6.62 -11.12 -2.23
C SER A 70 -6.90 -12.42 -1.46
N ARG A 71 -6.18 -13.48 -1.82
CA ARG A 71 -6.26 -14.84 -1.25
C ARG A 71 -5.37 -14.96 0.00
N ASN A 72 -5.01 -16.19 0.37
CA ASN A 72 -4.07 -16.49 1.47
C ASN A 72 -2.61 -16.09 1.14
N GLU A 73 -2.24 -16.04 -0.15
CA GLU A 73 -0.87 -15.80 -0.61
C GLU A 73 -0.51 -14.30 -0.65
N GLU A 74 0.74 -13.97 -0.31
CA GLU A 74 1.24 -12.60 -0.16
C GLU A 74 1.79 -11.98 -1.46
N GLU A 75 1.56 -12.61 -2.62
CA GLU A 75 2.09 -12.21 -3.94
C GLU A 75 1.60 -10.84 -4.45
N ALA A 76 0.53 -10.29 -3.85
CA ALA A 76 -0.12 -9.06 -4.31
C ALA A 76 0.81 -7.85 -4.41
N GLU A 77 1.84 -7.73 -3.56
CA GLU A 77 2.73 -6.55 -3.62
C GLU A 77 3.48 -6.46 -4.95
N LYS A 78 4.20 -7.50 -5.38
CA LYS A 78 4.93 -7.47 -6.65
C LYS A 78 4.01 -7.54 -7.87
N ARG A 79 2.86 -8.24 -7.76
CA ARG A 79 1.84 -8.30 -8.82
C ARG A 79 1.19 -6.93 -9.06
N ILE A 80 0.72 -6.27 -8.00
CA ILE A 80 0.01 -4.99 -8.11
C ILE A 80 0.99 -3.84 -8.37
N GLN A 81 2.24 -3.91 -7.89
CA GLN A 81 3.29 -2.96 -8.28
C GLN A 81 3.41 -2.81 -9.80
N LYS A 82 3.38 -3.93 -10.54
CA LYS A 82 3.54 -3.88 -11.99
C LYS A 82 2.31 -3.28 -12.69
N GLU A 83 1.10 -3.56 -12.19
CA GLU A 83 -0.13 -2.88 -12.64
C GLU A 83 -0.04 -1.37 -12.37
N LEU A 84 0.39 -0.99 -11.17
CA LEU A 84 0.54 0.40 -10.74
C LEU A 84 1.58 1.15 -11.57
N GLU A 85 2.68 0.50 -11.96
CA GLU A 85 3.70 1.07 -12.86
C GLU A 85 3.17 1.24 -14.30
N GLU A 86 2.35 0.29 -14.79
CA GLU A 86 1.72 0.39 -16.11
C GLU A 86 0.68 1.52 -16.18
N ARG A 87 -0.12 1.73 -15.12
CA ARG A 87 -1.16 2.78 -15.06
C ARG A 87 -0.69 4.14 -14.51
N ASN A 88 0.48 4.21 -13.86
CA ASN A 88 1.15 5.44 -13.45
C ASN A 88 2.59 5.48 -14.04
N PRO A 89 2.76 5.89 -15.32
CA PRO A 89 4.03 5.78 -16.05
C PRO A 89 5.12 6.78 -15.58
N ASN A 90 4.72 7.89 -14.95
CA ASN A 90 5.60 8.96 -14.44
C ASN A 90 5.48 9.07 -12.91
N ALA A 91 5.56 7.93 -12.21
CA ALA A 91 5.35 7.82 -10.76
C ALA A 91 6.28 6.82 -10.07
N GLU A 92 6.41 6.96 -8.76
CA GLU A 92 7.06 6.02 -7.85
C GLU A 92 6.00 5.30 -7.00
N ILE A 93 6.26 4.04 -6.66
CA ILE A 93 5.39 3.15 -5.90
C ILE A 93 6.15 2.59 -4.70
N GLN A 94 5.55 2.63 -3.52
CA GLN A 94 6.05 1.98 -2.30
C GLN A 94 4.92 1.17 -1.64
N VAL A 95 5.28 0.03 -1.01
CA VAL A 95 4.35 -0.81 -0.24
C VAL A 95 4.69 -0.74 1.25
N VAL A 96 3.68 -0.54 2.09
CA VAL A 96 3.77 -0.55 3.56
C VAL A 96 2.78 -1.53 4.18
N ARG A 97 3.29 -2.30 5.16
CA ARG A 97 2.55 -3.20 6.07
C ARG A 97 2.88 -2.95 7.56
N SER A 98 3.79 -2.02 7.88
CA SER A 98 4.10 -1.56 9.24
C SER A 98 4.42 -0.05 9.30
N GLU A 99 4.09 0.63 10.38
CA GLU A 99 4.26 2.09 10.54
C GLU A 99 5.71 2.56 10.40
N ASP A 100 6.69 1.73 10.78
CA ASP A 100 8.12 2.04 10.67
C ASP A 100 8.58 2.09 9.20
N GLU A 101 7.96 1.31 8.31
CA GLU A 101 8.19 1.39 6.87
C GLU A 101 7.63 2.70 6.28
N LEU A 102 6.48 3.17 6.78
CA LEU A 102 5.90 4.47 6.40
C LEU A 102 6.82 5.64 6.79
N LYS A 103 7.48 5.54 7.95
CA LYS A 103 8.56 6.42 8.41
C LYS A 103 9.81 6.34 7.52
N GLU A 104 10.18 5.15 7.05
CA GLU A 104 11.30 4.96 6.13
C GLU A 104 11.05 5.49 4.71
N ILE A 105 9.83 5.34 4.18
CA ILE A 105 9.44 5.87 2.86
C ILE A 105 9.69 7.39 2.79
N LEU A 106 9.44 8.11 3.89
CA LEU A 106 9.71 9.56 3.99
C LEU A 106 11.21 9.88 3.81
N ASP A 107 12.10 9.05 4.35
CA ASP A 107 13.55 9.19 4.16
C ASP A 107 14.00 8.80 2.74
N LYS A 108 13.39 7.76 2.16
CA LYS A 108 13.66 7.27 0.80
C LYS A 108 13.25 8.28 -0.28
N LEU A 109 12.20 9.06 -0.07
CA LEU A 109 11.79 10.16 -0.95
C LEU A 109 12.89 11.24 -1.05
N ASP A 110 13.60 11.53 0.04
CA ASP A 110 14.74 12.47 0.04
C ASP A 110 16.02 11.84 -0.56
N GLU A 111 16.21 10.52 -0.44
CA GLU A 111 17.34 9.79 -1.05
C GLU A 111 17.21 9.65 -2.57
N LYS A 112 16.00 9.39 -3.08
CA LYS A 112 15.67 9.24 -4.53
C LYS A 112 16.05 10.46 -5.38
N LYS A 113 16.07 11.65 -4.76
CA LYS A 113 16.53 12.92 -5.35
C LYS A 113 18.03 12.93 -5.69
N GLY A 114 18.83 12.10 -5.03
CA GLY A 114 20.30 12.01 -5.20
C GLY A 114 20.82 10.77 -5.93
N SER A 115 19.94 9.92 -6.47
CA SER A 115 20.30 8.64 -7.11
C SER A 115 21.17 8.81 -8.38
N TRP A 116 22.08 7.87 -8.60
CA TRP A 116 23.01 7.80 -9.74
C TRP A 116 23.21 6.35 -10.18
N SER A 117 23.12 6.08 -11.50
CA SER A 117 23.07 4.71 -12.05
C SER A 117 23.69 4.57 -13.45
N LEU A 118 24.75 5.33 -13.78
CA LEU A 118 25.35 5.30 -15.12
C LEU A 118 26.02 3.94 -15.43
N GLU A 119 25.73 3.41 -16.63
CA GLU A 119 26.11 2.08 -17.13
C GLU A 119 25.64 0.85 -16.31
N HIS A 120 25.59 -0.30 -17.00
CA HIS A 120 25.35 -1.65 -16.48
C HIS A 120 24.02 -1.86 -15.70
N HIS A 121 23.08 -0.91 -15.75
CA HIS A 121 21.80 -0.96 -15.05
C HIS A 121 20.70 -1.79 -15.76
N HIS A 122 21.02 -2.42 -16.89
CA HIS A 122 20.06 -3.03 -17.82
C HIS A 122 19.27 -4.22 -17.23
N HIS A 123 19.93 -5.07 -16.42
CA HIS A 123 19.33 -6.18 -15.66
C HIS A 123 18.28 -7.02 -16.44
N HIS A 124 18.62 -7.46 -17.66
CA HIS A 124 17.72 -8.22 -18.53
C HIS A 124 17.29 -9.57 -17.91
N HIS A 125 16.01 -9.94 -18.07
CA HIS A 125 15.40 -11.18 -17.57
C HIS A 125 14.30 -11.72 -18.50
N GLY A 1 0.99 16.70 3.88
CA GLY A 1 2.16 15.99 4.44
C GLY A 1 1.86 14.52 4.71
N SER A 2 2.89 13.66 4.72
CA SER A 2 2.77 12.20 4.85
C SER A 2 2.10 11.73 6.16
N GLU A 3 2.16 12.54 7.22
CA GLU A 3 1.50 12.26 8.51
C GLU A 3 -0.04 12.10 8.37
N GLU A 4 -0.67 12.79 7.40
CA GLU A 4 -2.09 12.63 7.07
C GLU A 4 -2.41 11.23 6.52
N ILE A 5 -1.46 10.61 5.82
CA ILE A 5 -1.58 9.23 5.31
C ILE A 5 -1.18 8.21 6.39
N ARG A 6 -0.23 8.57 7.27
CA ARG A 6 0.13 7.81 8.47
C ARG A 6 -1.04 7.70 9.47
N GLU A 7 -1.93 8.68 9.51
CA GLU A 7 -3.20 8.54 10.25
C GLU A 7 -4.22 7.67 9.53
N LEU A 8 -4.27 7.73 8.20
CA LEU A 8 -5.35 7.09 7.43
C LEU A 8 -5.28 5.57 7.55
N VAL A 9 -4.08 5.00 7.49
CA VAL A 9 -3.81 3.56 7.65
C VAL A 9 -4.26 3.03 9.01
N ARG A 10 -4.19 3.86 10.07
CA ARG A 10 -4.63 3.50 11.43
C ARG A 10 -6.14 3.33 11.52
N LYS A 11 -6.89 4.13 10.78
CA LYS A 11 -8.35 3.98 10.67
C LYS A 11 -8.68 2.63 10.03
N ILE A 12 -7.85 2.16 9.09
CA ILE A 12 -8.06 0.89 8.40
C ILE A 12 -7.64 -0.28 9.28
N TYR A 13 -6.42 -0.31 9.80
CA TYR A 13 -5.89 -1.42 10.60
C TYR A 13 -6.73 -1.66 11.88
N GLU A 14 -7.32 -0.62 12.46
CA GLU A 14 -8.28 -0.75 13.56
C GLU A 14 -9.67 -1.23 13.11
N THR A 15 -10.16 -0.81 11.94
CA THR A 15 -11.47 -1.25 11.39
C THR A 15 -11.45 -2.71 10.93
N VAL A 16 -10.36 -3.14 10.29
CA VAL A 16 -10.22 -4.51 9.76
C VAL A 16 -10.03 -5.56 10.87
N ARG A 17 -9.23 -5.25 11.91
CA ARG A 17 -9.01 -6.18 13.05
C ARG A 17 -10.25 -6.36 13.94
N LYS A 18 -11.13 -5.36 13.97
CA LYS A 18 -12.47 -5.43 14.60
C LYS A 18 -13.40 -6.45 13.93
N GLU A 19 -13.19 -6.78 12.66
CA GLU A 19 -13.93 -7.83 11.95
C GLU A 19 -13.21 -9.19 11.98
N ASN A 20 -11.90 -9.22 11.63
CA ASN A 20 -11.03 -10.41 11.69
C ASN A 20 -9.60 -9.99 12.10
N PRO A 21 -9.05 -10.46 13.25
CA PRO A 21 -7.72 -10.03 13.71
C PRO A 21 -6.55 -10.72 12.98
N ASN A 22 -6.78 -11.84 12.28
CA ASN A 22 -5.71 -12.62 11.62
C ASN A 22 -5.29 -12.06 10.24
N VAL A 23 -6.25 -11.47 9.51
CA VAL A 23 -6.12 -10.81 8.21
C VAL A 23 -4.95 -9.81 8.17
N LYS A 24 -4.21 -9.82 7.05
CA LYS A 24 -3.08 -8.93 6.75
C LYS A 24 -3.49 -7.88 5.70
N ILE A 25 -2.88 -6.69 5.77
CA ILE A 25 -3.20 -5.56 4.88
C ILE A 25 -1.92 -4.99 4.27
N LEU A 26 -2.00 -4.62 2.99
CA LEU A 26 -0.99 -3.88 2.25
C LEU A 26 -1.57 -2.54 1.83
N ILE A 27 -0.82 -1.45 2.05
CA ILE A 27 -1.17 -0.11 1.55
C ILE A 27 -0.13 0.33 0.52
N PHE A 28 -0.58 0.77 -0.65
CA PHE A 28 0.26 1.27 -1.74
C PHE A 28 0.18 2.79 -1.76
N ILE A 29 1.34 3.44 -1.66
CA ILE A 29 1.52 4.89 -1.65
C ILE A 29 2.23 5.26 -2.95
N ILE A 30 1.63 6.17 -3.72
CA ILE A 30 2.12 6.57 -5.05
C ILE A 30 2.57 8.03 -5.00
N PHE A 31 3.73 8.34 -5.59
CA PHE A 31 4.18 9.71 -5.85
C PHE A 31 4.40 9.88 -7.36
N THR A 32 3.66 10.78 -8.01
CA THR A 32 3.82 11.06 -9.45
C THR A 32 4.86 12.16 -9.71
N SER A 33 5.33 12.26 -10.96
CA SER A 33 6.22 13.35 -11.42
C SER A 33 5.58 14.75 -11.25
N ASP A 34 4.24 14.85 -11.28
CA ASP A 34 3.47 16.08 -11.03
C ASP A 34 3.22 16.36 -9.53
N GLY A 35 3.66 15.47 -8.63
CA GLY A 35 3.54 15.61 -7.17
C GLY A 35 2.20 15.13 -6.58
N THR A 36 1.37 14.42 -7.36
CA THR A 36 0.11 13.82 -6.89
C THR A 36 0.41 12.62 -5.98
N ILE A 37 -0.38 12.47 -4.90
CA ILE A 37 -0.33 11.28 -4.02
C ILE A 37 -1.60 10.44 -4.17
N LYS A 38 -1.44 9.12 -4.28
CA LYS A 38 -2.53 8.13 -4.30
C LYS A 38 -2.32 7.08 -3.21
N VAL A 39 -3.44 6.54 -2.71
CA VAL A 39 -3.54 5.62 -1.57
C VAL A 39 -4.50 4.47 -1.91
N ILE A 40 -3.95 3.26 -2.02
CA ILE A 40 -4.66 2.02 -2.44
C ILE A 40 -4.54 0.98 -1.33
N ILE A 41 -5.60 0.22 -1.03
CA ILE A 41 -5.60 -0.78 0.06
C ILE A 41 -5.88 -2.17 -0.49
N VAL A 42 -5.10 -3.16 -0.06
CA VAL A 42 -5.25 -4.57 -0.45
C VAL A 42 -5.39 -5.43 0.79
N ILE A 43 -6.46 -6.23 0.86
CA ILE A 43 -6.74 -7.15 1.98
C ILE A 43 -6.29 -8.56 1.61
N ILE A 44 -5.46 -9.18 2.46
CA ILE A 44 -4.98 -10.56 2.35
C ILE A 44 -5.58 -11.36 3.52
N ALA A 45 -6.51 -12.27 3.25
CA ALA A 45 -7.10 -13.18 4.25
C ALA A 45 -6.90 -14.66 3.90
N ASP A 46 -7.12 -15.54 4.89
CA ASP A 46 -6.98 -16.99 4.78
C ASP A 46 -8.02 -17.64 3.83
N ASP A 47 -9.13 -16.96 3.58
CA ASP A 47 -10.16 -17.31 2.60
C ASP A 47 -10.66 -16.05 1.86
N PRO A 48 -10.79 -16.06 0.51
CA PRO A 48 -11.21 -14.88 -0.25
C PRO A 48 -12.61 -14.37 0.12
N ASN A 49 -13.52 -15.21 0.62
CA ASN A 49 -14.86 -14.78 1.04
C ASN A 49 -14.80 -13.94 2.33
N ASP A 50 -13.90 -14.26 3.26
CA ASP A 50 -13.64 -13.42 4.43
C ASP A 50 -12.80 -12.18 4.07
N ALA A 51 -11.94 -12.22 3.05
CA ALA A 51 -11.30 -11.00 2.54
C ALA A 51 -12.34 -10.03 1.97
N LYS A 52 -13.28 -10.52 1.15
CA LYS A 52 -14.38 -9.72 0.57
C LYS A 52 -15.22 -9.02 1.64
N ARG A 53 -15.53 -9.69 2.76
CA ARG A 53 -16.21 -9.12 3.94
C ARG A 53 -15.51 -7.87 4.49
N ILE A 54 -14.17 -7.91 4.58
CA ILE A 54 -13.35 -6.77 5.02
C ILE A 54 -13.33 -5.67 3.96
N VAL A 55 -13.04 -6.04 2.71
CA VAL A 55 -12.91 -5.10 1.57
C VAL A 55 -14.17 -4.25 1.43
N LYS A 56 -15.35 -4.86 1.48
CA LYS A 56 -16.65 -4.16 1.39
C LYS A 56 -16.81 -3.08 2.48
N LYS A 57 -16.30 -3.33 3.70
CA LYS A 57 -16.34 -2.39 4.83
C LYS A 57 -15.46 -1.16 4.56
N ILE A 58 -14.25 -1.37 4.04
CA ILE A 58 -13.33 -0.29 3.63
C ILE A 58 -13.87 0.48 2.41
N GLN A 59 -14.55 -0.22 1.48
CA GLN A 59 -15.15 0.39 0.29
C GLN A 59 -16.26 1.39 0.66
N GLU A 60 -17.10 1.06 1.65
CA GLU A 60 -18.17 1.94 2.14
C GLU A 60 -17.64 3.07 3.06
N ARG A 61 -16.54 2.83 3.78
CA ARG A 61 -15.91 3.83 4.66
C ARG A 61 -15.07 4.87 3.90
N PHE A 62 -14.38 4.44 2.83
CA PHE A 62 -13.48 5.27 2.02
C PHE A 62 -13.78 5.13 0.51
N PRO A 63 -14.98 5.55 0.03
CA PRO A 63 -15.43 5.34 -1.35
C PRO A 63 -14.61 6.10 -2.41
N LYS A 64 -13.87 7.15 -2.00
CA LYS A 64 -12.97 7.94 -2.86
C LYS A 64 -11.62 7.25 -3.14
N LEU A 65 -11.25 6.23 -2.36
CA LEU A 65 -10.04 5.43 -2.56
C LEU A 65 -10.35 4.13 -3.32
N THR A 66 -9.45 3.71 -4.21
CA THR A 66 -9.50 2.38 -4.85
C THR A 66 -8.92 1.32 -3.92
N ILE A 67 -9.57 0.14 -3.83
CA ILE A 67 -9.10 -1.00 -3.03
C ILE A 67 -9.22 -2.33 -3.80
N LYS A 68 -8.45 -3.34 -3.40
CA LYS A 68 -8.40 -4.68 -4.02
C LYS A 68 -8.37 -5.83 -2.99
N GLN A 69 -8.59 -7.05 -3.46
CA GLN A 69 -8.66 -8.28 -2.64
C GLN A 69 -7.61 -9.31 -3.09
N SER A 70 -7.00 -9.98 -2.11
CA SER A 70 -6.01 -11.06 -2.28
C SER A 70 -6.24 -12.20 -1.27
N ARG A 71 -5.67 -13.38 -1.54
CA ARG A 71 -5.83 -14.61 -0.72
C ARG A 71 -4.53 -15.32 -0.33
N ASN A 72 -3.38 -14.74 -0.69
CA ASN A 72 -2.04 -15.26 -0.41
C ASN A 72 -1.08 -14.11 -0.01
N GLU A 73 -0.12 -14.41 0.87
CA GLU A 73 0.86 -13.45 1.38
C GLU A 73 2.02 -13.17 0.40
N GLU A 74 2.65 -12.00 0.56
CA GLU A 74 3.80 -11.47 -0.20
C GLU A 74 3.57 -11.20 -1.70
N GLU A 75 2.99 -12.14 -2.45
CA GLU A 75 2.90 -12.08 -3.91
C GLU A 75 2.05 -10.91 -4.44
N ALA A 76 1.07 -10.45 -3.65
CA ALA A 76 0.28 -9.25 -3.93
C ALA A 76 1.13 -7.97 -4.02
N GLU A 77 2.29 -7.88 -3.35
CA GLU A 77 3.16 -6.70 -3.47
C GLU A 77 3.61 -6.51 -4.93
N LYS A 78 4.19 -7.55 -5.55
CA LYS A 78 4.71 -7.43 -6.92
C LYS A 78 3.62 -7.51 -7.99
N ARG A 79 2.55 -8.30 -7.76
CA ARG A 79 1.35 -8.32 -8.63
C ARG A 79 0.67 -6.96 -8.69
N ILE A 80 0.39 -6.35 -7.55
CA ILE A 80 -0.31 -5.06 -7.50
C ILE A 80 0.63 -3.92 -7.91
N GLN A 81 1.93 -4.00 -7.61
CA GLN A 81 2.93 -3.06 -8.15
C GLN A 81 2.86 -3.02 -9.68
N LYS A 82 2.80 -4.20 -10.33
CA LYS A 82 2.75 -4.28 -11.79
C LYS A 82 1.45 -3.69 -12.33
N GLU A 83 0.31 -3.95 -11.67
CA GLU A 83 -0.98 -3.34 -11.97
C GLU A 83 -0.96 -1.80 -11.85
N LEU A 84 -0.32 -1.29 -10.79
CA LEU A 84 -0.19 0.14 -10.52
C LEU A 84 0.77 0.85 -11.48
N GLU A 85 1.89 0.23 -11.84
CA GLU A 85 2.86 0.76 -12.81
C GLU A 85 2.28 0.79 -14.24
N GLU A 86 1.42 -0.17 -14.59
CA GLU A 86 0.73 -0.20 -15.88
C GLU A 86 -0.26 0.97 -16.03
N ARG A 87 -0.86 1.47 -14.93
CA ARG A 87 -1.86 2.55 -14.95
C ARG A 87 -1.38 3.93 -14.46
N ASN A 88 -0.19 4.03 -13.84
CA ASN A 88 0.46 5.30 -13.48
C ASN A 88 1.80 5.47 -14.23
N PRO A 89 1.83 6.22 -15.35
CA PRO A 89 3.08 6.61 -16.00
C PRO A 89 3.84 7.65 -15.14
N ASN A 90 5.18 7.59 -15.19
CA ASN A 90 6.09 8.50 -14.45
C ASN A 90 5.76 8.61 -12.94
N ALA A 91 5.61 7.46 -12.28
CA ALA A 91 5.25 7.36 -10.86
C ALA A 91 6.16 6.39 -10.07
N GLU A 92 6.26 6.63 -8.76
CA GLU A 92 6.97 5.84 -7.77
C GLU A 92 5.95 5.15 -6.84
N ILE A 93 5.93 3.82 -6.80
CA ILE A 93 5.02 3.00 -5.97
C ILE A 93 5.81 2.42 -4.79
N GLN A 94 5.33 2.66 -3.56
CA GLN A 94 5.91 2.13 -2.33
C GLN A 94 4.83 1.43 -1.51
N VAL A 95 5.19 0.32 -0.85
CA VAL A 95 4.26 -0.51 -0.05
C VAL A 95 4.59 -0.41 1.43
N VAL A 96 3.56 -0.12 2.23
CA VAL A 96 3.64 -0.08 3.70
C VAL A 96 2.71 -1.11 4.34
N ARG A 97 3.27 -1.80 5.34
CA ARG A 97 2.66 -2.88 6.14
C ARG A 97 2.78 -2.66 7.66
N SER A 98 3.56 -1.65 8.08
CA SER A 98 3.78 -1.20 9.47
C SER A 98 4.08 0.30 9.48
N GLU A 99 3.77 1.00 10.58
CA GLU A 99 3.86 2.47 10.66
C GLU A 99 5.28 3.01 10.50
N ASP A 100 6.31 2.23 10.84
CA ASP A 100 7.72 2.58 10.66
C ASP A 100 8.12 2.66 9.18
N GLU A 101 7.58 1.80 8.31
CA GLU A 101 7.84 1.87 6.87
C GLU A 101 7.20 3.12 6.23
N LEU A 102 6.09 3.62 6.77
CA LEU A 102 5.48 4.88 6.33
C LEU A 102 6.40 6.09 6.59
N LYS A 103 7.13 6.07 7.71
CA LYS A 103 8.18 7.05 8.02
C LYS A 103 9.41 6.87 7.11
N GLU A 104 9.85 5.63 6.89
CA GLU A 104 11.01 5.33 6.03
C GLU A 104 10.77 5.66 4.56
N ILE A 105 9.52 5.55 4.06
CA ILE A 105 9.15 5.96 2.68
C ILE A 105 9.48 7.44 2.44
N LEU A 106 9.33 8.29 3.46
CA LEU A 106 9.66 9.71 3.37
C LEU A 106 11.19 9.94 3.29
N ASP A 107 12.00 9.07 3.90
CA ASP A 107 13.46 9.10 3.77
C ASP A 107 13.92 8.51 2.43
N LYS A 108 13.25 7.46 1.94
CA LYS A 108 13.46 6.87 0.60
C LYS A 108 13.16 7.89 -0.50
N LEU A 109 12.17 8.77 -0.33
CA LEU A 109 11.89 9.90 -1.22
C LEU A 109 12.99 10.98 -1.22
N ASP A 110 13.74 11.15 -0.13
CA ASP A 110 14.93 12.01 -0.11
C ASP A 110 16.14 11.33 -0.79
N GLU A 111 16.33 10.02 -0.57
CA GLU A 111 17.38 9.24 -1.25
C GLU A 111 17.11 9.08 -2.77
N LYS A 112 15.84 9.12 -3.20
CA LYS A 112 15.42 9.13 -4.61
C LYS A 112 16.04 10.31 -5.38
N LYS A 113 16.10 11.50 -4.76
CA LYS A 113 16.71 12.72 -5.33
C LYS A 113 18.24 12.62 -5.44
N GLY A 114 18.87 11.82 -4.57
CA GLY A 114 20.30 11.49 -4.60
C GLY A 114 20.68 10.31 -5.52
N SER A 115 19.69 9.67 -6.16
CA SER A 115 19.79 8.40 -6.91
C SER A 115 20.20 7.18 -6.07
N TRP A 116 19.83 5.98 -6.53
CA TRP A 116 20.04 4.69 -5.86
C TRP A 116 20.39 3.57 -6.84
N SER A 117 21.31 2.67 -6.44
CA SER A 117 21.70 1.48 -7.21
C SER A 117 22.37 0.43 -6.30
N LEU A 118 22.10 -0.86 -6.55
CA LEU A 118 22.79 -2.01 -5.95
C LEU A 118 23.03 -3.11 -6.99
N GLU A 119 21.96 -3.62 -7.60
CA GLU A 119 21.94 -4.54 -8.76
C GLU A 119 22.74 -5.86 -8.63
N HIS A 120 23.05 -6.28 -7.40
CA HIS A 120 23.90 -7.46 -7.10
C HIS A 120 23.21 -8.55 -6.27
N HIS A 121 21.93 -8.35 -5.88
CA HIS A 121 21.15 -9.29 -5.08
C HIS A 121 20.64 -10.49 -5.92
N HIS A 122 20.78 -11.71 -5.40
CA HIS A 122 20.33 -12.95 -6.07
C HIS A 122 19.86 -14.05 -5.07
N HIS A 123 19.51 -13.69 -3.84
CA HIS A 123 19.12 -14.64 -2.79
C HIS A 123 17.68 -15.17 -3.00
N HIS A 124 17.43 -16.40 -2.56
CA HIS A 124 16.13 -17.11 -2.68
C HIS A 124 15.59 -17.25 -4.12
N HIS A 125 16.47 -17.19 -5.13
CA HIS A 125 16.15 -17.32 -6.56
C HIS A 125 15.93 -18.80 -6.97
#